data_7D7E
#
_entry.id   7D7E
#
loop_
_entity.id
_entity.type
_entity.pdbx_description
1 polymer 'Polycystic kidney disease 2-like 1 protein'
2 polymer 'Polycystic kidney disease protein 1-like 3'
3 non-polymer 2-acetamido-2-deoxy-beta-D-glucopyranose
4 non-polymer 'CALCIUM ION'
#
loop_
_entity_poly.entity_id
_entity_poly.type
_entity_poly.pdbx_seq_one_letter_code
_entity_poly.pdbx_strand_id
1 'polypeptide(L)'
;MGSAGWSHPQFEKGGGSGGGSGGSAWSHPQFEKGSAAATLVSSCCLHICRSIRGLWGTTLTENTAENRELYVKTTLRELV
VYIVFLVDICLLTYGMTSSSAYYYTKVMSELFLHTPSDSGVSFQTISSMSDFWDFAQGPLLDSLYWTKWYNNQSLGRGSH
SFIYYENLLLGAPRLRQLRVRNDSCVVHEDFREDILNCYDVYSPDKEDQLPFGPQNGTAWTYHSQNELGGSSHWGRLTSY
SGGGYYLDLPGSRQASAEALQGLQEGLWLDRGTRVVFIDFSVYNANINLFCILRLVVEFPATGGTIPSWQIRTVKLIRYV
NNWDFFIVGCEVVFCVFIFYYVVEEILEIHLHRLRYLSSVWNILDLVVILLSIVAVGFHIFRTLEVNRLMGKLLQQPDTY
ADFEFLAFWQTQYNNMNAVNLFFAWIKIFKYISFNKTMTQLSSTLARCAKDILGFAIMFFIVFFAYAQLGYLLFGTQVEN
FSTFVKCIFTQFRIILGDFDYNAIDNANRILGPVYFVTYVFFVFFVLLNMFLAIINDTYSEVKEELAGQKDQLQLSDFLK
QSYNKTLLRLRLRKERVSDVQKVLKGGEPEIQFEDFTSTLRELG
;
B,C,D
2 'polypeptide(L)'
;MGSAGDYKDHDGDYKDHDIDYKDDDDKGSAAAPIYTAPAMNNLAKPTRKAWKKQLSKLTGGTLVQILFLTLLMTTVYSAK
DSSRFFLHRAIWKRFSHRFSEIKTVEDFYPWANGTLLPNLYGDYRGFITDGNSFLLGNVLIRQTRIPNDIFFPGSLHKQM
KSPPQHQEDRENYGAGWVPPDTNITKVDSIWHYQNQESLGGYPIQGELATYSGGGYVVRLGRNHSAATRVLQHLEQRRWL
DHCTKALFVEFTVFNANVNLLCAVTLILESSGVGTFLTSLQLDSLTSLQSSERGFAWIVSQVVYYLLVCYYAFIQGCRLK
RQRLAFFTRKRNLLDTSIVLISFSILGLSMQSLSLLHKKMQQYHCDRDRFISFYEALRVNSAVTHLRGFLLLFATVRVWD
LLRHHAQLQVINKTLSKAWDEVLGFILIIVVLLSSYAMTFNLLFGWSISDYQSFFRSIVTVVGLLMGTSKHKEVIALYPI
LGSLLVLSSIILMGLVIINLFVSAILIAFGKERKACEKEATLTDMLLQKLSSLLGIRLHQNPSEEHADNTG
;
A
#
loop_
_chem_comp.id
_chem_comp.type
_chem_comp.name
_chem_comp.formula
CA non-polymer 'CALCIUM ION' 'Ca 2'
NAG D-saccharide, beta linking 2-acetamido-2-deoxy-beta-D-glucopyranose 'C8 H15 N O6'
#
# COMPACT_ATOMS: atom_id res chain seq x y z
N GLU A 69 31.17 20.96 27.90
CA GLU A 69 31.49 22.33 27.54
C GLU A 69 31.12 22.63 26.10
N LEU A 70 30.69 23.86 25.84
CA LEU A 70 30.33 24.33 24.51
C LEU A 70 31.23 25.48 24.08
N TYR A 71 32.53 25.35 24.34
CA TYR A 71 33.48 26.39 24.02
C TYR A 71 33.43 26.70 22.53
N VAL A 72 33.63 27.98 22.20
CA VAL A 72 33.63 28.44 20.82
C VAL A 72 35.06 28.80 20.43
N LYS A 73 35.57 28.12 19.41
CA LYS A 73 36.82 28.52 18.77
C LYS A 73 36.52 29.74 17.91
N THR A 74 37.52 30.26 17.20
CA THR A 74 37.26 31.29 16.20
C THR A 74 36.60 32.52 16.82
N THR A 75 37.39 33.34 17.53
CA THR A 75 36.95 34.40 18.43
C THR A 75 35.67 35.12 18.04
N LEU A 76 34.85 35.41 19.05
CA LEU A 76 33.44 35.79 18.94
C LEU A 76 33.11 36.75 17.80
N ARG A 77 34.05 37.60 17.40
CA ARG A 77 33.76 38.50 16.29
C ARG A 77 33.40 37.73 15.03
N GLU A 78 34.20 36.73 14.69
CA GLU A 78 33.90 35.92 13.50
C GLU A 78 32.57 35.21 13.65
N LEU A 79 32.27 34.71 14.85
CA LEU A 79 31.01 34.01 15.05
C LEU A 79 29.82 34.93 14.84
N VAL A 80 29.87 36.15 15.36
CA VAL A 80 28.71 37.02 15.21
C VAL A 80 28.58 37.54 13.78
N VAL A 81 29.71 37.80 13.09
CA VAL A 81 29.56 38.21 11.71
C VAL A 81 29.03 37.06 10.85
N TYR A 82 29.40 35.82 11.18
CA TYR A 82 28.82 34.72 10.43
C TYR A 82 27.35 34.52 10.77
N ILE A 83 26.95 34.77 12.02
CA ILE A 83 25.53 34.67 12.36
C ILE A 83 24.74 35.70 11.57
N VAL A 84 25.28 36.91 11.44
CA VAL A 84 24.58 37.92 10.66
C VAL A 84 24.51 37.53 9.19
N PHE A 85 25.60 37.00 8.63
CA PHE A 85 25.56 36.57 7.23
C PHE A 85 24.54 35.46 7.02
N LEU A 86 24.48 34.53 7.98
CA LEU A 86 23.52 33.42 7.86
C LEU A 86 22.09 33.91 7.93
N VAL A 87 21.79 34.83 8.85
CA VAL A 87 20.42 35.31 8.93
C VAL A 87 20.07 36.12 7.69
N ASP A 88 21.05 36.80 7.09
CA ASP A 88 20.76 37.55 5.88
C ASP A 88 20.46 36.62 4.70
N ILE A 89 21.29 35.59 4.52
CA ILE A 89 21.05 34.68 3.41
C ILE A 89 19.74 33.94 3.59
N CYS A 90 19.40 33.59 4.84
CA CYS A 90 18.12 32.96 5.09
C CYS A 90 16.96 33.90 4.78
N LEU A 91 17.09 35.17 5.20
CA LEU A 91 16.03 36.14 4.93
C LEU A 91 15.80 36.32 3.45
N LEU A 92 16.86 36.36 2.66
CA LEU A 92 16.67 36.60 1.23
C LEU A 92 16.43 35.34 0.42
N THR A 93 16.54 34.15 1.01
CA THR A 93 16.08 32.97 0.29
C THR A 93 14.66 32.56 0.67
N TYR A 94 14.19 32.89 1.86
CA TYR A 94 12.78 32.61 2.17
C TYR A 94 11.86 33.75 1.82
N GLY A 95 12.36 34.98 1.74
CA GLY A 95 11.53 36.10 1.39
C GLY A 95 11.14 36.16 -0.07
N MET A 96 11.65 35.25 -0.89
CA MET A 96 11.34 35.25 -2.31
C MET A 96 10.84 33.88 -2.76
N THR A 97 10.10 33.18 -1.90
CA THR A 97 9.39 31.96 -2.26
C THR A 97 7.98 32.07 -1.69
N SER A 98 7.00 32.22 -2.56
CA SER A 98 5.64 32.42 -2.12
C SER A 98 5.04 31.11 -1.61
N SER A 99 4.14 31.22 -0.64
CA SER A 99 3.48 30.08 -0.05
C SER A 99 2.28 29.60 -0.84
N SER A 100 1.92 30.28 -1.92
CA SER A 100 0.79 29.92 -2.75
C SER A 100 1.22 29.26 -4.06
N ALA A 101 2.38 28.61 -4.07
CA ALA A 101 2.86 27.96 -5.27
C ALA A 101 2.34 26.54 -5.38
N TYR A 102 2.30 25.80 -4.26
CA TYR A 102 1.88 24.41 -4.33
C TYR A 102 0.47 24.29 -4.87
N TYR A 103 -0.44 25.11 -4.37
CA TYR A 103 -1.83 25.00 -4.83
C TYR A 103 -1.98 25.48 -6.25
N TYR A 104 -1.15 26.41 -6.68
CA TYR A 104 -1.13 26.80 -8.08
C TYR A 104 -0.82 25.60 -8.98
N THR A 105 0.30 24.93 -8.72
CA THR A 105 0.65 23.78 -9.54
C THR A 105 -0.39 22.68 -9.40
N LYS A 106 -0.95 22.51 -8.20
CA LYS A 106 -1.92 21.45 -7.98
C LYS A 106 -3.17 21.66 -8.84
N VAL A 107 -3.74 22.87 -8.82
CA VAL A 107 -4.96 23.10 -9.57
C VAL A 107 -4.68 23.06 -11.06
N MET A 108 -3.55 23.61 -11.51
CA MET A 108 -3.28 23.60 -12.95
C MET A 108 -3.04 22.18 -13.45
N SER A 109 -2.31 21.37 -12.67
CA SER A 109 -2.05 20.00 -13.07
C SER A 109 -3.33 19.18 -13.10
N GLU A 110 -4.10 19.22 -12.02
CA GLU A 110 -5.33 18.45 -12.02
C GLU A 110 -6.40 19.03 -12.95
N LEU A 111 -6.17 20.21 -13.52
CA LEU A 111 -7.04 20.67 -14.59
C LEU A 111 -6.60 20.10 -15.93
N PHE A 112 -5.32 20.13 -16.24
CA PHE A 112 -4.89 19.82 -17.60
C PHE A 112 -4.64 18.34 -17.83
N LEU A 113 -4.13 17.60 -16.86
CA LEU A 113 -3.81 16.20 -17.05
C LEU A 113 -4.63 15.29 -16.13
N HIS A 114 -5.85 15.68 -15.84
CA HIS A 114 -6.78 14.84 -15.09
C HIS A 114 -8.21 14.92 -15.60
N THR A 115 -8.47 15.65 -16.68
CA THR A 115 -9.82 15.91 -17.13
C THR A 115 -10.18 14.93 -18.24
N PRO A 116 -11.11 14.01 -18.03
CA PRO A 116 -11.41 13.01 -19.06
C PRO A 116 -12.13 13.63 -20.25
N SER A 117 -11.91 13.03 -21.41
CA SER A 117 -12.59 13.41 -22.63
C SER A 117 -14.00 12.81 -22.62
N ASP A 118 -14.67 12.85 -23.77
CA ASP A 118 -15.97 12.20 -23.87
C ASP A 118 -15.86 10.68 -23.93
N SER A 119 -14.66 10.16 -24.19
CA SER A 119 -14.42 8.72 -24.24
C SER A 119 -13.64 8.22 -23.04
N GLY A 120 -13.31 9.09 -22.09
CA GLY A 120 -12.58 8.68 -20.92
C GLY A 120 -11.08 8.65 -21.12
N VAL A 121 -10.55 9.65 -21.80
CA VAL A 121 -9.12 9.75 -22.08
C VAL A 121 -8.61 11.02 -21.44
N SER A 122 -7.99 10.89 -20.26
CA SER A 122 -7.27 11.99 -19.65
C SER A 122 -5.93 12.12 -20.34
N PHE A 123 -5.02 12.91 -19.79
CA PHE A 123 -3.70 12.97 -20.38
C PHE A 123 -2.85 11.77 -19.98
N GLN A 124 -2.91 11.38 -18.71
CA GLN A 124 -2.11 10.24 -18.26
C GLN A 124 -2.56 8.92 -18.87
N THR A 125 -3.75 8.86 -19.45
CA THR A 125 -4.29 7.62 -19.99
C THR A 125 -3.95 7.42 -21.46
N ILE A 126 -3.41 8.44 -22.13
CA ILE A 126 -2.98 8.36 -23.52
C ILE A 126 -2.16 7.09 -23.74
N SER A 127 -2.57 6.27 -24.71
CA SER A 127 -1.86 5.02 -24.94
C SER A 127 -1.75 4.67 -26.42
N SER A 128 -1.96 5.62 -27.33
CA SER A 128 -1.80 5.38 -28.76
C SER A 128 -1.84 6.73 -29.47
N MET A 129 -1.68 6.69 -30.79
CA MET A 129 -1.80 7.91 -31.57
C MET A 129 -3.24 8.35 -31.74
N SER A 130 -4.19 7.43 -31.63
CA SER A 130 -5.59 7.76 -31.75
C SER A 130 -6.18 8.30 -30.46
N ASP A 131 -5.45 8.21 -29.35
CA ASP A 131 -5.88 8.84 -28.11
C ASP A 131 -5.32 10.25 -27.97
N PHE A 132 -4.17 10.52 -28.56
CA PHE A 132 -3.66 11.89 -28.59
C PHE A 132 -4.67 12.81 -29.26
N TRP A 133 -5.13 12.44 -30.45
CA TRP A 133 -6.11 13.26 -31.14
C TRP A 133 -7.47 13.26 -30.47
N ASP A 134 -7.68 12.36 -29.50
CA ASP A 134 -8.90 12.38 -28.71
C ASP A 134 -8.76 13.39 -27.58
N PHE A 135 -7.57 13.48 -26.98
CA PHE A 135 -7.33 14.46 -25.94
C PHE A 135 -7.03 15.84 -26.53
N ALA A 136 -6.22 15.91 -27.59
CA ALA A 136 -5.81 17.19 -28.12
C ALA A 136 -6.96 17.98 -28.73
N GLN A 137 -8.16 17.43 -28.78
CA GLN A 137 -9.32 18.14 -29.31
C GLN A 137 -10.44 18.29 -28.30
N GLY A 138 -10.71 17.27 -27.50
CA GLY A 138 -11.76 17.36 -26.51
C GLY A 138 -11.39 18.22 -25.31
N PRO A 139 -10.53 17.69 -24.43
CA PRO A 139 -10.23 18.37 -23.16
C PRO A 139 -9.00 19.26 -23.17
N LEU A 140 -8.34 19.47 -24.31
CA LEU A 140 -7.27 20.43 -24.35
C LEU A 140 -7.77 21.82 -24.70
N LEU A 141 -8.81 21.91 -25.53
CA LEU A 141 -9.37 23.21 -25.86
C LEU A 141 -10.45 23.63 -24.89
N ASP A 142 -11.17 22.68 -24.30
CA ASP A 142 -12.14 23.03 -23.26
C ASP A 142 -11.48 23.60 -22.03
N SER A 143 -10.19 23.34 -21.82
CA SER A 143 -9.47 23.84 -20.68
C SER A 143 -8.68 25.11 -20.97
N LEU A 144 -8.19 25.27 -22.20
CA LEU A 144 -7.36 26.43 -22.51
C LEU A 144 -8.19 27.70 -22.59
N TYR A 145 -9.34 27.64 -23.26
CA TYR A 145 -10.11 28.83 -23.61
C TYR A 145 -11.34 28.94 -22.72
N TRP A 146 -11.32 29.88 -21.79
CA TRP A 146 -12.43 30.18 -20.91
C TRP A 146 -13.03 31.52 -21.30
N THR A 147 -14.33 31.54 -21.54
CA THR A 147 -14.99 32.77 -21.95
C THR A 147 -16.38 33.00 -21.36
N LYS A 148 -16.86 32.13 -20.47
CA LYS A 148 -18.18 32.29 -19.88
C LYS A 148 -18.16 31.82 -18.44
N TRP A 149 -19.00 32.43 -17.62
CA TRP A 149 -19.16 31.99 -16.24
C TRP A 149 -19.82 30.62 -16.20
N TYR A 150 -19.98 30.08 -14.99
CA TYR A 150 -20.63 28.78 -14.86
C TYR A 150 -22.12 28.84 -15.11
N ASN A 151 -22.73 30.03 -15.05
CA ASN A 151 -24.14 30.20 -15.34
C ASN A 151 -24.37 30.79 -16.72
N ASN A 152 -23.47 30.51 -17.66
CA ASN A 152 -23.63 30.90 -19.05
C ASN A 152 -23.83 32.40 -19.20
N GLN A 153 -22.92 33.16 -18.58
CA GLN A 153 -22.93 34.61 -18.66
C GLN A 153 -21.51 35.07 -18.97
N SER A 154 -21.35 35.85 -20.03
CA SER A 154 -20.03 36.14 -20.55
C SER A 154 -19.18 36.89 -19.55
N LEU A 155 -17.91 36.50 -19.47
CA LEU A 155 -16.93 37.22 -18.66
C LEU A 155 -16.81 38.65 -19.15
N GLY A 156 -16.25 39.50 -18.30
CA GLY A 156 -16.08 40.89 -18.66
C GLY A 156 -14.92 41.11 -19.61
N ARG A 157 -13.74 40.68 -19.19
CA ARG A 157 -12.52 40.90 -19.97
C ARG A 157 -12.59 40.12 -21.27
N GLY A 158 -12.52 40.82 -22.40
CA GLY A 158 -12.76 40.22 -23.69
C GLY A 158 -11.50 39.95 -24.48
N SER A 159 -11.61 38.98 -25.40
CA SER A 159 -10.51 38.61 -26.31
C SER A 159 -9.28 38.14 -25.55
N HIS A 160 -9.50 37.47 -24.43
CA HIS A 160 -8.41 36.90 -23.64
C HIS A 160 -8.94 35.68 -22.91
N SER A 161 -8.06 34.73 -22.66
CA SER A 161 -8.45 33.45 -22.06
C SER A 161 -7.99 33.45 -20.61
N PHE A 162 -8.93 33.70 -19.70
CA PHE A 162 -8.63 33.75 -18.27
C PHE A 162 -8.95 32.39 -17.68
N ILE A 163 -7.96 31.51 -17.66
CA ILE A 163 -8.14 30.17 -17.12
C ILE A 163 -8.52 30.25 -15.66
N TYR A 164 -9.57 29.53 -15.29
CA TYR A 164 -10.11 29.54 -13.92
C TYR A 164 -10.56 30.94 -13.50
N TYR A 165 -10.83 31.80 -14.47
CA TYR A 165 -11.29 33.18 -14.31
C TYR A 165 -10.23 34.11 -13.74
N GLU A 166 -9.06 33.60 -13.37
CA GLU A 166 -8.01 34.43 -12.79
C GLU A 166 -6.74 34.45 -13.62
N ASN A 167 -6.26 33.29 -14.07
CA ASN A 167 -4.96 33.20 -14.71
C ASN A 167 -5.05 33.57 -16.19
N LEU A 168 -4.23 34.54 -16.61
CA LEU A 168 -4.15 34.93 -18.01
C LEU A 168 -3.57 33.78 -18.82
N LEU A 169 -3.55 33.94 -20.14
CA LEU A 169 -2.91 32.98 -21.04
C LEU A 169 -1.98 33.78 -21.94
N LEU A 170 -0.68 33.69 -21.68
CA LEU A 170 0.29 34.53 -22.37
C LEU A 170 0.62 33.97 -23.74
N GLY A 171 0.34 34.73 -24.79
CA GLY A 171 0.77 34.35 -26.11
C GLY A 171 -0.15 33.30 -26.71
N ALA A 172 0.46 32.25 -27.25
CA ALA A 172 -0.28 31.20 -27.93
C ALA A 172 0.44 29.88 -27.69
N PRO A 173 -0.29 28.79 -27.42
CA PRO A 173 0.36 27.50 -27.21
C PRO A 173 1.14 27.08 -28.45
N ARG A 174 2.06 26.15 -28.26
CA ARG A 174 2.84 25.66 -29.39
C ARG A 174 2.90 24.14 -29.34
N LEU A 175 2.63 23.50 -30.47
CA LEU A 175 2.83 22.07 -30.66
C LEU A 175 4.10 21.86 -31.48
N ARG A 176 4.98 20.99 -31.00
CA ARG A 176 6.22 20.69 -31.69
C ARG A 176 6.40 19.19 -31.79
N GLN A 177 7.01 18.75 -32.88
CA GLN A 177 7.19 17.33 -33.12
C GLN A 177 8.58 17.09 -33.68
N LEU A 178 9.19 15.97 -33.28
CA LEU A 178 10.50 15.59 -33.78
C LEU A 178 10.41 14.21 -34.43
N ARG A 179 10.79 14.13 -35.69
CA ARG A 179 10.73 12.86 -36.41
C ARG A 179 12.11 12.27 -36.60
N VAL A 180 12.13 10.99 -36.96
CA VAL A 180 13.35 10.25 -37.22
C VAL A 180 13.32 9.80 -38.67
N ARG A 181 14.51 9.56 -39.22
CA ARG A 181 14.64 9.36 -40.65
C ARG A 181 14.01 8.03 -41.07
N ASN A 182 13.92 7.83 -42.38
CA ASN A 182 13.25 6.66 -42.95
C ASN A 182 14.19 5.47 -43.09
N ASP A 183 15.44 5.70 -43.46
CA ASP A 183 16.41 4.64 -43.69
C ASP A 183 17.54 4.74 -42.66
N SER A 184 17.28 4.21 -41.48
CA SER A 184 18.24 4.22 -40.39
C SER A 184 18.30 2.84 -39.76
N CYS A 185 18.40 1.81 -40.59
CA CYS A 185 18.11 0.47 -40.15
C CYS A 185 18.57 -0.56 -41.18
N VAL A 186 18.37 -1.81 -40.81
CA VAL A 186 18.49 -2.97 -41.69
C VAL A 186 17.59 -4.06 -41.11
N VAL A 187 16.73 -4.64 -41.96
CA VAL A 187 15.84 -5.71 -41.54
C VAL A 187 16.56 -7.05 -41.77
N HIS A 188 17.57 -6.98 -42.63
CA HIS A 188 18.78 -7.79 -42.70
C HIS A 188 18.83 -9.16 -43.39
N GLU A 189 17.75 -9.94 -43.49
CA GLU A 189 17.55 -10.80 -44.66
C GLU A 189 16.13 -11.31 -44.84
N ASP A 190 15.44 -11.52 -43.74
CA ASP A 190 14.27 -12.40 -43.81
C ASP A 190 13.03 -11.68 -43.89
N PHE A 191 13.04 -10.48 -43.34
CA PHE A 191 11.86 -9.63 -43.42
C PHE A 191 12.06 -8.53 -44.45
N ARG A 192 13.14 -8.58 -45.22
CA ARG A 192 13.42 -7.57 -46.23
C ARG A 192 12.43 -7.59 -47.38
N GLU A 193 11.51 -8.54 -47.41
CA GLU A 193 10.43 -8.55 -48.38
C GLU A 193 9.06 -8.33 -47.74
N ASP A 194 8.98 -8.27 -46.42
CA ASP A 194 7.76 -7.94 -45.71
C ASP A 194 7.80 -6.62 -44.99
N ILE A 195 8.97 -6.23 -44.49
CA ILE A 195 9.17 -4.99 -43.76
C ILE A 195 10.12 -4.14 -44.59
N LEU A 196 9.58 -3.15 -45.29
CA LEU A 196 10.38 -2.37 -46.23
C LEU A 196 11.23 -1.32 -45.53
N ASN A 197 10.62 -0.52 -44.66
CA ASN A 197 11.31 0.57 -43.98
C ASN A 197 11.58 0.19 -42.54
N CYS A 198 12.50 0.94 -41.93
CA CYS A 198 12.79 0.76 -40.52
C CYS A 198 13.20 2.11 -39.94
N TYR A 199 12.52 2.54 -38.88
CA TYR A 199 12.80 3.81 -38.21
C TYR A 199 13.45 3.50 -36.87
N ASP A 200 14.66 4.01 -36.67
CA ASP A 200 15.44 3.70 -35.47
C ASP A 200 14.84 4.40 -34.26
N VAL A 201 15.54 4.33 -33.14
CA VAL A 201 15.18 5.11 -31.95
C VAL A 201 15.75 6.51 -32.13
N TYR A 202 15.30 7.46 -31.33
CA TYR A 202 15.70 8.84 -31.55
C TYR A 202 17.15 9.08 -31.17
N SER A 203 17.85 9.82 -32.01
CA SER A 203 19.21 10.28 -31.77
C SER A 203 19.53 11.34 -32.80
N PRO A 204 20.21 12.43 -32.42
CA PRO A 204 20.31 13.59 -33.32
C PRO A 204 21.02 13.31 -34.64
N ASP A 205 21.78 12.22 -34.74
CA ASP A 205 22.37 11.88 -36.03
C ASP A 205 21.33 11.35 -36.99
N LYS A 206 20.34 10.63 -36.47
CA LYS A 206 19.25 10.07 -37.27
C LYS A 206 18.02 10.93 -37.03
N GLU A 207 17.83 11.95 -37.86
CA GLU A 207 16.73 12.87 -37.67
C GLU A 207 16.30 13.42 -39.01
N ASP A 208 14.99 13.39 -39.25
CA ASP A 208 14.43 13.81 -40.53
C ASP A 208 14.41 15.32 -40.59
N GLN A 209 14.90 15.87 -41.71
CA GLN A 209 14.94 17.32 -41.89
C GLN A 209 14.31 17.74 -43.21
N LEU A 210 13.43 16.93 -43.76
CA LEU A 210 12.77 17.17 -45.02
C LEU A 210 11.28 17.42 -44.82
N PRO A 211 10.65 18.16 -45.72
CA PRO A 211 9.21 18.38 -45.58
C PRO A 211 8.41 17.14 -45.93
N PHE A 212 7.32 16.92 -45.19
CA PHE A 212 6.39 15.84 -45.45
C PHE A 212 4.99 16.44 -45.59
N GLY A 213 4.00 15.57 -45.78
CA GLY A 213 2.63 16.01 -45.96
C GLY A 213 2.51 16.95 -47.14
N PRO A 214 1.65 17.96 -47.04
CA PRO A 214 1.57 18.98 -48.10
C PRO A 214 2.83 19.84 -48.24
N GLN A 215 3.79 19.72 -47.33
CA GLN A 215 5.10 20.35 -47.45
C GLN A 215 5.04 21.86 -47.54
N ASN A 216 3.98 22.48 -47.03
CA ASN A 216 3.78 23.92 -47.22
C ASN A 216 3.95 24.73 -45.95
N GLY A 217 3.19 24.42 -44.90
CA GLY A 217 3.13 25.29 -43.74
C GLY A 217 4.36 25.29 -42.88
N THR A 218 4.20 25.66 -41.61
CA THR A 218 5.27 25.49 -40.63
C THR A 218 5.20 24.15 -39.93
N ALA A 219 4.05 23.50 -39.95
CA ALA A 219 3.91 22.18 -39.35
C ALA A 219 4.49 21.08 -40.22
N TRP A 220 4.91 21.39 -41.45
CA TRP A 220 5.42 20.38 -42.37
C TRP A 220 6.81 20.72 -42.90
N THR A 221 7.57 21.55 -42.22
CA THR A 221 8.91 21.89 -42.66
C THR A 221 9.80 22.05 -41.43
N TYR A 222 11.06 21.64 -41.55
CA TYR A 222 11.96 21.59 -40.41
C TYR A 222 12.63 22.93 -40.17
N HIS A 223 12.62 23.38 -38.92
CA HIS A 223 13.29 24.62 -38.51
C HIS A 223 14.33 24.25 -37.45
N SER A 224 15.60 24.49 -37.76
CA SER A 224 16.68 24.07 -36.89
C SER A 224 16.56 24.74 -35.53
N GLN A 225 17.37 24.27 -34.58
CA GLN A 225 17.26 24.73 -33.21
C GLN A 225 17.56 26.23 -33.10
N ASN A 226 18.49 26.72 -33.92
CA ASN A 226 18.88 28.12 -33.83
C ASN A 226 17.85 29.06 -34.42
N GLU A 227 16.99 28.58 -35.33
CA GLU A 227 15.91 29.40 -35.82
C GLU A 227 14.76 29.49 -34.84
N LEU A 228 14.59 28.49 -33.99
CA LEU A 228 13.54 28.49 -32.99
C LEU A 228 14.02 28.98 -31.62
N GLY A 229 15.34 29.02 -31.41
CA GLY A 229 15.85 29.40 -30.10
C GLY A 229 15.53 28.41 -29.01
N GLY A 230 15.30 27.15 -29.37
CA GLY A 230 14.92 26.15 -28.41
C GLY A 230 16.06 25.70 -27.52
N SER A 231 15.94 24.51 -26.94
CA SER A 231 16.93 23.97 -26.02
C SER A 231 16.56 22.52 -25.74
N SER A 232 17.51 21.80 -25.16
CA SER A 232 17.33 20.37 -24.93
C SER A 232 16.17 20.10 -23.97
N HIS A 233 15.89 18.83 -23.76
CA HIS A 233 14.84 18.42 -22.84
C HIS A 233 15.11 16.98 -22.43
N TRP A 234 15.26 16.76 -21.13
CA TRP A 234 15.60 15.43 -20.59
C TRP A 234 14.31 14.67 -20.35
N GLY A 235 13.84 13.97 -21.38
CA GLY A 235 12.61 13.20 -21.27
C GLY A 235 12.78 11.93 -20.45
N ARG A 236 11.91 10.96 -20.67
CA ARG A 236 11.98 9.70 -19.94
C ARG A 236 12.72 8.61 -20.71
N LEU A 237 13.10 8.85 -21.95
CA LEU A 237 13.86 7.90 -22.74
C LEU A 237 15.21 8.45 -23.16
N THR A 238 15.25 9.66 -23.68
CA THR A 238 16.46 10.25 -24.22
C THR A 238 16.45 11.72 -23.82
N SER A 239 17.33 12.52 -24.41
CA SER A 239 17.28 13.97 -24.29
C SER A 239 17.10 14.54 -25.68
N TYR A 240 16.00 15.26 -25.89
CA TYR A 240 15.59 15.66 -27.22
C TYR A 240 16.15 17.01 -27.59
N SER A 241 16.13 17.30 -28.89
CA SER A 241 16.72 18.52 -29.42
C SER A 241 15.74 19.67 -29.28
N GLY A 242 16.01 20.77 -29.97
CA GLY A 242 15.19 21.95 -29.84
C GLY A 242 14.47 22.37 -31.10
N GLY A 243 14.82 21.81 -32.24
CA GLY A 243 14.18 22.12 -33.50
C GLY A 243 12.90 21.33 -33.66
N GLY A 244 12.46 21.18 -34.90
CA GLY A 244 11.36 20.31 -35.19
C GLY A 244 10.30 21.00 -35.99
N TYR A 245 9.17 20.31 -36.14
CA TYR A 245 8.04 20.77 -36.93
C TYR A 245 7.00 21.32 -35.96
N TYR A 246 6.66 22.60 -36.07
CA TYR A 246 5.84 23.23 -35.05
C TYR A 246 4.59 23.87 -35.64
N LEU A 247 3.68 24.24 -34.73
CA LEU A 247 2.45 24.93 -35.07
C LEU A 247 1.99 25.74 -33.88
N ASP A 248 1.66 27.02 -34.11
CA ASP A 248 1.17 27.90 -33.05
C ASP A 248 -0.34 27.99 -33.16
N LEU A 249 -1.04 27.53 -32.13
CA LEU A 249 -2.49 27.57 -32.14
C LEU A 249 -2.97 29.02 -32.08
N PRO A 250 -3.96 29.39 -32.89
CA PRO A 250 -4.40 30.79 -32.92
C PRO A 250 -5.20 31.20 -31.70
N GLY A 251 -5.82 32.38 -31.77
CA GLY A 251 -6.49 32.96 -30.62
C GLY A 251 -7.74 32.26 -30.13
N SER A 252 -8.81 32.27 -30.91
CA SER A 252 -10.09 31.77 -30.44
C SER A 252 -10.07 30.25 -30.35
N ARG A 253 -11.14 29.70 -29.80
CA ARG A 253 -11.25 28.25 -29.70
C ARG A 253 -11.69 27.62 -31.01
N GLN A 254 -12.60 28.26 -31.73
CA GLN A 254 -13.04 27.70 -33.00
C GLN A 254 -11.94 27.79 -34.05
N ALA A 255 -11.20 28.88 -34.08
CA ALA A 255 -10.12 29.02 -35.06
C ALA A 255 -8.97 28.07 -34.79
N SER A 256 -8.82 27.59 -33.56
CA SER A 256 -7.76 26.67 -33.21
C SER A 256 -8.24 25.24 -33.08
N ALA A 257 -9.55 25.00 -33.18
CA ALA A 257 -10.07 23.64 -33.24
C ALA A 257 -10.20 23.14 -34.67
N GLU A 258 -10.13 24.03 -35.65
CA GLU A 258 -10.07 23.65 -37.04
C GLU A 258 -8.66 23.74 -37.60
N ALA A 259 -7.69 24.14 -36.78
CA ALA A 259 -6.29 24.04 -37.13
C ALA A 259 -5.72 22.68 -36.74
N LEU A 260 -6.17 22.14 -35.61
CA LEU A 260 -5.85 20.79 -35.21
C LEU A 260 -6.60 19.74 -36.02
N GLN A 261 -7.41 20.15 -36.98
CA GLN A 261 -8.08 19.22 -37.87
C GLN A 261 -7.34 19.02 -39.18
N GLY A 262 -6.74 20.07 -39.72
CA GLY A 262 -5.84 19.90 -40.84
C GLY A 262 -4.61 19.08 -40.48
N LEU A 263 -4.26 19.05 -39.20
CA LEU A 263 -3.17 18.24 -38.71
C LEU A 263 -3.57 16.79 -38.52
N GLN A 264 -4.86 16.47 -38.55
CA GLN A 264 -5.30 15.09 -38.42
C GLN A 264 -5.74 14.49 -39.75
N GLU A 265 -6.50 15.24 -40.56
CA GLU A 265 -6.85 14.73 -41.88
C GLU A 265 -5.61 14.42 -42.70
N GLY A 266 -4.62 15.28 -42.66
CA GLY A 266 -3.29 14.92 -43.09
C GLY A 266 -2.57 14.26 -41.93
N LEU A 267 -1.72 13.28 -42.24
CA LEU A 267 -1.10 12.49 -41.19
C LEU A 267 0.05 13.28 -40.60
N TRP A 268 -0.20 13.97 -39.49
CA TRP A 268 0.89 14.65 -38.81
C TRP A 268 1.68 13.68 -37.96
N LEU A 269 1.01 12.74 -37.30
CA LEU A 269 1.66 11.71 -36.50
C LEU A 269 1.72 10.46 -37.36
N ASP A 270 2.87 10.18 -37.93
CA ASP A 270 3.07 9.00 -38.75
C ASP A 270 4.09 8.10 -38.08
N ARG A 271 4.57 7.10 -38.83
CA ARG A 271 5.50 6.13 -38.26
C ARG A 271 6.78 6.79 -37.77
N GLY A 272 7.24 7.84 -38.44
CA GLY A 272 8.52 8.42 -38.11
C GLY A 272 8.55 9.33 -36.92
N THR A 273 7.40 9.64 -36.33
CA THR A 273 7.35 10.55 -35.20
C THR A 273 8.03 9.93 -34.00
N ARG A 274 8.58 10.77 -33.13
CA ARG A 274 9.22 10.28 -31.93
C ARG A 274 8.89 11.04 -30.66
N VAL A 275 8.45 12.30 -30.74
CA VAL A 275 8.05 13.03 -29.55
C VAL A 275 7.25 14.25 -29.98
N VAL A 276 6.24 14.59 -29.16
CA VAL A 276 5.39 15.76 -29.37
C VAL A 276 5.33 16.55 -28.07
N PHE A 277 5.73 17.81 -28.11
CA PHE A 277 5.62 18.72 -26.98
C PHE A 277 4.46 19.68 -27.19
N ILE A 278 3.75 19.99 -26.12
CA ILE A 278 2.76 21.06 -26.10
C ILE A 278 3.16 22.02 -24.99
N ASP A 279 3.54 23.24 -25.34
CA ASP A 279 4.02 24.19 -24.36
C ASP A 279 3.15 25.43 -24.32
N PHE A 280 2.87 25.91 -23.11
CA PHE A 280 2.25 27.22 -22.93
C PHE A 280 2.48 27.67 -21.50
N SER A 281 1.91 28.82 -21.14
CA SER A 281 2.19 29.40 -19.84
C SER A 281 1.10 30.38 -19.45
N VAL A 282 0.81 30.46 -18.16
CA VAL A 282 -0.20 31.35 -17.62
C VAL A 282 0.44 32.22 -16.55
N TYR A 283 -0.23 33.32 -16.21
CA TYR A 283 0.30 34.29 -15.25
C TYR A 283 -0.81 34.77 -14.34
N ASN A 284 -0.74 34.42 -13.07
CA ASN A 284 -1.71 34.89 -12.08
C ASN A 284 -1.18 36.15 -11.42
N ALA A 285 -2.06 37.16 -11.33
CA ALA A 285 -1.69 38.49 -10.84
C ALA A 285 -2.26 38.81 -9.46
N ASN A 286 -3.16 38.00 -8.93
CA ASN A 286 -3.59 38.16 -7.55
C ASN A 286 -2.41 37.96 -6.63
N ILE A 287 -1.90 36.73 -6.57
CA ILE A 287 -0.52 36.48 -6.19
C ILE A 287 0.26 36.77 -7.46
N ASN A 288 1.57 36.90 -7.39
CA ASN A 288 2.34 37.30 -8.56
C ASN A 288 3.17 36.11 -9.01
N LEU A 289 2.57 35.23 -9.82
CA LEU A 289 3.25 33.98 -10.12
C LEU A 289 2.97 33.51 -11.54
N PHE A 290 4.02 33.08 -12.23
CA PHE A 290 3.89 32.42 -13.52
C PHE A 290 3.80 30.91 -13.32
N CYS A 291 3.05 30.26 -14.19
CA CYS A 291 2.97 28.79 -14.21
C CYS A 291 3.19 28.35 -15.65
N ILE A 292 4.33 27.71 -15.90
CA ILE A 292 4.71 27.28 -17.24
C ILE A 292 4.45 25.79 -17.36
N LEU A 293 3.62 25.40 -18.33
CA LEU A 293 3.24 24.02 -18.54
C LEU A 293 3.89 23.50 -19.81
N ARG A 294 4.47 22.30 -19.73
CA ARG A 294 4.94 21.58 -20.88
C ARG A 294 4.48 20.13 -20.77
N LEU A 295 3.76 19.65 -21.78
CA LEU A 295 3.24 18.30 -21.78
C LEU A 295 3.90 17.54 -22.93
N VAL A 296 4.60 16.46 -22.60
CA VAL A 296 5.39 15.71 -23.56
C VAL A 296 4.75 14.35 -23.76
N VAL A 297 4.68 13.89 -25.01
CA VAL A 297 4.23 12.55 -25.33
C VAL A 297 5.27 11.92 -26.24
N GLU A 298 5.89 10.83 -25.78
CA GLU A 298 6.95 10.18 -26.51
C GLU A 298 6.44 8.87 -27.09
N PHE A 299 6.69 8.67 -28.38
CA PHE A 299 6.28 7.47 -29.08
C PHE A 299 7.50 6.59 -29.30
N PRO A 300 7.76 5.60 -28.45
CA PRO A 300 8.96 4.79 -28.60
C PRO A 300 8.98 4.06 -29.93
N ALA A 301 10.13 3.45 -30.23
CA ALA A 301 10.27 2.68 -31.44
C ALA A 301 9.38 1.45 -31.46
N THR A 302 8.76 1.11 -30.34
CA THR A 302 7.93 -0.08 -30.22
C THR A 302 6.45 0.22 -30.39
N GLY A 303 6.09 1.48 -30.64
CA GLY A 303 4.69 1.86 -30.67
C GLY A 303 4.17 2.13 -29.28
N GLY A 304 3.17 2.98 -29.18
CA GLY A 304 2.61 3.37 -27.90
C GLY A 304 2.91 4.82 -27.58
N THR A 305 2.74 5.15 -26.30
CA THR A 305 3.05 6.49 -25.82
C THR A 305 3.58 6.38 -24.40
N ILE A 306 4.31 7.41 -23.98
CA ILE A 306 4.76 7.53 -22.60
C ILE A 306 4.50 8.96 -22.14
N PRO A 307 3.27 9.31 -21.76
CA PRO A 307 2.98 10.70 -21.42
C PRO A 307 3.73 11.15 -20.18
N SER A 308 4.35 12.32 -20.26
CA SER A 308 5.02 12.94 -19.13
C SER A 308 4.73 14.43 -19.18
N TRP A 309 5.11 15.14 -18.11
CA TRP A 309 4.74 16.53 -18.00
C TRP A 309 5.71 17.24 -17.09
N GLN A 310 5.77 18.56 -17.23
CA GLN A 310 6.56 19.38 -16.33
C GLN A 310 5.85 20.71 -16.16
N ILE A 311 5.45 21.01 -14.93
CA ILE A 311 4.67 22.18 -14.59
C ILE A 311 5.44 22.95 -13.55
N ARG A 312 5.92 24.14 -13.91
CA ARG A 312 6.84 24.89 -13.07
C ARG A 312 6.22 26.23 -12.69
N THR A 313 6.04 26.46 -11.40
CA THR A 313 5.53 27.72 -10.89
C THR A 313 6.71 28.54 -10.39
N VAL A 314 6.87 29.73 -10.97
CA VAL A 314 8.03 30.57 -10.70
C VAL A 314 7.58 32.00 -10.46
N LYS A 315 8.50 32.79 -9.91
CA LYS A 315 8.30 34.22 -9.68
C LYS A 315 9.38 34.95 -10.45
N LEU A 316 9.06 35.39 -11.66
CA LEU A 316 10.06 36.02 -12.53
C LEU A 316 10.08 37.53 -12.39
N ILE A 317 8.96 38.15 -12.04
CA ILE A 317 8.88 39.59 -11.79
C ILE A 317 8.96 39.80 -10.29
N ARG A 318 10.00 40.49 -9.84
CA ARG A 318 10.31 40.49 -8.42
C ARG A 318 9.52 41.55 -7.65
N TYR A 319 9.74 42.82 -7.95
CA TYR A 319 9.33 43.91 -7.07
C TYR A 319 8.00 44.48 -7.52
N VAL A 320 6.92 44.04 -6.86
CA VAL A 320 5.58 44.56 -7.12
C VAL A 320 4.94 44.89 -5.77
N ASN A 321 5.71 44.72 -4.69
CA ASN A 321 5.18 44.85 -3.34
C ASN A 321 5.96 45.88 -2.54
N ASN A 322 5.70 45.94 -1.23
CA ASN A 322 6.46 46.79 -0.33
C ASN A 322 7.50 46.01 0.47
N TRP A 323 7.31 44.70 0.63
CA TRP A 323 8.31 43.87 1.30
C TRP A 323 9.62 43.81 0.51
N ASP A 324 9.53 43.92 -0.82
CA ASP A 324 10.70 43.71 -1.67
C ASP A 324 11.69 44.88 -1.59
N PHE A 325 11.18 46.09 -1.37
CA PHE A 325 12.06 47.24 -1.22
C PHE A 325 12.97 47.13 0.00
N PHE A 326 12.83 46.06 0.78
CA PHE A 326 13.71 45.71 1.88
C PHE A 326 14.66 44.58 1.51
N ILE A 327 14.21 43.61 0.72
CA ILE A 327 15.13 42.59 0.25
C ILE A 327 16.12 43.19 -0.74
N VAL A 328 15.85 44.39 -1.27
CA VAL A 328 16.90 45.09 -2.01
C VAL A 328 18.11 45.35 -1.10
N GLY A 329 17.86 45.93 0.08
CA GLY A 329 18.93 46.13 1.03
C GLY A 329 19.55 44.83 1.48
N CYS A 330 18.73 43.79 1.62
CA CYS A 330 19.26 42.48 1.97
C CYS A 330 20.23 41.98 0.90
N GLU A 331 19.90 42.19 -0.38
CA GLU A 331 20.79 41.78 -1.47
C GLU A 331 22.10 42.56 -1.43
N VAL A 332 22.01 43.87 -1.15
CA VAL A 332 23.23 44.66 -1.04
C VAL A 332 24.13 44.15 0.08
N VAL A 333 23.52 43.85 1.23
CA VAL A 333 24.28 43.31 2.36
C VAL A 333 24.91 41.98 2.00
N PHE A 334 24.18 41.14 1.27
CA PHE A 334 24.72 39.85 0.86
C PHE A 334 25.94 40.04 -0.05
N CYS A 335 25.89 41.03 -0.93
CA CYS A 335 27.00 41.27 -1.84
C CYS A 335 28.24 41.74 -1.08
N VAL A 336 28.06 42.69 -0.17
CA VAL A 336 29.24 43.15 0.59
C VAL A 336 29.77 42.02 1.47
N PHE A 337 28.89 41.12 1.92
CA PHE A 337 29.32 40.00 2.75
C PHE A 337 30.17 39.02 1.94
N ILE A 338 29.73 38.67 0.74
CA ILE A 338 30.53 37.74 -0.05
C ILE A 338 31.85 38.39 -0.44
N PHE A 339 31.86 39.71 -0.67
CA PHE A 339 33.13 40.38 -0.92
C PHE A 339 34.07 40.27 0.28
N TYR A 340 33.55 40.50 1.49
CA TYR A 340 34.38 40.39 2.68
C TYR A 340 34.90 38.97 2.87
N TYR A 341 34.06 37.98 2.59
CA TYR A 341 34.50 36.60 2.79
C TYR A 341 35.57 36.20 1.79
N VAL A 342 35.48 36.68 0.54
CA VAL A 342 36.53 36.34 -0.41
C VAL A 342 37.81 37.09 -0.08
N VAL A 343 37.71 38.34 0.40
CA VAL A 343 38.93 39.07 0.71
C VAL A 343 39.61 38.49 1.94
N GLU A 344 38.84 37.89 2.86
CA GLU A 344 39.48 37.23 3.99
C GLU A 344 39.95 35.82 3.66
N GLU A 345 39.35 35.18 2.64
CA GLU A 345 39.89 33.91 2.18
C GLU A 345 41.17 34.07 1.37
N ILE A 346 41.41 35.25 0.81
CA ILE A 346 42.69 35.49 0.15
C ILE A 346 43.83 35.46 1.17
N LEU A 347 43.59 35.96 2.38
CA LEU A 347 44.66 36.07 3.37
C LEU A 347 45.11 34.69 3.85
N GLU A 348 44.17 33.76 4.03
CA GLU A 348 44.56 32.43 4.46
C GLU A 348 45.28 31.65 3.37
N ILE A 349 45.15 32.07 2.11
CA ILE A 349 45.97 31.50 1.06
C ILE A 349 47.35 32.14 1.07
N HIS A 350 47.41 33.44 1.34
CA HIS A 350 48.69 34.12 1.44
C HIS A 350 49.55 33.53 2.55
N LEU A 351 49.00 33.44 3.76
CA LEU A 351 49.75 33.00 4.93
C LEU A 351 50.21 31.56 4.79
N HIS A 352 49.27 30.62 4.63
CA HIS A 352 49.62 29.23 4.35
C HIS A 352 49.73 29.07 2.84
N ARG A 353 50.94 28.89 2.35
CA ARG A 353 51.12 28.73 0.91
C ARG A 353 50.37 27.51 0.40
N LEU A 354 50.67 26.34 0.95
CA LEU A 354 49.97 25.12 0.56
C LEU A 354 49.39 24.36 1.75
N ARG A 355 49.68 24.77 2.98
CA ARG A 355 48.99 24.21 4.13
C ARG A 355 47.52 24.64 4.17
N TYR A 356 47.14 25.60 3.32
CA TYR A 356 45.74 26.01 3.24
C TYR A 356 44.85 24.85 2.81
N LEU A 357 45.29 24.08 1.83
CA LEU A 357 44.48 22.98 1.30
C LEU A 357 44.43 21.78 2.21
N SER A 358 45.07 21.84 3.39
CA SER A 358 45.08 20.68 4.29
C SER A 358 43.69 20.41 4.85
N SER A 359 43.13 21.37 5.58
CA SER A 359 41.80 21.22 6.16
C SER A 359 40.74 21.21 5.07
N VAL A 360 39.56 20.70 5.41
CA VAL A 360 38.46 20.62 4.46
C VAL A 360 37.45 21.74 4.60
N TRP A 361 37.48 22.48 5.72
CA TRP A 361 36.56 23.61 5.83
C TRP A 361 36.83 24.65 4.77
N ASN A 362 38.09 24.80 4.35
CA ASN A 362 38.41 25.77 3.31
C ASN A 362 37.83 25.34 1.96
N ILE A 363 37.77 24.04 1.70
CA ILE A 363 37.10 23.56 0.49
C ILE A 363 35.64 24.00 0.49
N LEU A 364 34.98 23.87 1.64
CA LEU A 364 33.57 24.25 1.72
C LEU A 364 33.41 25.76 1.58
N ASP A 365 34.33 26.54 2.13
CA ASP A 365 34.26 27.99 1.94
C ASP A 365 34.40 28.36 0.47
N LEU A 366 35.33 27.71 -0.24
CA LEU A 366 35.47 27.98 -1.66
C LEU A 366 34.20 27.63 -2.42
N VAL A 367 33.60 26.49 -2.09
CA VAL A 367 32.36 26.09 -2.77
C VAL A 367 31.26 27.11 -2.53
N VAL A 368 31.12 27.58 -1.29
CA VAL A 368 30.05 28.53 -0.98
C VAL A 368 30.28 29.84 -1.70
N ILE A 369 31.53 30.31 -1.77
CA ILE A 369 31.81 31.56 -2.46
C ILE A 369 31.53 31.43 -3.96
N LEU A 370 31.89 30.30 -4.54
CA LEU A 370 31.62 30.10 -5.96
C LEU A 370 30.13 30.08 -6.25
N LEU A 371 29.35 29.36 -5.44
CA LEU A 371 27.91 29.35 -5.64
C LEU A 371 27.32 30.74 -5.44
N SER A 372 27.88 31.53 -4.53
CA SER A 372 27.35 32.87 -4.32
C SER A 372 27.59 33.77 -5.53
N ILE A 373 28.78 33.71 -6.13
CA ILE A 373 28.99 34.57 -7.30
C ILE A 373 28.14 34.09 -8.48
N VAL A 374 27.91 32.79 -8.60
CA VAL A 374 27.03 32.30 -9.66
C VAL A 374 25.62 32.82 -9.46
N ALA A 375 25.12 32.76 -8.23
CA ALA A 375 23.78 33.27 -7.94
C ALA A 375 23.69 34.78 -8.10
N VAL A 376 24.81 35.50 -7.98
CA VAL A 376 24.78 36.93 -8.25
C VAL A 376 24.65 37.18 -9.75
N GLY A 377 25.40 36.41 -10.56
CA GLY A 377 25.33 36.62 -12.00
C GLY A 377 23.97 36.28 -12.59
N PHE A 378 23.36 35.20 -12.10
CA PHE A 378 22.06 34.82 -12.66
C PHE A 378 20.99 35.87 -12.43
N HIS A 379 21.13 36.70 -11.40
CA HIS A 379 20.15 37.76 -11.16
C HIS A 379 20.11 38.74 -12.34
N ILE A 380 21.28 39.23 -12.73
CA ILE A 380 21.36 40.13 -13.88
C ILE A 380 20.85 39.45 -15.13
N PHE A 381 21.25 38.19 -15.33
CA PHE A 381 20.79 37.48 -16.53
C PHE A 381 19.28 37.42 -16.58
N ARG A 382 18.64 37.06 -15.45
CA ARG A 382 17.20 36.92 -15.45
C ARG A 382 16.50 38.26 -15.66
N THR A 383 17.02 39.33 -15.05
CA THR A 383 16.42 40.64 -15.26
C THR A 383 16.39 40.97 -16.75
N LEU A 384 17.54 40.83 -17.42
CA LEU A 384 17.58 41.15 -18.84
C LEU A 384 16.62 40.27 -19.63
N GLU A 385 16.63 38.96 -19.36
CA GLU A 385 15.82 38.04 -20.16
C GLU A 385 14.34 38.32 -20.00
N VAL A 386 13.88 38.57 -18.77
CA VAL A 386 12.45 38.78 -18.58
C VAL A 386 12.03 40.14 -19.13
N ASN A 387 12.90 41.15 -19.07
CA ASN A 387 12.55 42.40 -19.73
C ASN A 387 12.35 42.19 -21.22
N ARG A 388 13.29 41.49 -21.87
CA ARG A 388 13.15 41.23 -23.30
C ARG A 388 11.89 40.44 -23.61
N LEU A 389 11.57 39.45 -22.79
CA LEU A 389 10.41 38.61 -23.07
C LEU A 389 9.11 39.39 -22.93
N MET A 390 8.98 40.19 -21.87
CA MET A 390 7.77 40.99 -21.72
C MET A 390 7.63 42.00 -22.85
N GLY A 391 8.75 42.60 -23.26
CA GLY A 391 8.70 43.51 -24.39
C GLY A 391 8.17 42.83 -25.65
N LYS A 392 8.78 41.71 -26.02
CA LYS A 392 8.33 41.00 -27.21
C LYS A 392 6.89 40.53 -27.08
N LEU A 393 6.46 40.14 -25.89
CA LEU A 393 5.10 39.63 -25.72
C LEU A 393 4.06 40.73 -25.87
N LEU A 394 4.29 41.89 -25.26
CA LEU A 394 3.31 42.96 -25.39
C LEU A 394 3.46 43.72 -26.70
N GLN A 395 4.54 43.49 -27.45
CA GLN A 395 4.76 44.20 -28.70
C GLN A 395 4.17 43.49 -29.91
N GLN A 396 4.14 42.15 -29.90
CA GLN A 396 3.54 41.39 -30.99
C GLN A 396 2.88 40.15 -30.42
N PRO A 397 1.61 40.25 -30.05
CA PRO A 397 0.90 39.08 -29.51
C PRO A 397 0.65 38.05 -30.59
N ASP A 398 -0.05 36.98 -30.23
CA ASP A 398 -0.35 35.88 -31.15
C ASP A 398 0.92 35.17 -31.61
N THR A 399 1.94 35.17 -30.76
CA THR A 399 3.18 34.46 -31.04
C THR A 399 3.67 33.80 -29.76
N TYR A 400 4.37 32.69 -29.93
CA TYR A 400 4.82 31.91 -28.79
C TYR A 400 5.96 32.62 -28.08
N ALA A 401 5.73 33.02 -26.83
CA ALA A 401 6.76 33.64 -26.00
C ALA A 401 7.46 32.55 -25.19
N ASP A 402 8.76 32.37 -25.44
CA ASP A 402 9.50 31.24 -24.89
C ASP A 402 9.81 31.49 -23.42
N PHE A 403 8.89 31.07 -22.55
CA PHE A 403 9.09 31.18 -21.12
C PHE A 403 9.68 29.91 -20.53
N GLU A 404 9.87 28.87 -21.32
CA GLU A 404 10.30 27.59 -20.76
C GLU A 404 11.77 27.62 -20.37
N PHE A 405 12.61 28.21 -21.20
CA PHE A 405 14.02 28.38 -20.88
C PHE A 405 14.20 29.08 -19.55
N LEU A 406 13.50 30.20 -19.37
CA LEU A 406 13.64 30.98 -18.15
C LEU A 406 13.11 30.22 -16.94
N ALA A 407 11.98 29.52 -17.09
CA ALA A 407 11.45 28.76 -15.97
C ALA A 407 12.39 27.65 -15.55
N PHE A 408 12.97 26.94 -16.53
CA PHE A 408 13.91 25.89 -16.21
C PHE A 408 15.10 26.42 -15.43
N TRP A 409 15.72 27.49 -15.95
CA TRP A 409 16.91 27.98 -15.28
C TRP A 409 16.58 28.64 -13.94
N GLN A 410 15.37 29.18 -13.80
CA GLN A 410 14.98 29.72 -12.51
C GLN A 410 14.83 28.62 -11.47
N THR A 411 14.24 27.48 -11.84
CA THR A 411 14.14 26.39 -10.87
C THR A 411 15.51 25.83 -10.54
N GLN A 412 16.41 25.76 -11.52
CA GLN A 412 17.77 25.32 -11.22
C GLN A 412 18.47 26.27 -10.25
N TYR A 413 18.25 27.57 -10.44
CA TYR A 413 18.83 28.55 -9.52
C TYR A 413 18.25 28.41 -8.12
N ASN A 414 16.96 28.08 -8.02
CA ASN A 414 16.38 27.84 -6.71
C ASN A 414 16.99 26.61 -6.03
N ASN A 415 17.20 25.54 -6.80
CA ASN A 415 17.83 24.35 -6.22
C ASN A 415 19.25 24.64 -5.75
N MET A 416 19.99 25.41 -6.54
CA MET A 416 21.34 25.78 -6.13
C MET A 416 21.32 26.61 -4.86
N ASN A 417 20.37 27.54 -4.74
CA ASN A 417 20.27 28.32 -3.51
C ASN A 417 19.95 27.44 -2.31
N ALA A 418 19.09 26.44 -2.50
CA ALA A 418 18.77 25.53 -1.40
C ALA A 418 20.01 24.78 -0.93
N VAL A 419 20.78 24.24 -1.88
CA VAL A 419 21.98 23.51 -1.51
C VAL A 419 22.98 24.42 -0.82
N ASN A 420 23.11 25.66 -1.30
CA ASN A 420 24.03 26.60 -0.67
C ASN A 420 23.61 26.94 0.75
N LEU A 421 22.30 27.10 0.98
CA LEU A 421 21.82 27.36 2.33
C LEU A 421 22.10 26.19 3.25
N PHE A 422 21.90 24.96 2.76
CA PHE A 422 22.22 23.79 3.55
C PHE A 422 23.70 23.76 3.92
N PHE A 423 24.56 24.10 2.96
CA PHE A 423 25.99 24.12 3.23
C PHE A 423 26.35 25.15 4.28
N ALA A 424 25.74 26.33 4.24
CA ALA A 424 26.04 27.32 5.27
C ALA A 424 25.58 26.83 6.65
N TRP A 425 24.40 26.22 6.70
CA TRP A 425 23.90 25.74 7.99
C TRP A 425 24.82 24.69 8.59
N ILE A 426 25.34 23.77 7.78
CA ILE A 426 26.25 22.78 8.37
C ILE A 426 27.64 23.35 8.53
N LYS A 427 27.96 24.46 7.86
CA LYS A 427 29.23 25.12 8.09
C LYS A 427 29.25 25.86 9.41
N ILE A 428 28.10 26.08 10.01
CA ILE A 428 28.08 26.64 11.36
C ILE A 428 28.88 25.82 12.37
N PHE A 429 29.27 24.59 12.03
CA PHE A 429 29.95 23.71 12.97
C PHE A 429 31.42 24.03 13.16
N LYS A 430 32.02 24.85 12.29
CA LYS A 430 33.43 25.16 12.46
C LYS A 430 33.64 26.33 13.40
N TYR A 431 32.56 27.01 13.80
CA TYR A 431 32.69 28.13 14.73
C TYR A 431 32.42 27.69 16.16
N ILE A 432 31.20 27.21 16.43
CA ILE A 432 30.90 26.65 17.74
C ILE A 432 31.30 25.19 17.72
N SER A 433 31.94 24.72 18.79
CA SER A 433 32.42 23.35 18.84
C SER A 433 32.02 22.71 20.15
N PHE A 434 31.64 21.44 20.07
CA PHE A 434 31.42 20.62 21.24
C PHE A 434 32.69 19.81 21.51
N ASN A 435 32.81 19.27 22.72
CA ASN A 435 34.08 18.66 23.12
C ASN A 435 34.29 17.30 22.46
N LYS A 436 33.45 16.34 22.82
CA LYS A 436 33.60 14.97 22.35
C LYS A 436 32.25 14.35 22.05
N THR A 437 31.38 15.12 21.39
CA THR A 437 30.00 14.66 21.23
C THR A 437 29.86 13.60 20.15
N MET A 438 30.17 13.93 18.90
CA MET A 438 30.10 12.98 17.80
C MET A 438 31.46 12.65 17.23
N THR A 439 32.44 12.46 18.12
CA THR A 439 33.71 11.85 17.76
C THR A 439 33.84 10.44 18.32
N GLN A 440 32.77 9.93 18.93
CA GLN A 440 32.82 8.59 19.51
C GLN A 440 32.94 7.53 18.43
N LEU A 441 32.40 7.78 17.24
CA LEU A 441 32.57 6.89 16.11
C LEU A 441 33.86 7.17 15.35
N SER A 442 34.27 8.43 15.26
CA SER A 442 35.51 8.76 14.57
C SER A 442 36.72 8.22 15.32
N SER A 443 36.65 8.21 16.65
CA SER A 443 37.78 7.72 17.44
C SER A 443 37.90 6.21 17.38
N THR A 444 36.79 5.50 17.16
CA THR A 444 36.83 4.05 17.10
C THR A 444 36.96 3.50 15.69
N LEU A 445 36.86 4.35 14.68
CA LEU A 445 37.17 3.92 13.33
C LEU A 445 38.63 4.12 12.96
N ALA A 446 39.29 5.13 13.54
CA ALA A 446 40.70 5.36 13.26
C ALA A 446 41.57 4.20 13.72
N ARG A 447 41.06 3.37 14.63
CA ARG A 447 41.76 2.16 15.04
C ARG A 447 41.46 0.97 14.15
N CYS A 448 40.54 1.10 13.19
CA CYS A 448 40.17 0.00 12.31
C CYS A 448 40.03 0.46 10.87
N ALA A 449 40.79 1.46 10.46
CA ALA A 449 40.63 2.02 9.11
C ALA A 449 40.95 1.00 8.03
N LYS A 450 42.10 0.32 8.16
CA LYS A 450 42.55 -0.60 7.14
C LYS A 450 41.69 -1.85 7.03
N ASP A 451 40.87 -2.14 8.03
CA ASP A 451 39.89 -3.22 7.91
C ASP A 451 38.50 -2.71 7.57
N ILE A 452 38.17 -1.48 7.93
CA ILE A 452 36.95 -0.88 7.40
C ILE A 452 37.00 -0.80 5.88
N LEU A 453 38.15 -0.43 5.33
CA LEU A 453 38.26 -0.38 3.87
C LEU A 453 38.13 -1.77 3.25
N GLY A 454 38.63 -2.80 3.92
CA GLY A 454 38.47 -4.15 3.39
C GLY A 454 37.08 -4.71 3.55
N PHE A 455 36.35 -4.27 4.56
CA PHE A 455 34.96 -4.64 4.75
C PHE A 455 34.05 -3.99 3.73
N ALA A 456 34.26 -2.70 3.45
CA ALA A 456 33.40 -1.98 2.52
C ALA A 456 33.49 -2.55 1.11
N ILE A 457 34.69 -2.88 0.64
CA ILE A 457 34.78 -3.33 -0.75
C ILE A 457 34.23 -4.73 -0.91
N MET A 458 34.32 -5.58 0.13
CA MET A 458 33.67 -6.88 0.04
C MET A 458 32.16 -6.73 0.00
N PHE A 459 31.62 -5.94 0.92
CA PHE A 459 30.17 -5.69 0.91
C PHE A 459 29.72 -5.15 -0.43
N PHE A 460 30.49 -4.24 -1.03
CA PHE A 460 30.05 -3.64 -2.29
C PHE A 460 30.22 -4.58 -3.47
N ILE A 461 31.26 -5.42 -3.47
CA ILE A 461 31.37 -6.44 -4.51
C ILE A 461 30.12 -7.29 -4.54
N VAL A 462 29.72 -7.82 -3.38
CA VAL A 462 28.57 -8.72 -3.42
C VAL A 462 27.27 -7.95 -3.60
N PHE A 463 27.21 -6.69 -3.15
CA PHE A 463 26.02 -5.88 -3.38
C PHE A 463 25.80 -5.63 -4.87
N PHE A 464 26.86 -5.29 -5.60
CA PHE A 464 26.71 -5.06 -7.03
C PHE A 464 26.51 -6.37 -7.79
N ALA A 465 27.04 -7.48 -7.29
CA ALA A 465 26.68 -8.77 -7.87
C ALA A 465 25.18 -9.00 -7.77
N TYR A 466 24.59 -8.73 -6.61
CA TYR A 466 23.16 -8.90 -6.45
C TYR A 466 22.38 -7.92 -7.34
N ALA A 467 22.88 -6.70 -7.49
CA ALA A 467 22.19 -5.73 -8.34
C ALA A 467 22.17 -6.20 -9.80
N GLN A 468 23.29 -6.73 -10.28
CA GLN A 468 23.31 -7.27 -11.65
C GLN A 468 22.39 -8.48 -11.78
N LEU A 469 22.40 -9.38 -10.80
CA LEU A 469 21.50 -10.52 -10.85
C LEU A 469 20.05 -10.08 -10.92
N GLY A 470 19.68 -9.08 -10.13
CA GLY A 470 18.31 -8.59 -10.18
C GLY A 470 17.97 -7.93 -11.49
N TYR A 471 18.89 -7.14 -12.04
CA TYR A 471 18.63 -6.50 -13.32
C TYR A 471 18.51 -7.50 -14.45
N LEU A 472 19.14 -8.66 -14.33
CA LEU A 472 19.07 -9.62 -15.42
C LEU A 472 17.91 -10.60 -15.29
N LEU A 473 17.60 -11.06 -14.07
CA LEU A 473 16.46 -11.97 -13.90
C LEU A 473 15.15 -11.25 -14.19
N PHE A 474 14.82 -10.26 -13.39
CA PHE A 474 13.71 -9.37 -13.66
C PHE A 474 14.24 -8.19 -14.47
N GLY A 475 13.48 -7.14 -14.62
CA GLY A 475 13.96 -5.98 -15.33
C GLY A 475 13.41 -5.84 -16.73
N THR A 476 12.80 -6.88 -17.29
CA THR A 476 11.93 -6.73 -18.44
C THR A 476 10.47 -6.90 -18.07
N GLN A 477 10.17 -7.18 -16.81
CA GLN A 477 8.81 -7.24 -16.30
C GLN A 477 8.56 -6.24 -15.20
N VAL A 478 9.44 -6.16 -14.22
CA VAL A 478 9.28 -5.25 -13.10
C VAL A 478 9.90 -3.92 -13.46
N GLU A 479 9.34 -2.83 -12.93
CA GLU A 479 9.82 -1.51 -13.30
C GLU A 479 10.96 -1.03 -12.41
N ASN A 480 10.93 -1.37 -11.13
CA ASN A 480 12.01 -0.98 -10.23
C ASN A 480 13.35 -1.58 -10.63
N PHE A 481 13.33 -2.68 -11.36
CA PHE A 481 14.55 -3.31 -11.84
C PHE A 481 14.83 -3.00 -13.31
N SER A 482 14.16 -1.99 -13.87
CA SER A 482 14.24 -1.76 -15.31
C SER A 482 15.65 -1.43 -15.75
N THR A 483 16.39 -0.69 -14.94
CA THR A 483 17.75 -0.29 -15.27
C THR A 483 18.69 -0.74 -14.17
N PHE A 484 19.94 -0.26 -14.22
CA PHE A 484 20.90 -0.67 -13.21
C PHE A 484 20.79 0.18 -11.95
N VAL A 485 20.83 1.50 -12.09
CA VAL A 485 20.74 2.36 -10.91
C VAL A 485 19.40 2.19 -10.23
N LYS A 486 18.37 1.84 -10.99
CA LYS A 486 17.08 1.53 -10.37
C LYS A 486 17.16 0.27 -9.53
N CYS A 487 17.96 -0.72 -9.97
CA CYS A 487 18.19 -1.89 -9.14
C CYS A 487 18.94 -1.52 -7.87
N ILE A 488 19.95 -0.66 -7.99
CA ILE A 488 20.71 -0.23 -6.82
C ILE A 488 19.77 0.40 -5.80
N PHE A 489 18.95 1.36 -6.23
CA PHE A 489 18.08 2.03 -5.27
C PHE A 489 16.94 1.13 -4.80
N THR A 490 16.51 0.17 -5.62
CA THR A 490 15.50 -0.77 -5.17
C THR A 490 16.02 -1.66 -4.06
N GLN A 491 17.27 -2.10 -4.16
CA GLN A 491 17.84 -2.89 -3.08
C GLN A 491 18.07 -2.05 -1.84
N PHE A 492 18.58 -0.83 -2.02
CA PHE A 492 18.77 0.05 -0.87
C PHE A 492 17.44 0.35 -0.18
N ARG A 493 16.33 0.32 -0.91
CA ARG A 493 15.03 0.46 -0.28
C ARG A 493 14.56 -0.83 0.35
N ILE A 494 14.91 -1.98 -0.24
CA ILE A 494 14.58 -3.26 0.36
C ILE A 494 15.17 -3.34 1.76
N ILE A 495 16.36 -2.79 1.95
CA ILE A 495 16.97 -2.81 3.28
C ILE A 495 16.08 -2.10 4.28
N LEU A 496 15.51 -0.95 3.91
CA LEU A 496 14.67 -0.17 4.81
C LEU A 496 13.26 -0.71 4.94
N GLY A 497 12.98 -1.91 4.44
CA GLY A 497 11.67 -2.49 4.59
C GLY A 497 10.63 -1.86 3.69
N ASP A 498 10.95 -1.69 2.41
CA ASP A 498 10.03 -1.13 1.43
C ASP A 498 10.19 -1.95 0.15
N PHE A 499 9.38 -3.00 0.01
CA PHE A 499 9.48 -3.88 -1.15
C PHE A 499 8.09 -4.30 -1.58
N ASP A 500 8.01 -4.76 -2.83
CA ASP A 500 6.80 -5.34 -3.41
C ASP A 500 7.15 -6.77 -3.78
N TYR A 501 6.92 -7.70 -2.84
CA TYR A 501 7.35 -9.06 -3.05
C TYR A 501 6.50 -9.78 -4.09
N ASN A 502 5.26 -9.33 -4.28
CA ASN A 502 4.38 -10.01 -5.23
C ASN A 502 4.86 -9.80 -6.67
N ALA A 503 5.37 -8.60 -6.98
CA ALA A 503 5.90 -8.37 -8.32
C ALA A 503 7.10 -9.26 -8.60
N ILE A 504 8.03 -9.32 -7.64
CA ILE A 504 9.18 -10.20 -7.76
C ILE A 504 8.73 -11.64 -7.95
N ASP A 505 7.72 -12.07 -7.19
CA ASP A 505 7.28 -13.46 -7.27
C ASP A 505 6.66 -13.76 -8.62
N ASN A 506 5.74 -12.92 -9.09
CA ASN A 506 5.09 -13.18 -10.37
C ASN A 506 6.07 -13.09 -11.53
N ALA A 507 7.11 -12.25 -11.41
CA ALA A 507 8.09 -12.16 -12.48
C ALA A 507 8.77 -13.49 -12.71
N ASN A 508 9.13 -14.20 -11.64
CA ASN A 508 9.77 -15.50 -11.75
C ASN A 508 9.58 -16.20 -10.42
N ARG A 509 8.78 -17.26 -10.39
CA ARG A 509 8.36 -17.87 -9.13
C ARG A 509 9.22 -19.05 -8.71
N ILE A 510 10.47 -19.09 -9.17
CA ILE A 510 11.45 -20.02 -8.62
C ILE A 510 12.68 -19.27 -8.18
N LEU A 511 13.15 -18.34 -9.02
CA LEU A 511 14.30 -17.53 -8.67
C LEU A 511 13.94 -16.26 -7.91
N GLY A 512 12.67 -15.86 -7.92
CA GLY A 512 12.24 -14.69 -7.19
C GLY A 512 12.39 -14.85 -5.69
N PRO A 513 11.75 -15.88 -5.12
CA PRO A 513 11.94 -16.13 -3.69
C PRO A 513 13.37 -16.42 -3.30
N VAL A 514 14.13 -17.12 -4.15
CA VAL A 514 15.54 -17.36 -3.85
C VAL A 514 16.29 -16.04 -3.75
N TYR A 515 16.14 -15.19 -4.76
CA TYR A 515 16.79 -13.88 -4.73
C TYR A 515 16.43 -13.11 -3.46
N PHE A 516 15.14 -13.00 -3.17
CA PHE A 516 14.70 -12.21 -2.02
C PHE A 516 15.27 -12.78 -0.72
N VAL A 517 15.10 -14.08 -0.49
CA VAL A 517 15.50 -14.68 0.78
C VAL A 517 17.01 -14.56 0.97
N THR A 518 17.79 -14.95 -0.05
CA THR A 518 19.24 -14.91 0.13
C THR A 518 19.75 -13.49 0.27
N TYR A 519 19.13 -12.52 -0.42
CA TYR A 519 19.56 -11.14 -0.24
C TYR A 519 19.33 -10.66 1.18
N VAL A 520 18.15 -10.96 1.73
CA VAL A 520 17.84 -10.54 3.09
C VAL A 520 18.80 -11.20 4.07
N PHE A 521 19.07 -12.49 3.89
CA PHE A 521 19.98 -13.18 4.81
C PHE A 521 21.37 -12.59 4.72
N PHE A 522 21.83 -12.24 3.52
CA PHE A 522 23.17 -11.69 3.38
C PHE A 522 23.29 -10.35 4.08
N VAL A 523 22.31 -9.46 3.89
CA VAL A 523 22.42 -8.15 4.52
C VAL A 523 22.33 -8.27 6.03
N PHE A 524 21.50 -9.20 6.52
CA PHE A 524 21.44 -9.44 7.97
C PHE A 524 22.78 -9.92 8.49
N PHE A 525 23.44 -10.82 7.77
CA PHE A 525 24.74 -11.32 8.18
C PHE A 525 25.77 -10.21 8.26
N VAL A 526 25.79 -9.31 7.27
CA VAL A 526 26.82 -8.27 7.31
C VAL A 526 26.54 -7.24 8.38
N LEU A 527 25.27 -6.92 8.66
CA LEU A 527 25.01 -6.01 9.78
C LEU A 527 25.39 -6.65 11.10
N LEU A 528 25.18 -7.96 11.23
CA LEU A 528 25.58 -8.64 12.46
C LEU A 528 27.10 -8.57 12.63
N ASN A 529 27.85 -8.82 11.56
CA ASN A 529 29.30 -8.73 11.66
C ASN A 529 29.76 -7.33 12.02
N MET A 530 29.14 -6.32 11.41
CA MET A 530 29.51 -4.94 11.73
C MET A 530 29.30 -4.64 13.20
N PHE A 531 28.11 -4.99 13.71
CA PHE A 531 27.81 -4.72 15.11
C PHE A 531 28.75 -5.47 16.05
N LEU A 532 29.05 -6.73 15.73
CA LEU A 532 29.96 -7.51 16.56
C LEU A 532 31.33 -6.89 16.61
N ALA A 533 31.90 -6.57 15.44
CA ALA A 533 33.24 -5.99 15.41
C ALA A 533 33.27 -4.66 16.15
N ILE A 534 32.21 -3.86 16.01
CA ILE A 534 32.18 -2.55 16.67
C ILE A 534 32.19 -2.73 18.18
N ILE A 535 31.28 -3.53 18.73
CA ILE A 535 31.25 -3.68 20.18
C ILE A 535 32.38 -4.54 20.71
N ASN A 536 33.14 -5.21 19.85
CA ASN A 536 34.25 -6.01 20.34
C ASN A 536 35.55 -5.23 20.39
N ASP A 537 35.78 -4.34 19.43
CA ASP A 537 37.03 -3.59 19.41
C ASP A 537 37.17 -2.71 20.65
N THR A 538 36.09 -2.05 21.07
CA THR A 538 36.15 -1.16 22.22
C THR A 538 36.49 -1.93 23.49
N TYR A 539 35.81 -3.04 23.73
CA TYR A 539 36.13 -3.87 24.89
C TYR A 539 37.58 -4.35 24.84
N SER A 540 38.03 -4.78 23.65
CA SER A 540 39.41 -5.25 23.53
C SER A 540 40.38 -4.16 23.95
N GLU A 541 40.20 -2.94 23.43
CA GLU A 541 41.17 -1.89 23.74
C GLU A 541 41.08 -1.43 25.18
N VAL A 542 39.88 -1.40 25.78
CA VAL A 542 39.78 -0.95 27.16
C VAL A 542 40.41 -1.96 28.10
N LYS A 543 40.17 -3.27 27.88
CA LYS A 543 40.81 -4.24 28.74
C LYS A 543 42.30 -4.33 28.45
N GLU A 544 42.72 -3.98 27.23
CA GLU A 544 44.14 -3.96 26.93
C GLU A 544 44.84 -2.82 27.68
N GLU A 545 44.23 -1.64 27.72
CA GLU A 545 44.84 -0.55 28.47
C GLU A 545 44.78 -0.81 29.98
N LEU A 546 43.74 -1.51 30.45
CA LEU A 546 43.71 -1.87 31.86
C LEU A 546 44.80 -2.88 32.20
N ALA A 547 45.07 -3.81 31.27
CA ALA A 547 46.16 -4.75 31.49
C ALA A 547 47.51 -4.05 31.48
N GLY A 548 47.72 -3.15 30.51
CA GLY A 548 48.97 -2.43 30.43
C GLY A 548 49.19 -1.45 31.56
N GLN A 549 48.11 -1.01 32.22
CA GLN A 549 48.24 -0.11 33.36
C GLN A 549 48.83 -0.79 34.57
N LYS A 550 48.72 -2.11 34.67
CA LYS A 550 49.25 -2.89 35.78
C LYS A 550 50.76 -2.65 35.96
N GLU B 69 45.38 -6.25 5.86
CA GLU B 69 45.96 -6.10 4.53
C GLU B 69 45.10 -6.78 3.47
N LEU B 70 45.52 -6.69 2.21
CA LEU B 70 44.79 -7.22 1.07
C LEU B 70 45.69 -8.07 0.20
N TYR B 71 46.43 -8.98 0.83
CA TYR B 71 47.36 -9.82 0.10
C TYR B 71 46.64 -10.67 -0.93
N VAL B 72 47.24 -10.77 -2.11
CA VAL B 72 46.67 -11.54 -3.21
C VAL B 72 47.11 -12.99 -3.06
N LYS B 73 46.22 -13.93 -3.36
CA LYS B 73 46.52 -15.33 -3.12
C LYS B 73 46.94 -16.04 -4.39
N THR B 74 47.98 -16.87 -4.23
CA THR B 74 48.40 -17.95 -5.12
C THR B 74 49.06 -17.49 -6.41
N THR B 75 48.92 -16.23 -6.78
CA THR B 75 49.69 -15.56 -7.83
C THR B 75 49.13 -14.16 -8.00
N LEU B 76 49.82 -13.34 -8.78
CA LEU B 76 49.24 -12.15 -9.36
C LEU B 76 49.02 -12.31 -10.86
N ARG B 77 49.62 -13.34 -11.47
CA ARG B 77 49.38 -13.62 -12.88
C ARG B 77 48.01 -14.22 -13.12
N GLU B 78 47.49 -15.01 -12.19
CA GLU B 78 46.16 -15.60 -12.38
C GLU B 78 45.05 -14.60 -12.18
N LEU B 79 45.23 -13.64 -11.26
CA LEU B 79 44.20 -12.63 -11.06
C LEU B 79 43.98 -11.82 -12.33
N VAL B 80 45.02 -11.60 -13.11
CA VAL B 80 44.86 -10.81 -14.33
C VAL B 80 44.09 -11.59 -15.39
N VAL B 81 44.50 -12.85 -15.62
CA VAL B 81 43.79 -13.67 -16.60
C VAL B 81 42.39 -14.04 -16.13
N TYR B 82 42.06 -13.81 -14.86
CA TYR B 82 40.68 -13.94 -14.45
C TYR B 82 39.91 -12.63 -14.60
N ILE B 83 40.54 -11.48 -14.36
CA ILE B 83 39.86 -10.22 -14.59
C ILE B 83 39.51 -10.06 -16.05
N VAL B 84 40.38 -10.54 -16.94
CA VAL B 84 40.06 -10.51 -18.36
C VAL B 84 38.83 -11.36 -18.65
N PHE B 85 38.75 -12.55 -18.04
CA PHE B 85 37.59 -13.41 -18.23
C PHE B 85 36.33 -12.74 -17.72
N LEU B 86 36.43 -12.03 -16.59
CA LEU B 86 35.27 -11.35 -16.04
C LEU B 86 34.79 -10.25 -16.97
N VAL B 87 35.71 -9.46 -17.50
CA VAL B 87 35.34 -8.39 -18.43
C VAL B 87 34.70 -8.99 -19.68
N ASP B 88 35.22 -10.13 -20.14
CA ASP B 88 34.66 -10.76 -21.33
C ASP B 88 33.24 -11.26 -21.08
N ILE B 89 33.00 -11.86 -19.92
CA ILE B 89 31.64 -12.31 -19.60
C ILE B 89 30.69 -11.13 -19.50
N CYS B 90 31.12 -10.04 -18.87
CA CYS B 90 30.25 -8.88 -18.76
C CYS B 90 29.91 -8.32 -20.14
N LEU B 91 30.90 -8.26 -21.03
CA LEU B 91 30.62 -7.79 -22.39
C LEU B 91 29.70 -8.74 -23.14
N LEU B 92 29.82 -10.04 -22.88
CA LEU B 92 28.98 -11.01 -23.58
C LEU B 92 27.52 -10.89 -23.13
N THR B 93 27.28 -10.80 -21.83
CA THR B 93 25.91 -10.83 -21.33
C THR B 93 25.28 -9.46 -21.20
N TYR B 94 26.03 -8.37 -21.37
CA TYR B 94 25.46 -7.03 -21.36
C TYR B 94 25.42 -6.41 -22.75
N GLY B 95 25.90 -7.11 -23.77
CA GLY B 95 25.84 -6.60 -25.12
C GLY B 95 24.65 -7.17 -25.86
N MET B 96 24.00 -8.16 -25.27
CA MET B 96 22.85 -8.81 -25.88
C MET B 96 21.54 -8.46 -25.16
N THR B 97 21.54 -7.46 -24.30
CA THR B 97 20.30 -6.92 -23.75
C THR B 97 19.77 -5.87 -24.71
N SER B 98 18.71 -5.18 -24.31
CA SER B 98 18.18 -4.08 -25.10
C SER B 98 17.55 -3.09 -24.15
N SER B 99 17.92 -1.81 -24.28
CA SER B 99 17.34 -0.79 -23.42
C SER B 99 15.85 -0.63 -23.64
N SER B 100 15.34 -1.12 -24.76
CA SER B 100 13.94 -0.99 -25.13
C SER B 100 13.20 -2.32 -25.02
N ALA B 101 13.61 -3.17 -24.09
CA ALA B 101 12.96 -4.45 -23.90
C ALA B 101 11.90 -4.43 -22.81
N TYR B 102 11.92 -3.43 -21.94
CA TYR B 102 10.88 -3.33 -20.93
C TYR B 102 9.64 -2.65 -21.47
N TYR B 103 9.81 -1.54 -22.20
CA TYR B 103 8.67 -0.83 -22.72
C TYR B 103 7.92 -1.66 -23.74
N TYR B 104 8.60 -2.58 -24.42
CA TYR B 104 7.92 -3.47 -25.35
C TYR B 104 6.88 -4.32 -24.64
N THR B 105 7.30 -5.05 -23.60
CA THR B 105 6.35 -5.85 -22.85
C THR B 105 5.30 -4.97 -22.18
N LYS B 106 5.68 -3.77 -21.74
CA LYS B 106 4.70 -2.88 -21.12
C LYS B 106 3.58 -2.54 -22.08
N VAL B 107 3.93 -2.11 -23.29
CA VAL B 107 2.89 -1.68 -24.23
C VAL B 107 2.07 -2.86 -24.70
N MET B 108 2.70 -4.02 -24.92
CA MET B 108 1.90 -5.16 -25.36
C MET B 108 0.96 -5.65 -24.27
N SER B 109 1.44 -5.69 -23.02
CA SER B 109 0.56 -6.06 -21.91
C SER B 109 -0.60 -5.10 -21.78
N GLU B 110 -0.33 -3.80 -21.68
CA GLU B 110 -1.44 -2.88 -21.54
C GLU B 110 -2.30 -2.79 -22.79
N LEU B 111 -1.86 -3.32 -23.92
CA LEU B 111 -2.75 -3.39 -25.06
C LEU B 111 -3.69 -4.58 -24.98
N PHE B 112 -3.19 -5.73 -24.53
CA PHE B 112 -4.01 -6.94 -24.61
C PHE B 112 -4.73 -7.29 -23.32
N LEU B 113 -4.21 -6.89 -22.16
CA LEU B 113 -4.82 -7.25 -20.89
C LEU B 113 -5.70 -6.16 -20.31
N HIS B 114 -5.39 -4.90 -20.56
CA HIS B 114 -6.10 -3.81 -19.90
C HIS B 114 -7.18 -3.17 -20.77
N THR B 115 -7.30 -3.55 -22.03
CA THR B 115 -8.28 -2.88 -22.87
C THR B 115 -9.67 -3.43 -22.58
N PRO B 116 -10.64 -2.57 -22.26
CA PRO B 116 -11.97 -3.08 -21.90
C PRO B 116 -12.90 -3.14 -23.10
N SER B 117 -13.70 -4.19 -23.13
CA SER B 117 -14.75 -4.32 -24.13
C SER B 117 -15.90 -3.37 -23.79
N ASP B 118 -16.95 -3.41 -24.60
CA ASP B 118 -18.24 -2.96 -24.14
C ASP B 118 -18.72 -3.91 -23.06
N SER B 119 -19.38 -3.37 -22.03
CA SER B 119 -19.71 -4.00 -20.76
C SER B 119 -18.50 -4.02 -19.85
N GLY B 120 -17.35 -3.52 -20.29
CA GLY B 120 -16.19 -3.40 -19.43
C GLY B 120 -15.64 -4.71 -18.92
N VAL B 121 -15.27 -5.61 -19.81
CA VAL B 121 -14.67 -6.88 -19.44
C VAL B 121 -13.32 -6.96 -20.15
N SER B 122 -12.25 -6.66 -19.41
CA SER B 122 -10.90 -6.81 -19.95
C SER B 122 -10.49 -8.27 -19.79
N PHE B 123 -9.22 -8.57 -20.01
CA PHE B 123 -8.80 -9.96 -19.85
C PHE B 123 -8.56 -10.31 -18.40
N GLN B 124 -8.10 -9.36 -17.58
CA GLN B 124 -7.79 -9.68 -16.20
C GLN B 124 -9.05 -9.93 -15.37
N THR B 125 -10.22 -9.52 -15.85
CA THR B 125 -11.46 -9.66 -15.09
C THR B 125 -12.42 -10.65 -15.73
N ILE B 126 -11.89 -11.66 -16.41
CA ILE B 126 -12.72 -12.74 -16.92
C ILE B 126 -13.16 -13.61 -15.76
N SER B 127 -14.47 -13.87 -15.67
CA SER B 127 -14.98 -14.67 -14.56
C SER B 127 -16.06 -15.67 -14.97
N SER B 128 -16.27 -15.87 -16.26
CA SER B 128 -17.25 -16.84 -16.73
C SER B 128 -16.82 -17.32 -18.11
N MET B 129 -17.70 -18.07 -18.77
CA MET B 129 -17.50 -18.36 -20.18
C MET B 129 -18.14 -17.32 -21.07
N SER B 130 -19.23 -16.71 -20.60
CA SER B 130 -19.79 -15.57 -21.32
C SER B 130 -18.80 -14.41 -21.35
N ASP B 131 -18.08 -14.19 -20.25
CA ASP B 131 -17.06 -13.15 -20.24
C ASP B 131 -15.93 -13.48 -21.21
N PHE B 132 -15.59 -14.75 -21.33
CA PHE B 132 -14.56 -15.13 -22.29
C PHE B 132 -15.01 -14.84 -23.72
N TRP B 133 -16.19 -15.34 -24.10
CA TRP B 133 -16.67 -15.04 -25.44
C TRP B 133 -17.00 -13.58 -25.63
N ASP B 134 -17.05 -12.79 -24.56
CA ASP B 134 -17.18 -11.35 -24.69
C ASP B 134 -15.83 -10.70 -24.96
N PHE B 135 -14.77 -11.21 -24.36
CA PHE B 135 -13.43 -10.69 -24.64
C PHE B 135 -12.90 -11.21 -25.96
N ALA B 136 -13.11 -12.49 -26.26
CA ALA B 136 -12.51 -13.10 -27.44
C ALA B 136 -13.04 -12.52 -28.74
N GLN B 137 -14.03 -11.64 -28.70
CA GLN B 137 -14.54 -11.05 -29.92
C GLN B 137 -14.44 -9.53 -29.95
N GLY B 138 -14.72 -8.87 -28.84
CA GLY B 138 -14.60 -7.42 -28.82
C GLY B 138 -13.17 -6.95 -28.80
N PRO B 139 -12.51 -7.02 -27.64
CA PRO B 139 -11.15 -6.51 -27.55
C PRO B 139 -10.08 -7.56 -27.78
N LEU B 140 -10.27 -8.40 -28.75
CA LEU B 140 -9.19 -9.27 -29.17
C LEU B 140 -8.94 -9.19 -30.66
N LEU B 141 -10.00 -9.02 -31.44
CA LEU B 141 -9.83 -8.78 -32.85
C LEU B 141 -9.55 -7.32 -33.13
N ASP B 142 -10.05 -6.43 -32.28
CA ASP B 142 -9.69 -5.01 -32.40
C ASP B 142 -8.23 -4.77 -32.09
N SER B 143 -7.63 -5.60 -31.25
CA SER B 143 -6.26 -5.42 -30.82
C SER B 143 -5.30 -6.34 -31.56
N LEU B 144 -5.74 -6.98 -32.63
CA LEU B 144 -4.90 -7.89 -33.39
C LEU B 144 -4.74 -7.47 -34.83
N TYR B 145 -5.83 -7.10 -35.50
CA TYR B 145 -5.82 -6.79 -36.92
C TYR B 145 -5.90 -5.29 -37.10
N TRP B 146 -4.78 -4.67 -37.46
CA TRP B 146 -4.69 -3.24 -37.73
C TRP B 146 -4.56 -3.03 -39.23
N THR B 147 -5.46 -2.25 -39.81
CA THR B 147 -5.43 -2.02 -41.24
C THR B 147 -5.74 -0.59 -41.66
N LYS B 148 -5.93 0.34 -40.73
CA LYS B 148 -6.23 1.72 -41.09
C LYS B 148 -5.59 2.65 -40.08
N TRP B 149 -5.23 3.85 -40.54
CA TRP B 149 -4.66 4.86 -39.65
C TRP B 149 -5.73 5.37 -38.70
N TYR B 150 -5.34 6.29 -37.82
CA TYR B 150 -6.30 6.89 -36.91
C TYR B 150 -7.26 7.82 -37.65
N ASN B 151 -6.86 8.35 -38.79
CA ASN B 151 -7.72 9.23 -39.58
C ASN B 151 -8.47 8.47 -40.66
N ASN B 152 -8.64 7.17 -40.48
CA ASN B 152 -9.54 6.34 -41.29
C ASN B 152 -9.08 6.17 -42.73
N GLN B 153 -7.80 6.31 -43.01
CA GLN B 153 -7.28 6.05 -44.35
C GLN B 153 -6.35 4.85 -44.27
N SER B 154 -6.34 4.06 -45.34
CA SER B 154 -5.75 2.72 -45.29
C SER B 154 -4.23 2.78 -45.18
N LEU B 155 -3.68 1.81 -44.45
CA LEU B 155 -2.25 1.62 -44.42
C LEU B 155 -1.75 1.19 -45.79
N GLY B 156 -0.49 1.45 -46.06
CA GLY B 156 0.06 1.19 -47.38
C GLY B 156 0.64 -0.19 -47.56
N ARG B 157 0.38 -1.08 -46.61
CA ARG B 157 0.94 -2.43 -46.61
C ARG B 157 -0.19 -3.42 -46.51
N GLY B 158 -0.32 -4.28 -47.53
CA GLY B 158 -1.50 -5.10 -47.71
C GLY B 158 -1.34 -6.50 -47.17
N SER B 159 -2.45 -7.06 -46.69
CA SER B 159 -2.62 -8.44 -46.26
C SER B 159 -1.88 -8.77 -44.97
N HIS B 160 -1.13 -7.85 -44.39
CA HIS B 160 -0.46 -8.07 -43.13
C HIS B 160 -1.03 -7.15 -42.06
N SER B 161 -0.90 -7.57 -40.82
CA SER B 161 -1.41 -6.80 -39.69
C SER B 161 -0.22 -6.29 -38.88
N PHE B 162 -0.07 -4.98 -38.83
CA PHE B 162 1.03 -4.32 -38.15
C PHE B 162 0.49 -3.70 -36.87
N ILE B 163 0.55 -4.46 -35.78
CA ILE B 163 0.05 -3.98 -34.50
C ILE B 163 0.84 -2.74 -34.08
N TYR B 164 0.13 -1.68 -33.73
CA TYR B 164 0.72 -0.40 -33.38
C TYR B 164 1.51 0.21 -34.53
N TYR B 165 1.22 -0.24 -35.75
CA TYR B 165 1.81 0.22 -37.01
C TYR B 165 3.26 -0.18 -37.19
N GLU B 166 3.88 -0.88 -36.23
CA GLU B 166 5.28 -1.21 -36.34
C GLU B 166 5.55 -2.70 -36.20
N ASN B 167 4.68 -3.39 -35.46
CA ASN B 167 4.93 -4.77 -35.02
C ASN B 167 4.23 -5.75 -35.93
N LEU B 168 5.00 -6.44 -36.76
CA LEU B 168 4.44 -7.47 -37.63
C LEU B 168 3.86 -8.60 -36.78
N LEU B 169 2.78 -9.19 -37.26
CA LEU B 169 2.14 -10.34 -36.61
C LEU B 169 2.48 -11.58 -37.41
N LEU B 170 3.28 -12.46 -36.82
CA LEU B 170 3.82 -13.61 -37.52
C LEU B 170 2.82 -14.77 -37.47
N GLY B 171 2.45 -15.27 -38.64
CA GLY B 171 1.64 -16.47 -38.70
C GLY B 171 0.19 -16.19 -38.43
N ALA B 172 -0.39 -16.94 -37.49
CA ALA B 172 -1.79 -16.83 -37.17
C ALA B 172 -2.01 -17.32 -35.74
N PRO B 173 -2.88 -16.67 -34.97
CA PRO B 173 -3.12 -17.12 -33.60
C PRO B 173 -3.70 -18.53 -33.58
N ARG B 174 -3.77 -19.11 -32.38
CA ARG B 174 -4.27 -20.47 -32.23
C ARG B 174 -4.94 -20.62 -30.89
N LEU B 175 -6.26 -20.81 -30.89
CA LEU B 175 -6.97 -21.17 -29.68
C LEU B 175 -6.85 -22.67 -29.44
N ARG B 176 -6.60 -23.06 -28.21
CA ARG B 176 -6.45 -24.47 -27.88
C ARG B 176 -7.13 -24.76 -26.56
N GLN B 177 -7.56 -26.01 -26.39
CA GLN B 177 -8.41 -26.38 -25.27
C GLN B 177 -8.10 -27.79 -24.84
N LEU B 178 -8.26 -28.06 -23.55
CA LEU B 178 -8.02 -29.38 -22.98
C LEU B 178 -9.26 -29.82 -22.21
N ARG B 179 -9.95 -30.83 -22.71
CA ARG B 179 -11.19 -31.29 -22.11
C ARG B 179 -10.90 -32.36 -21.08
N VAL B 180 -11.95 -32.82 -20.41
CA VAL B 180 -11.86 -33.88 -19.41
C VAL B 180 -13.06 -34.80 -19.59
N ARG B 181 -12.80 -36.11 -19.47
CA ARG B 181 -13.81 -37.10 -19.79
C ARG B 181 -15.08 -36.89 -18.99
N ASN B 182 -16.19 -37.39 -19.53
CA ASN B 182 -17.49 -37.19 -18.93
C ASN B 182 -17.74 -38.07 -17.72
N ASP B 183 -16.99 -39.15 -17.57
CA ASP B 183 -17.20 -40.13 -16.51
C ASP B 183 -15.89 -40.45 -15.83
N SER B 184 -15.14 -39.41 -15.49
CA SER B 184 -13.85 -39.57 -14.83
C SER B 184 -13.97 -39.75 -13.34
N CYS B 185 -15.13 -40.14 -12.84
CA CYS B 185 -15.35 -40.29 -11.41
C CYS B 185 -16.28 -41.46 -11.16
N VAL B 186 -16.58 -41.67 -9.89
CA VAL B 186 -17.80 -42.32 -9.44
C VAL B 186 -18.46 -41.35 -8.48
N VAL B 187 -19.69 -40.93 -8.81
CA VAL B 187 -20.39 -40.00 -7.95
C VAL B 187 -20.66 -40.67 -6.60
N HIS B 188 -20.83 -39.84 -5.57
CA HIS B 188 -21.13 -40.35 -4.24
C HIS B 188 -22.36 -41.24 -4.30
N GLU B 189 -22.36 -42.29 -3.48
CA GLU B 189 -23.41 -43.30 -3.58
C GLU B 189 -24.79 -42.75 -3.24
N ASP B 190 -24.87 -41.58 -2.62
CA ASP B 190 -26.17 -40.99 -2.32
C ASP B 190 -26.69 -40.16 -3.49
N PHE B 191 -25.81 -39.39 -4.13
CA PHE B 191 -26.19 -38.56 -5.27
C PHE B 191 -25.88 -39.31 -6.56
N ARG B 192 -26.71 -40.29 -6.86
CA ARG B 192 -26.60 -41.01 -8.12
C ARG B 192 -27.81 -40.87 -9.01
N GLU B 193 -28.98 -40.63 -8.44
CA GLU B 193 -30.17 -40.32 -9.23
C GLU B 193 -30.28 -38.85 -9.54
N ASP B 194 -29.34 -38.03 -9.07
CA ASP B 194 -29.40 -36.59 -9.23
C ASP B 194 -28.27 -36.05 -10.08
N ILE B 195 -27.02 -36.40 -9.78
CA ILE B 195 -25.87 -35.93 -10.51
C ILE B 195 -25.38 -37.08 -11.40
N LEU B 196 -25.58 -36.94 -12.70
CA LEU B 196 -25.25 -38.00 -13.64
C LEU B 196 -23.86 -37.86 -14.25
N ASN B 197 -23.12 -36.81 -13.92
CA ASN B 197 -21.82 -36.56 -14.53
C ASN B 197 -20.83 -36.09 -13.48
N CYS B 198 -19.63 -36.64 -13.50
CA CYS B 198 -18.50 -36.11 -12.74
C CYS B 198 -17.35 -35.82 -13.69
N TYR B 199 -16.81 -34.62 -13.62
CA TYR B 199 -15.62 -34.23 -14.37
C TYR B 199 -14.51 -33.99 -13.34
N ASP B 200 -13.60 -34.94 -13.22
CA ASP B 200 -12.55 -34.82 -12.22
C ASP B 200 -11.62 -33.66 -12.58
N VAL B 201 -10.72 -33.34 -11.66
CA VAL B 201 -9.73 -32.30 -11.91
C VAL B 201 -8.76 -32.79 -12.98
N TYR B 202 -7.99 -31.89 -13.55
CA TYR B 202 -7.20 -32.24 -14.72
C TYR B 202 -6.01 -33.11 -14.34
N SER B 203 -5.79 -34.15 -15.13
CA SER B 203 -4.61 -35.00 -15.09
C SER B 203 -4.57 -35.80 -16.38
N PRO B 204 -3.40 -36.00 -16.97
CA PRO B 204 -3.36 -36.55 -18.34
C PRO B 204 -3.94 -37.95 -18.49
N ASP B 205 -4.36 -38.58 -17.40
CA ASP B 205 -5.03 -39.86 -17.51
C ASP B 205 -6.50 -39.69 -17.85
N LYS B 206 -7.19 -38.81 -17.13
CA LYS B 206 -8.60 -38.53 -17.39
C LYS B 206 -8.68 -37.31 -18.28
N GLU B 207 -8.51 -37.54 -19.59
CA GLU B 207 -8.51 -36.47 -20.57
C GLU B 207 -9.23 -36.95 -21.81
N ASP B 208 -10.29 -36.23 -22.20
CA ASP B 208 -11.15 -36.67 -23.28
C ASP B 208 -10.41 -36.64 -24.61
N GLN B 209 -10.50 -37.73 -25.37
CA GLN B 209 -9.82 -37.83 -26.65
C GLN B 209 -10.77 -38.18 -27.79
N LEU B 210 -12.06 -37.93 -27.59
CA LEU B 210 -13.06 -38.24 -28.58
C LEU B 210 -13.61 -36.96 -29.20
N PRO B 211 -14.12 -37.01 -30.43
CA PRO B 211 -14.75 -35.85 -31.02
C PRO B 211 -16.03 -35.46 -30.29
N PHE B 212 -16.41 -34.20 -30.47
CA PHE B 212 -17.66 -33.69 -29.90
C PHE B 212 -18.17 -32.61 -30.84
N GLY B 213 -19.37 -32.10 -30.54
CA GLY B 213 -20.00 -31.13 -31.39
C GLY B 213 -20.20 -31.66 -32.79
N PRO B 214 -20.04 -30.81 -33.80
CA PRO B 214 -20.14 -31.27 -35.19
C PRO B 214 -19.16 -32.39 -35.56
N GLN B 215 -18.10 -32.60 -34.78
CA GLN B 215 -17.20 -33.74 -34.93
C GLN B 215 -16.48 -33.76 -36.27
N ASN B 216 -16.28 -32.61 -36.92
CA ASN B 216 -15.69 -32.64 -38.25
C ASN B 216 -14.36 -31.89 -38.35
N GLY B 217 -14.28 -30.67 -37.85
CA GLY B 217 -13.12 -29.84 -38.09
C GLY B 217 -11.90 -30.25 -37.28
N THR B 218 -10.92 -29.35 -37.18
CA THR B 218 -9.80 -29.56 -36.28
C THR B 218 -10.07 -29.05 -34.87
N ALA B 219 -11.13 -28.29 -34.69
CA ALA B 219 -11.51 -27.79 -33.38
C ALA B 219 -12.39 -28.75 -32.61
N TRP B 220 -12.79 -29.86 -33.22
CA TRP B 220 -13.68 -30.83 -32.57
C TRP B 220 -13.10 -32.24 -32.58
N THR B 221 -11.80 -32.39 -32.79
CA THR B 221 -11.15 -33.70 -32.72
C THR B 221 -9.84 -33.57 -31.97
N TYR B 222 -9.47 -34.62 -31.24
CA TYR B 222 -8.29 -34.58 -30.39
C TYR B 222 -7.04 -34.91 -31.17
N HIS B 223 -6.05 -34.03 -31.10
CA HIS B 223 -4.73 -34.23 -31.68
C HIS B 223 -3.72 -34.40 -30.57
N SER B 224 -2.96 -35.49 -30.61
CA SER B 224 -2.03 -35.80 -29.54
C SER B 224 -0.93 -34.74 -29.46
N GLN B 225 -0.06 -34.89 -28.48
CA GLN B 225 1.02 -33.91 -28.30
C GLN B 225 2.04 -34.01 -29.42
N ASN B 226 2.17 -35.17 -30.06
CA ASN B 226 3.18 -35.30 -31.10
C ASN B 226 2.70 -34.70 -32.43
N GLU B 227 1.41 -34.81 -32.74
CA GLU B 227 0.91 -34.13 -33.93
C GLU B 227 0.95 -32.62 -33.77
N LEU B 228 0.89 -32.12 -32.55
CA LEU B 228 0.98 -30.71 -32.25
C LEU B 228 2.30 -30.50 -31.52
N GLY B 229 3.38 -30.31 -32.27
CA GLY B 229 4.66 -30.22 -31.62
C GLY B 229 4.66 -29.13 -30.57
N GLY B 230 4.57 -29.54 -29.31
CA GLY B 230 4.41 -28.60 -28.21
C GLY B 230 4.72 -29.29 -26.91
N SER B 231 4.73 -28.50 -25.84
CA SER B 231 5.22 -28.99 -24.56
C SER B 231 4.35 -28.45 -23.43
N SER B 232 4.70 -28.86 -22.21
CA SER B 232 3.88 -28.59 -21.04
C SER B 232 3.87 -27.11 -20.69
N HIS B 233 2.83 -26.71 -19.98
CA HIS B 233 2.70 -25.35 -19.46
C HIS B 233 2.45 -25.43 -17.96
N TRP B 234 3.25 -24.71 -17.18
CA TRP B 234 3.13 -24.75 -15.72
C TRP B 234 2.17 -23.64 -15.30
N GLY B 235 0.88 -23.91 -15.44
CA GLY B 235 -0.13 -22.94 -15.07
C GLY B 235 -0.18 -22.74 -13.57
N ARG B 236 -1.17 -21.95 -13.15
CA ARG B 236 -1.31 -21.59 -11.75
C ARG B 236 -2.00 -22.68 -10.94
N LEU B 237 -2.38 -23.78 -11.55
CA LEU B 237 -2.99 -24.90 -10.84
C LEU B 237 -2.19 -26.19 -10.98
N THR B 238 -1.75 -26.51 -12.19
CA THR B 238 -1.01 -27.73 -12.45
C THR B 238 -0.15 -27.50 -13.69
N SER B 239 0.37 -28.58 -14.26
CA SER B 239 1.15 -28.50 -15.50
C SER B 239 0.38 -29.24 -16.58
N TYR B 240 -0.07 -28.51 -17.59
CA TYR B 240 -0.95 -29.05 -18.62
C TYR B 240 -0.15 -29.67 -19.76
N SER B 241 -0.86 -30.33 -20.66
CA SER B 241 -0.24 -31.12 -21.71
C SER B 241 -0.07 -30.26 -22.97
N GLY B 242 0.23 -30.91 -24.09
CA GLY B 242 0.45 -30.19 -25.32
C GLY B 242 -0.49 -30.55 -26.45
N GLY B 243 -1.45 -31.43 -26.20
CA GLY B 243 -2.45 -31.78 -27.18
C GLY B 243 -3.66 -30.89 -27.06
N GLY B 244 -4.76 -31.37 -27.62
CA GLY B 244 -6.01 -30.69 -27.42
C GLY B 244 -6.70 -30.38 -28.72
N TYR B 245 -7.73 -29.55 -28.63
CA TYR B 245 -8.61 -29.21 -29.74
C TYR B 245 -8.27 -27.78 -30.16
N TYR B 246 -7.56 -27.62 -31.26
CA TYR B 246 -7.08 -26.31 -31.64
C TYR B 246 -7.86 -25.73 -32.81
N LEU B 247 -7.57 -24.46 -33.11
CA LEU B 247 -8.18 -23.76 -34.24
C LEU B 247 -7.30 -22.57 -34.59
N ASP B 248 -6.83 -22.50 -35.83
CA ASP B 248 -5.97 -21.41 -36.28
C ASP B 248 -6.81 -20.34 -36.95
N LEU B 249 -6.82 -19.14 -36.38
CA LEU B 249 -7.65 -18.07 -36.89
C LEU B 249 -7.15 -17.62 -38.27
N PRO B 250 -8.06 -17.24 -39.16
CA PRO B 250 -7.65 -16.79 -40.49
C PRO B 250 -7.04 -15.40 -40.50
N GLY B 251 -6.83 -14.86 -41.70
CA GLY B 251 -6.16 -13.59 -41.85
C GLY B 251 -6.99 -12.36 -41.56
N SER B 252 -8.04 -12.14 -42.34
CA SER B 252 -8.85 -10.94 -42.18
C SER B 252 -9.59 -10.96 -40.84
N ARG B 253 -10.06 -9.80 -40.43
CA ARG B 253 -10.78 -9.71 -39.16
C ARG B 253 -12.19 -10.28 -39.26
N GLN B 254 -12.85 -10.10 -40.40
CA GLN B 254 -14.22 -10.59 -40.53
C GLN B 254 -14.25 -12.12 -40.59
N ALA B 255 -13.31 -12.74 -41.30
CA ALA B 255 -13.26 -14.18 -41.35
C ALA B 255 -13.00 -14.76 -39.96
N SER B 256 -12.12 -14.13 -39.20
CA SER B 256 -11.84 -14.60 -37.85
C SER B 256 -13.05 -14.42 -36.94
N ALA B 257 -13.78 -13.32 -37.08
CA ALA B 257 -14.98 -13.13 -36.29
C ALA B 257 -16.04 -14.18 -36.61
N GLU B 258 -16.17 -14.53 -37.89
CA GLU B 258 -17.13 -15.58 -38.25
C GLU B 258 -16.69 -16.93 -37.70
N ALA B 259 -15.39 -17.22 -37.72
CA ALA B 259 -14.91 -18.48 -37.16
C ALA B 259 -15.20 -18.57 -35.67
N LEU B 260 -14.93 -17.48 -34.94
CA LEU B 260 -15.21 -17.50 -33.51
C LEU B 260 -16.71 -17.56 -33.22
N GLN B 261 -17.53 -16.95 -34.06
CA GLN B 261 -18.98 -17.07 -33.89
C GLN B 261 -19.42 -18.51 -34.08
N GLY B 262 -18.86 -19.19 -35.09
CA GLY B 262 -19.18 -20.59 -35.27
C GLY B 262 -18.71 -21.45 -34.10
N LEU B 263 -17.59 -21.07 -33.49
CA LEU B 263 -17.13 -21.78 -32.29
C LEU B 263 -18.04 -21.54 -31.10
N GLN B 264 -18.64 -20.36 -31.00
CA GLN B 264 -19.49 -20.07 -29.86
C GLN B 264 -20.87 -20.68 -30.00
N GLU B 265 -21.42 -20.71 -31.21
CA GLU B 265 -22.75 -21.25 -31.42
C GLU B 265 -22.81 -22.73 -31.04
N GLY B 266 -22.07 -23.57 -31.76
CA GLY B 266 -21.92 -24.95 -31.34
C GLY B 266 -21.01 -24.99 -30.13
N LEU B 267 -21.53 -25.41 -28.98
CA LEU B 267 -20.90 -25.09 -27.70
C LEU B 267 -19.51 -25.69 -27.58
N TRP B 268 -18.49 -24.83 -27.66
CA TRP B 268 -17.10 -25.27 -27.60
C TRP B 268 -16.58 -25.34 -26.18
N LEU B 269 -16.97 -24.39 -25.33
CA LEU B 269 -16.57 -24.38 -23.93
C LEU B 269 -17.73 -24.97 -23.13
N ASP B 270 -17.74 -26.29 -23.00
CA ASP B 270 -18.77 -26.96 -22.25
C ASP B 270 -18.28 -27.16 -20.81
N ARG B 271 -18.99 -27.99 -20.06
CA ARG B 271 -18.64 -28.17 -18.65
C ARG B 271 -17.32 -28.89 -18.47
N GLY B 272 -16.83 -29.59 -19.49
CA GLY B 272 -15.64 -30.39 -19.37
C GLY B 272 -14.34 -29.68 -19.71
N THR B 273 -14.39 -28.43 -20.14
CA THR B 273 -13.18 -27.68 -20.45
C THR B 273 -12.35 -27.51 -19.18
N ARG B 274 -11.03 -27.48 -19.34
CA ARG B 274 -10.16 -27.18 -18.21
C ARG B 274 -9.17 -26.06 -18.47
N VAL B 275 -8.74 -25.85 -19.71
CA VAL B 275 -7.85 -24.75 -20.04
C VAL B 275 -8.21 -24.22 -21.41
N VAL B 276 -7.91 -22.95 -21.64
CA VAL B 276 -7.97 -22.35 -22.98
C VAL B 276 -6.74 -21.48 -23.16
N PHE B 277 -5.93 -21.81 -24.16
CA PHE B 277 -4.74 -21.05 -24.51
C PHE B 277 -5.00 -20.19 -25.74
N ILE B 278 -4.44 -19.00 -25.76
CA ILE B 278 -4.40 -18.15 -26.94
C ILE B 278 -2.96 -17.67 -27.09
N ASP B 279 -2.27 -18.16 -28.11
CA ASP B 279 -0.86 -17.83 -28.28
C ASP B 279 -0.63 -17.20 -29.64
N PHE B 280 0.21 -16.18 -29.67
CA PHE B 280 0.64 -15.59 -30.94
C PHE B 280 1.96 -14.87 -30.71
N SER B 281 2.52 -14.34 -31.80
CA SER B 281 3.86 -13.76 -31.77
C SER B 281 3.85 -12.47 -32.56
N VAL B 282 4.89 -11.67 -32.35
CA VAL B 282 4.97 -10.33 -32.90
C VAL B 282 6.44 -9.96 -33.03
N TYR B 283 6.82 -9.41 -34.18
CA TYR B 283 8.20 -9.03 -34.43
C TYR B 283 8.28 -7.55 -34.77
N ASN B 284 9.09 -6.81 -34.01
CA ASN B 284 9.35 -5.40 -34.26
C ASN B 284 10.73 -5.26 -34.87
N ALA B 285 10.83 -4.53 -35.97
CA ALA B 285 12.08 -4.44 -36.72
C ALA B 285 12.87 -3.16 -36.44
N ASN B 286 12.24 -2.15 -35.85
CA ASN B 286 12.96 -0.94 -35.47
C ASN B 286 14.05 -1.25 -34.46
N ILE B 287 13.64 -1.70 -33.28
CA ILE B 287 14.49 -2.49 -32.40
C ILE B 287 14.43 -3.89 -32.97
N ASN B 288 15.26 -4.81 -32.48
CA ASN B 288 15.27 -6.16 -33.01
C ASN B 288 14.79 -7.12 -31.91
N LEU B 289 13.48 -7.28 -31.78
CA LEU B 289 12.95 -8.04 -30.67
C LEU B 289 11.65 -8.74 -31.06
N PHE B 290 11.49 -9.98 -30.62
CA PHE B 290 10.22 -10.70 -30.67
C PHE B 290 9.49 -10.54 -29.35
N CYS B 291 8.17 -10.51 -29.41
CA CYS B 291 7.33 -10.47 -28.21
C CYS B 291 6.28 -11.57 -28.31
N ILE B 292 6.59 -12.74 -27.76
CA ILE B 292 5.70 -13.89 -27.81
C ILE B 292 4.69 -13.79 -26.69
N LEU B 293 3.41 -13.75 -27.04
CA LEU B 293 2.33 -13.63 -26.08
C LEU B 293 1.59 -14.94 -25.95
N ARG B 294 1.24 -15.30 -24.72
CA ARG B 294 0.37 -16.44 -24.45
C ARG B 294 -0.58 -16.06 -23.32
N LEU B 295 -1.87 -16.26 -23.53
CA LEU B 295 -2.90 -15.92 -22.55
C LEU B 295 -3.66 -17.19 -22.21
N VAL B 296 -3.66 -17.56 -20.93
CA VAL B 296 -4.23 -18.82 -20.47
C VAL B 296 -5.41 -18.52 -19.57
N VAL B 297 -6.49 -19.29 -19.72
CA VAL B 297 -7.63 -19.20 -18.82
C VAL B 297 -7.93 -20.61 -18.32
N GLU B 298 -8.00 -20.78 -17.00
CA GLU B 298 -8.16 -22.08 -16.40
C GLU B 298 -9.48 -22.16 -15.66
N PHE B 299 -10.27 -23.19 -15.97
CA PHE B 299 -11.58 -23.39 -15.35
C PHE B 299 -11.48 -24.56 -14.38
N PRO B 300 -11.25 -24.32 -13.10
CA PRO B 300 -11.09 -25.42 -12.15
C PRO B 300 -12.34 -26.27 -12.07
N ALA B 301 -12.19 -27.46 -11.48
CA ALA B 301 -13.33 -28.35 -11.28
C ALA B 301 -14.31 -27.81 -10.25
N THR B 302 -13.94 -26.80 -9.49
CA THR B 302 -14.81 -26.25 -8.46
C THR B 302 -15.62 -25.06 -8.93
N GLY B 303 -15.25 -24.47 -10.06
CA GLY B 303 -15.99 -23.33 -10.58
C GLY B 303 -15.15 -22.08 -10.68
N GLY B 304 -15.50 -21.20 -11.60
CA GLY B 304 -14.77 -19.96 -11.78
C GLY B 304 -13.70 -20.09 -12.84
N THR B 305 -12.96 -19.01 -13.02
CA THR B 305 -11.82 -18.98 -13.93
C THR B 305 -10.66 -18.26 -13.27
N ILE B 306 -9.45 -18.58 -13.70
CA ILE B 306 -8.23 -17.97 -13.17
C ILE B 306 -7.38 -17.47 -14.31
N PRO B 307 -7.65 -16.29 -14.88
CA PRO B 307 -6.88 -15.84 -16.04
C PRO B 307 -5.43 -15.55 -15.69
N SER B 308 -4.53 -15.99 -16.56
CA SER B 308 -3.09 -15.81 -16.40
C SER B 308 -2.49 -15.48 -17.76
N TRP B 309 -1.24 -15.06 -17.76
CA TRP B 309 -0.62 -14.61 -19.00
C TRP B 309 0.89 -14.71 -18.88
N GLN B 310 1.54 -14.93 -20.01
CA GLN B 310 3.00 -14.93 -20.09
C GLN B 310 3.42 -14.23 -21.37
N ILE B 311 4.14 -13.13 -21.22
CA ILE B 311 4.55 -12.28 -22.33
C ILE B 311 6.06 -12.20 -22.30
N ARG B 312 6.72 -12.78 -23.29
CA ARG B 312 8.17 -12.94 -23.27
C ARG B 312 8.78 -12.14 -24.42
N THR B 313 9.60 -11.16 -24.10
CA THR B 313 10.34 -10.40 -25.07
C THR B 313 11.74 -10.99 -25.18
N VAL B 314 12.10 -11.47 -26.37
CA VAL B 314 13.37 -12.15 -26.57
C VAL B 314 14.01 -11.65 -27.85
N LYS B 315 15.30 -11.95 -27.99
CA LYS B 315 16.08 -11.57 -29.17
C LYS B 315 16.60 -12.85 -29.82
N LEU B 316 15.87 -13.36 -30.81
CA LEU B 316 16.23 -14.64 -31.42
C LEU B 316 17.23 -14.44 -32.56
N ILE B 317 16.92 -13.52 -33.48
CA ILE B 317 17.88 -13.15 -34.51
C ILE B 317 18.80 -12.08 -33.95
N ARG B 318 20.08 -12.41 -33.79
CA ARG B 318 20.95 -11.56 -32.97
C ARG B 318 22.27 -11.27 -33.65
N TYR B 319 22.25 -11.04 -34.96
CA TYR B 319 23.44 -10.49 -35.64
C TYR B 319 22.92 -9.64 -36.80
N VAL B 320 22.76 -8.35 -36.56
CA VAL B 320 22.18 -7.46 -37.56
C VAL B 320 23.12 -6.30 -37.86
N ASN B 321 23.40 -5.47 -36.87
CA ASN B 321 24.14 -4.23 -37.08
C ASN B 321 25.64 -4.48 -36.89
N ASN B 322 26.41 -3.39 -36.80
CA ASN B 322 27.85 -3.50 -36.67
C ASN B 322 28.28 -3.75 -35.22
N TRP B 323 27.45 -3.36 -34.26
CA TRP B 323 27.78 -3.60 -32.86
C TRP B 323 27.70 -5.07 -32.52
N ASP B 324 26.79 -5.81 -33.15
CA ASP B 324 26.67 -7.25 -32.92
C ASP B 324 27.70 -8.05 -33.68
N PHE B 325 28.38 -7.46 -34.65
CA PHE B 325 29.53 -8.13 -35.28
C PHE B 325 30.79 -8.00 -34.45
N PHE B 326 30.71 -7.37 -33.29
CA PHE B 326 31.83 -7.28 -32.36
C PHE B 326 31.75 -8.35 -31.29
N ILE B 327 30.54 -8.74 -30.89
CA ILE B 327 30.35 -9.78 -29.90
C ILE B 327 30.73 -11.16 -30.41
N VAL B 328 30.85 -11.31 -31.73
CA VAL B 328 31.20 -12.61 -32.31
C VAL B 328 32.69 -12.83 -32.12
N GLY B 329 33.38 -11.85 -31.55
CA GLY B 329 34.76 -12.03 -31.14
C GLY B 329 34.86 -12.38 -29.66
N CYS B 330 34.00 -11.74 -28.86
CA CYS B 330 33.95 -12.07 -27.45
C CYS B 330 33.50 -13.51 -27.24
N GLU B 331 32.61 -14.02 -28.11
CA GLU B 331 32.21 -15.42 -28.00
C GLU B 331 33.39 -16.34 -28.24
N VAL B 332 34.26 -16.00 -29.20
CA VAL B 332 35.42 -16.84 -29.49
C VAL B 332 36.40 -16.82 -28.32
N VAL B 333 36.70 -15.63 -27.79
CA VAL B 333 37.61 -15.61 -26.64
C VAL B 333 36.98 -16.29 -25.45
N PHE B 334 35.64 -16.31 -25.37
CA PHE B 334 34.98 -16.99 -24.26
C PHE B 334 35.15 -18.50 -24.35
N CYS B 335 34.97 -19.08 -25.54
CA CYS B 335 35.18 -20.52 -25.62
C CYS B 335 36.65 -20.87 -25.46
N VAL B 336 37.57 -19.99 -25.87
CA VAL B 336 38.98 -20.24 -25.61
C VAL B 336 39.26 -20.23 -24.11
N PHE B 337 38.62 -19.32 -23.38
CA PHE B 337 38.81 -19.28 -21.92
C PHE B 337 38.23 -20.53 -21.26
N ILE B 338 37.10 -21.02 -21.75
CA ILE B 338 36.52 -22.23 -21.19
C ILE B 338 37.45 -23.41 -21.41
N PHE B 339 38.04 -23.51 -22.61
CA PHE B 339 39.01 -24.57 -22.86
C PHE B 339 40.20 -24.44 -21.92
N TYR B 340 40.71 -23.23 -21.73
CA TYR B 340 41.85 -23.04 -20.84
C TYR B 340 41.53 -23.44 -19.40
N TYR B 341 40.35 -23.05 -18.92
CA TYR B 341 40.01 -23.36 -17.54
C TYR B 341 39.75 -24.84 -17.34
N VAL B 342 39.19 -25.53 -18.34
CA VAL B 342 39.01 -26.97 -18.15
C VAL B 342 40.34 -27.70 -18.22
N VAL B 343 41.28 -27.23 -19.05
CA VAL B 343 42.58 -27.88 -19.07
C VAL B 343 43.40 -27.53 -17.85
N GLU B 344 43.03 -26.47 -17.13
CA GLU B 344 43.67 -26.20 -15.85
C GLU B 344 43.08 -27.04 -14.73
N GLU B 345 41.75 -27.25 -14.76
CA GLU B 345 41.12 -28.08 -13.75
C GLU B 345 41.57 -29.53 -13.88
N ILE B 346 41.73 -30.03 -15.11
CA ILE B 346 42.24 -31.38 -15.28
C ILE B 346 43.62 -31.51 -14.65
N LEU B 347 44.48 -30.52 -14.87
CA LEU B 347 45.82 -30.54 -14.27
C LEU B 347 45.73 -30.60 -12.75
N GLU B 348 45.06 -29.62 -12.15
CA GLU B 348 45.02 -29.58 -10.69
C GLU B 348 44.14 -30.67 -10.08
N ILE B 349 43.49 -31.50 -10.91
CA ILE B 349 42.94 -32.77 -10.46
C ILE B 349 43.99 -33.87 -10.50
N HIS B 350 44.85 -33.85 -11.52
CA HIS B 350 45.86 -34.90 -11.67
C HIS B 350 46.89 -34.90 -10.54
N LEU B 351 47.01 -33.82 -9.79
CA LEU B 351 48.00 -33.73 -8.73
C LEU B 351 47.41 -33.83 -7.33
N HIS B 352 46.09 -33.80 -7.19
CA HIS B 352 45.40 -33.88 -5.91
C HIS B 352 44.35 -34.98 -5.96
N ARG B 353 44.77 -36.17 -6.41
CA ARG B 353 43.91 -37.23 -6.92
C ARG B 353 42.53 -37.31 -6.27
N LEU B 354 42.48 -37.24 -4.93
CA LEU B 354 41.20 -37.16 -4.24
C LEU B 354 41.13 -36.01 -3.24
N ARG B 355 42.27 -35.45 -2.84
CA ARG B 355 42.26 -34.22 -2.06
C ARG B 355 41.70 -33.03 -2.83
N TYR B 356 41.27 -33.24 -4.06
CA TYR B 356 40.73 -32.17 -4.89
C TYR B 356 39.38 -31.69 -4.36
N LEU B 357 38.58 -32.59 -3.81
CA LEU B 357 37.26 -32.22 -3.28
C LEU B 357 37.31 -31.85 -1.80
N SER B 358 38.22 -30.94 -1.47
CA SER B 358 38.27 -30.35 -0.14
C SER B 358 38.52 -28.84 -0.25
N SER B 359 38.21 -28.25 -1.40
CA SER B 359 38.61 -26.91 -1.77
C SER B 359 37.40 -26.21 -2.40
N VAL B 360 36.31 -26.10 -1.62
CA VAL B 360 34.96 -25.84 -2.10
C VAL B 360 34.92 -24.86 -3.28
N TRP B 361 35.87 -23.94 -3.35
CA TRP B 361 36.04 -23.15 -4.57
C TRP B 361 36.14 -24.02 -5.81
N ASN B 362 36.64 -25.25 -5.68
CA ASN B 362 36.72 -26.13 -6.83
C ASN B 362 35.34 -26.58 -7.29
N ILE B 363 34.42 -26.79 -6.36
CA ILE B 363 33.04 -27.09 -6.72
C ILE B 363 32.45 -25.93 -7.52
N LEU B 364 32.72 -24.70 -7.11
CA LEU B 364 32.24 -23.54 -7.86
C LEU B 364 32.86 -23.48 -9.24
N ASP B 365 34.14 -23.82 -9.36
CA ASP B 365 34.78 -23.84 -10.67
C ASP B 365 34.11 -24.86 -11.59
N LEU B 366 33.84 -26.05 -11.07
CA LEU B 366 33.17 -27.06 -11.86
C LEU B 366 31.77 -26.59 -12.28
N VAL B 367 31.04 -25.96 -11.37
CA VAL B 367 29.70 -25.49 -11.69
C VAL B 367 29.75 -24.44 -12.80
N VAL B 368 30.68 -23.50 -12.69
CA VAL B 368 30.78 -22.45 -13.70
C VAL B 368 31.14 -23.05 -15.06
N ILE B 369 32.06 -24.01 -15.08
CA ILE B 369 32.43 -24.64 -16.34
C ILE B 369 31.24 -25.36 -16.96
N LEU B 370 30.46 -26.07 -16.14
CA LEU B 370 29.30 -26.79 -16.66
C LEU B 370 28.27 -25.83 -17.25
N LEU B 371 27.97 -24.74 -16.53
CA LEU B 371 27.00 -23.79 -17.03
C LEU B 371 27.49 -23.14 -18.32
N SER B 372 28.80 -22.88 -18.43
CA SER B 372 29.31 -22.30 -19.66
C SER B 372 29.18 -23.26 -20.84
N ILE B 373 29.44 -24.55 -20.60
CA ILE B 373 29.31 -25.52 -21.69
C ILE B 373 27.86 -25.62 -22.15
N VAL B 374 26.91 -25.62 -21.21
CA VAL B 374 25.51 -25.67 -21.59
C VAL B 374 25.12 -24.43 -22.38
N ALA B 375 25.61 -23.26 -21.96
CA ALA B 375 25.32 -22.03 -22.69
C ALA B 375 25.97 -22.02 -24.06
N VAL B 376 27.05 -22.77 -24.25
CA VAL B 376 27.63 -22.87 -25.60
C VAL B 376 26.77 -23.78 -26.48
N GLY B 377 26.25 -24.87 -25.92
CA GLY B 377 25.44 -25.77 -26.73
C GLY B 377 24.10 -25.16 -27.15
N PHE B 378 23.50 -24.37 -26.25
CA PHE B 378 22.22 -23.78 -26.59
C PHE B 378 22.31 -22.82 -27.78
N HIS B 379 23.47 -22.23 -28.03
CA HIS B 379 23.60 -21.35 -29.19
C HIS B 379 23.38 -22.12 -30.49
N ILE B 380 24.06 -23.26 -30.63
CA ILE B 380 23.86 -24.08 -31.81
C ILE B 380 22.40 -24.50 -31.93
N PHE B 381 21.82 -24.94 -30.81
CA PHE B 381 20.43 -25.37 -30.88
C PHE B 381 19.52 -24.24 -31.37
N ARG B 382 19.71 -23.04 -30.82
CA ARG B 382 18.80 -21.96 -31.16
C ARG B 382 19.00 -21.49 -32.60
N THR B 383 20.23 -21.48 -33.07
CA THR B 383 20.46 -21.14 -34.47
C THR B 383 19.69 -22.07 -35.38
N LEU B 384 19.83 -23.38 -35.17
CA LEU B 384 19.13 -24.33 -36.02
C LEU B 384 17.62 -24.14 -35.92
N GLU B 385 17.10 -23.97 -34.71
CA GLU B 385 15.65 -23.90 -34.54
C GLU B 385 15.07 -22.65 -35.17
N VAL B 386 15.73 -21.50 -35.03
CA VAL B 386 15.17 -20.28 -35.59
C VAL B 386 15.28 -20.30 -37.11
N ASN B 387 16.33 -20.92 -37.66
CA ASN B 387 16.37 -21.09 -39.11
C ASN B 387 15.18 -21.91 -39.59
N ARG B 388 14.91 -23.03 -38.92
CA ARG B 388 13.79 -23.87 -39.31
C ARG B 388 12.47 -23.10 -39.22
N LEU B 389 12.28 -22.32 -38.15
CA LEU B 389 11.04 -21.61 -37.96
C LEU B 389 10.84 -20.55 -39.03
N MET B 390 11.88 -19.78 -39.36
CA MET B 390 11.73 -18.76 -40.40
C MET B 390 11.45 -19.41 -41.76
N GLY B 391 12.11 -20.53 -42.06
CA GLY B 391 11.82 -21.21 -43.31
C GLY B 391 10.37 -21.66 -43.40
N LYS B 392 9.90 -22.33 -42.35
CA LYS B 392 8.51 -22.80 -42.34
C LYS B 392 7.53 -21.64 -42.37
N LEU B 393 7.92 -20.49 -41.83
CA LEU B 393 7.02 -19.34 -41.81
C LEU B 393 6.92 -18.69 -43.17
N LEU B 394 8.01 -18.65 -43.93
CA LEU B 394 7.94 -18.02 -45.23
C LEU B 394 7.45 -18.96 -46.32
N GLN B 395 7.59 -20.28 -46.14
CA GLN B 395 7.13 -21.19 -47.20
C GLN B 395 5.60 -21.32 -47.17
N GLN B 396 5.02 -21.55 -46.01
CA GLN B 396 3.56 -21.65 -45.87
C GLN B 396 3.05 -20.68 -44.82
N PRO B 397 2.53 -19.52 -45.21
CA PRO B 397 1.91 -18.62 -44.23
C PRO B 397 0.55 -19.17 -43.82
N ASP B 398 -0.20 -18.39 -43.06
CA ASP B 398 -1.56 -18.75 -42.65
C ASP B 398 -1.58 -20.00 -41.78
N THR B 399 -0.49 -20.26 -41.06
CA THR B 399 -0.42 -21.39 -40.15
C THR B 399 0.41 -21.01 -38.94
N TYR B 400 0.12 -21.64 -37.82
CA TYR B 400 0.74 -21.26 -36.55
C TYR B 400 2.20 -21.67 -36.53
N ALA B 401 3.09 -20.69 -36.40
CA ALA B 401 4.52 -20.94 -36.28
C ALA B 401 4.88 -20.96 -34.80
N ASP B 402 5.28 -22.14 -34.31
CA ASP B 402 5.45 -22.36 -32.88
C ASP B 402 6.70 -21.67 -32.34
N PHE B 403 6.53 -20.44 -31.85
CA PHE B 403 7.63 -19.68 -31.28
C PHE B 403 7.70 -19.77 -29.77
N GLU B 404 6.79 -20.49 -29.13
CA GLU B 404 6.72 -20.45 -27.67
C GLU B 404 7.75 -21.36 -27.03
N PHE B 405 7.99 -22.53 -27.63
CA PHE B 405 9.08 -23.39 -27.17
C PHE B 405 10.40 -22.63 -27.14
N LEU B 406 10.71 -21.97 -28.26
CA LEU B 406 11.98 -21.27 -28.37
C LEU B 406 12.05 -20.09 -27.41
N ALA B 407 10.96 -19.36 -27.24
CA ALA B 407 10.97 -18.23 -26.32
C ALA B 407 11.17 -18.68 -24.88
N PHE B 408 10.48 -19.75 -24.49
CA PHE B 408 10.65 -20.26 -23.12
C PHE B 408 12.07 -20.68 -22.88
N TRP B 409 12.65 -21.47 -23.79
CA TRP B 409 14.01 -21.93 -23.54
C TRP B 409 15.01 -20.80 -23.64
N GLN B 410 14.73 -19.77 -24.42
CA GLN B 410 15.62 -18.62 -24.45
C GLN B 410 15.60 -17.87 -23.13
N THR B 411 14.43 -17.68 -22.52
CA THR B 411 14.43 -17.01 -21.23
C THR B 411 15.09 -17.87 -20.16
N GLN B 412 14.94 -19.19 -20.22
CA GLN B 412 15.67 -20.04 -19.28
C GLN B 412 17.17 -19.90 -19.47
N TYR B 413 17.62 -19.79 -20.72
CA TYR B 413 19.04 -19.58 -20.99
C TYR B 413 19.51 -18.25 -20.43
N ASN B 414 18.69 -17.21 -20.54
CA ASN B 414 19.06 -15.92 -19.96
C ASN B 414 19.17 -16.00 -18.44
N ASN B 415 18.24 -16.71 -17.80
CA ASN B 415 18.31 -16.84 -16.33
C ASN B 415 19.55 -17.62 -15.91
N MET B 416 19.88 -18.68 -16.64
CA MET B 416 21.09 -19.43 -16.34
C MET B 416 22.33 -18.57 -16.51
N ASN B 417 22.35 -17.73 -17.54
CA ASN B 417 23.48 -16.82 -17.71
C ASN B 417 23.59 -15.83 -16.57
N ALA B 418 22.45 -15.32 -16.09
CA ALA B 418 22.49 -14.40 -14.96
C ALA B 418 23.08 -15.06 -13.72
N VAL B 419 22.64 -16.28 -13.43
CA VAL B 419 23.15 -16.97 -12.24
C VAL B 419 24.64 -17.28 -12.41
N ASN B 420 25.05 -17.71 -13.60
CA ASN B 420 26.46 -17.99 -13.84
C ASN B 420 27.31 -16.74 -13.69
N LEU B 421 26.78 -15.59 -14.12
CA LEU B 421 27.52 -14.34 -13.95
C LEU B 421 27.64 -13.96 -12.48
N PHE B 422 26.57 -14.15 -11.71
CA PHE B 422 26.64 -13.91 -10.28
C PHE B 422 27.72 -14.76 -9.62
N PHE B 423 27.78 -16.04 -9.99
CA PHE B 423 28.82 -16.91 -9.44
C PHE B 423 30.20 -16.46 -9.85
N ALA B 424 30.40 -16.11 -11.13
CA ALA B 424 31.71 -15.67 -11.58
C ALA B 424 32.12 -14.37 -10.90
N TRP B 425 31.15 -13.58 -10.45
CA TRP B 425 31.48 -12.36 -9.72
C TRP B 425 31.92 -12.66 -8.31
N ILE B 426 31.16 -13.49 -7.58
CA ILE B 426 31.55 -13.77 -6.19
C ILE B 426 32.71 -14.74 -6.13
N LYS B 427 33.17 -15.24 -7.28
CA LYS B 427 34.38 -16.05 -7.27
C LYS B 427 35.65 -15.22 -7.15
N ILE B 428 35.52 -13.90 -7.01
CA ILE B 428 36.70 -13.05 -6.82
C ILE B 428 37.38 -13.32 -5.49
N PHE B 429 36.63 -13.67 -4.45
CA PHE B 429 37.18 -13.90 -3.13
C PHE B 429 38.07 -15.13 -3.07
N LYS B 430 38.29 -15.77 -4.21
CA LYS B 430 39.21 -16.89 -4.29
C LYS B 430 40.64 -16.45 -4.54
N TYR B 431 40.85 -15.27 -5.11
CA TYR B 431 42.18 -14.71 -5.31
C TYR B 431 42.48 -13.59 -4.32
N ILE B 432 41.64 -12.56 -4.30
CA ILE B 432 41.80 -11.43 -3.40
C ILE B 432 41.21 -11.81 -2.06
N SER B 433 42.06 -12.09 -1.08
CA SER B 433 41.60 -12.46 0.25
C SER B 433 42.00 -11.41 1.27
N PHE B 434 41.03 -11.05 2.11
CA PHE B 434 41.22 -10.13 3.22
C PHE B 434 41.45 -10.92 4.50
N ASN B 435 42.04 -10.26 5.50
CA ASN B 435 42.56 -11.01 6.64
C ASN B 435 41.45 -11.52 7.56
N LYS B 436 40.76 -10.60 8.24
CA LYS B 436 39.73 -10.99 9.18
C LYS B 436 38.56 -10.01 9.11
N THR B 437 38.24 -9.54 7.92
CA THR B 437 37.22 -8.49 7.79
C THR B 437 35.84 -8.97 8.23
N MET B 438 35.25 -9.91 7.49
CA MET B 438 33.98 -10.52 7.89
C MET B 438 34.24 -11.92 8.44
N THR B 439 34.97 -11.98 9.55
CA THR B 439 35.23 -13.22 10.25
C THR B 439 34.79 -13.18 11.70
N GLN B 440 34.41 -12.01 12.22
CA GLN B 440 34.09 -11.88 13.64
C GLN B 440 32.80 -12.59 14.02
N LEU B 441 32.05 -13.14 13.08
CA LEU B 441 30.89 -13.96 13.40
C LEU B 441 31.17 -15.45 13.23
N SER B 442 31.81 -15.84 12.14
CA SER B 442 32.18 -17.24 11.95
C SER B 442 33.11 -17.69 13.07
N SER B 443 33.96 -16.80 13.57
CA SER B 443 34.79 -17.12 14.71
C SER B 443 33.97 -17.28 15.98
N THR B 444 32.83 -16.58 16.06
CA THR B 444 31.97 -16.73 17.23
C THR B 444 31.15 -18.02 17.15
N LEU B 445 30.58 -18.32 15.99
CA LEU B 445 29.77 -19.52 15.84
C LEU B 445 30.63 -20.78 15.90
N ALA B 446 31.92 -20.68 15.59
CA ALA B 446 32.77 -21.86 15.64
C ALA B 446 33.04 -22.31 17.07
N ARG B 447 32.96 -21.39 18.03
CA ARG B 447 33.23 -21.70 19.43
C ARG B 447 31.94 -21.95 20.22
N CYS B 448 30.96 -21.07 20.07
CA CYS B 448 29.71 -21.11 20.83
C CYS B 448 28.60 -21.76 20.02
N ALA B 449 28.93 -22.80 19.26
CA ALA B 449 28.00 -23.36 18.28
C ALA B 449 26.79 -24.03 18.90
N LYS B 450 26.85 -24.42 20.18
CA LYS B 450 25.82 -25.29 20.71
C LYS B 450 24.54 -24.51 21.02
N ASP B 451 24.61 -23.51 21.89
CA ASP B 451 23.43 -22.73 22.23
C ASP B 451 23.08 -21.69 21.18
N ILE B 452 23.72 -21.72 20.01
CA ILE B 452 23.33 -20.84 18.90
C ILE B 452 23.03 -21.60 17.61
N LEU B 453 23.52 -22.85 17.52
CA LEU B 453 23.22 -23.71 16.34
C LEU B 453 21.98 -24.53 16.68
N GLY B 454 22.03 -25.26 17.81
CA GLY B 454 20.90 -26.07 18.28
C GLY B 454 19.70 -25.22 18.62
N PHE B 455 19.93 -24.02 19.17
CA PHE B 455 18.82 -23.09 19.51
C PHE B 455 18.11 -22.70 18.22
N ALA B 456 18.88 -22.41 17.17
CA ALA B 456 18.33 -22.04 15.85
C ALA B 456 17.53 -23.23 15.30
N ILE B 457 18.06 -24.45 15.49
CA ILE B 457 17.35 -25.68 15.02
C ILE B 457 16.00 -25.76 15.74
N MET B 458 15.99 -25.50 17.06
CA MET B 458 14.76 -25.53 17.88
C MET B 458 13.76 -24.49 17.35
N PHE B 459 14.25 -23.28 17.03
CA PHE B 459 13.39 -22.20 16.49
C PHE B 459 12.77 -22.66 15.17
N PHE B 460 13.57 -23.31 14.32
CA PHE B 460 13.10 -23.84 13.01
C PHE B 460 12.00 -24.88 13.24
N ILE B 461 12.20 -25.74 14.25
CA ILE B 461 11.22 -26.83 14.57
C ILE B 461 9.93 -26.21 15.12
N VAL B 462 10.05 -25.08 15.83
CA VAL B 462 8.87 -24.40 16.44
C VAL B 462 8.19 -23.51 15.40
N PHE B 463 8.84 -23.27 14.26
CA PHE B 463 8.27 -22.42 13.19
C PHE B 463 7.24 -23.21 12.37
N PHE B 464 7.70 -24.31 11.76
CA PHE B 464 6.87 -25.17 10.92
C PHE B 464 5.55 -25.52 11.60
N ALA B 465 5.55 -25.66 12.93
CA ALA B 465 4.30 -25.85 13.64
C ALA B 465 3.36 -24.68 13.42
N TYR B 466 3.90 -23.46 13.48
CA TYR B 466 3.06 -22.28 13.25
C TYR B 466 2.59 -22.19 11.81
N ALA B 467 3.44 -22.58 10.87
CA ALA B 467 3.01 -22.61 9.47
C ALA B 467 1.82 -23.55 9.29
N GLN B 468 1.90 -24.74 9.88
CA GLN B 468 0.81 -25.69 9.74
C GLN B 468 -0.45 -25.20 10.47
N LEU B 469 -0.28 -24.57 11.63
CA LEU B 469 -1.43 -24.05 12.35
C LEU B 469 -2.12 -22.95 11.56
N GLY B 470 -1.34 -22.06 10.94
CA GLY B 470 -1.93 -21.03 10.11
C GLY B 470 -2.60 -21.59 8.89
N TYR B 471 -2.08 -22.69 8.34
CA TYR B 471 -2.75 -23.33 7.22
C TYR B 471 -4.04 -24.01 7.66
N LEU B 472 -4.11 -24.43 8.92
CA LEU B 472 -5.33 -25.07 9.42
C LEU B 472 -6.42 -24.05 9.69
N LEU B 473 -6.14 -23.06 10.55
CA LEU B 473 -7.17 -22.11 10.94
C LEU B 473 -7.70 -21.33 9.74
N PHE B 474 -6.84 -20.55 9.12
CA PHE B 474 -7.15 -19.88 7.86
C PHE B 474 -6.83 -20.85 6.74
N GLY B 475 -6.74 -20.38 5.50
CA GLY B 475 -6.38 -21.24 4.40
C GLY B 475 -7.53 -21.70 3.56
N THR B 476 -8.76 -21.43 3.98
CA THR B 476 -9.91 -21.53 3.11
C THR B 476 -10.51 -20.17 2.78
N GLN B 477 -10.15 -19.14 3.52
CA GLN B 477 -10.57 -17.77 3.24
C GLN B 477 -9.43 -16.90 2.76
N VAL B 478 -8.30 -16.92 3.46
CA VAL B 478 -7.14 -16.14 3.02
C VAL B 478 -6.41 -16.90 1.93
N GLU B 479 -5.65 -16.16 1.12
CA GLU B 479 -4.87 -16.77 0.05
C GLU B 479 -3.43 -17.01 0.44
N ASN B 480 -2.83 -16.10 1.20
CA ASN B 480 -1.44 -16.29 1.64
C ASN B 480 -1.27 -17.54 2.47
N PHE B 481 -2.35 -18.08 3.03
CA PHE B 481 -2.29 -19.31 3.80
C PHE B 481 -2.90 -20.49 3.05
N SER B 482 -3.00 -20.40 1.73
CA SER B 482 -3.73 -21.40 0.96
C SER B 482 -2.99 -22.73 0.91
N THR B 483 -1.66 -22.70 0.78
CA THR B 483 -0.85 -23.89 0.76
C THR B 483 0.21 -23.80 1.83
N PHE B 484 1.03 -24.85 1.95
CA PHE B 484 2.05 -24.87 3.00
C PHE B 484 3.18 -23.90 2.67
N VAL B 485 3.67 -23.94 1.42
CA VAL B 485 4.75 -23.04 1.02
C VAL B 485 4.32 -21.59 1.17
N LYS B 486 3.06 -21.31 0.88
CA LYS B 486 2.57 -19.94 1.01
C LYS B 486 2.51 -19.52 2.47
N CYS B 487 2.20 -20.45 3.37
CA CYS B 487 2.25 -20.13 4.79
C CYS B 487 3.68 -19.84 5.24
N ILE B 488 4.63 -20.66 4.77
CA ILE B 488 6.02 -20.45 5.14
C ILE B 488 6.48 -19.06 4.72
N PHE B 489 6.22 -18.71 3.45
CA PHE B 489 6.70 -17.41 2.98
C PHE B 489 5.90 -16.26 3.59
N THR B 490 4.63 -16.48 3.94
CA THR B 490 3.87 -15.44 4.61
C THR B 490 4.43 -15.16 5.99
N GLN B 491 4.85 -16.19 6.71
CA GLN B 491 5.46 -15.96 8.01
C GLN B 491 6.81 -15.28 7.88
N PHE B 492 7.63 -15.73 6.93
CA PHE B 492 8.90 -15.07 6.70
C PHE B 492 8.72 -13.62 6.33
N ARG B 493 7.62 -13.28 5.68
CA ARG B 493 7.35 -11.88 5.38
C ARG B 493 6.75 -11.14 6.57
N ILE B 494 6.07 -11.85 7.47
CA ILE B 494 5.63 -11.22 8.72
C ILE B 494 6.82 -10.74 9.50
N ILE B 495 7.90 -11.53 9.54
CA ILE B 495 9.09 -11.13 10.28
C ILE B 495 9.61 -9.79 9.78
N LEU B 496 9.68 -9.61 8.46
CA LEU B 496 10.20 -8.38 7.88
C LEU B 496 9.21 -7.22 7.94
N GLY B 497 8.04 -7.41 8.55
CA GLY B 497 7.08 -6.34 8.61
C GLY B 497 6.38 -6.06 7.30
N ASP B 498 5.63 -7.04 6.81
CA ASP B 498 4.85 -6.89 5.58
C ASP B 498 3.69 -7.87 5.70
N PHE B 499 2.51 -7.34 6.04
CA PHE B 499 1.39 -8.20 6.36
C PHE B 499 0.11 -7.40 6.32
N ASP B 500 -1.01 -8.10 6.12
CA ASP B 500 -2.34 -7.50 6.10
C ASP B 500 -3.16 -8.26 7.15
N TYR B 501 -3.20 -7.73 8.38
CA TYR B 501 -3.82 -8.46 9.47
C TYR B 501 -5.34 -8.49 9.37
N ASN B 502 -5.95 -7.54 8.68
CA ASN B 502 -7.40 -7.52 8.58
C ASN B 502 -7.94 -8.79 7.94
N ALA B 503 -7.19 -9.40 7.02
CA ALA B 503 -7.67 -10.61 6.37
C ALA B 503 -7.81 -11.76 7.35
N ILE B 504 -6.76 -12.03 8.11
CA ILE B 504 -6.83 -13.12 9.09
C ILE B 504 -7.70 -12.73 10.27
N ASP B 505 -7.99 -11.44 10.45
CA ASP B 505 -8.95 -11.07 11.47
C ASP B 505 -10.38 -11.38 11.04
N ASN B 506 -10.72 -11.07 9.80
CA ASN B 506 -12.04 -11.42 9.29
C ASN B 506 -12.21 -12.92 9.16
N ALA B 507 -11.15 -13.64 8.83
CA ALA B 507 -11.26 -15.10 8.68
C ALA B 507 -11.64 -15.76 9.99
N ASN B 508 -11.13 -15.23 11.11
CA ASN B 508 -11.44 -15.79 12.42
C ASN B 508 -11.22 -14.68 13.44
N ARG B 509 -12.27 -14.34 14.19
CA ARG B 509 -12.21 -13.20 15.09
C ARG B 509 -11.73 -13.55 16.49
N ILE B 510 -11.43 -14.81 16.77
CA ILE B 510 -10.94 -15.24 18.07
C ILE B 510 -9.54 -15.84 17.99
N LEU B 511 -9.28 -16.67 16.99
CA LEU B 511 -7.98 -17.30 16.85
C LEU B 511 -7.01 -16.49 16.00
N GLY B 512 -7.50 -15.54 15.22
CA GLY B 512 -6.65 -14.64 14.48
C GLY B 512 -5.73 -13.83 15.38
N PRO B 513 -6.31 -13.07 16.31
CA PRO B 513 -5.46 -12.31 17.25
C PRO B 513 -4.53 -13.19 18.06
N VAL B 514 -5.00 -14.33 18.52
CA VAL B 514 -4.16 -15.25 19.28
C VAL B 514 -2.95 -15.67 18.45
N TYR B 515 -3.21 -16.19 17.25
CA TYR B 515 -2.13 -16.60 16.36
C TYR B 515 -1.13 -15.46 16.18
N PHE B 516 -1.62 -14.27 15.83
CA PHE B 516 -0.72 -13.18 15.51
C PHE B 516 0.14 -12.79 16.71
N VAL B 517 -0.48 -12.54 17.87
CA VAL B 517 0.29 -12.00 18.99
C VAL B 517 1.23 -13.05 19.56
N THR B 518 0.82 -14.33 19.60
CA THR B 518 1.74 -15.33 20.12
C THR B 518 2.89 -15.55 19.15
N TYR B 519 2.65 -15.48 17.84
CA TYR B 519 3.75 -15.59 16.89
C TYR B 519 4.74 -14.45 17.07
N VAL B 520 4.23 -13.22 17.23
CA VAL B 520 5.12 -12.07 17.39
C VAL B 520 5.93 -12.21 18.67
N PHE B 521 5.29 -12.61 19.77
CA PHE B 521 6.03 -12.76 21.02
C PHE B 521 7.07 -13.86 20.90
N PHE B 522 6.76 -14.93 20.19
CA PHE B 522 7.72 -16.02 20.04
C PHE B 522 8.95 -15.57 19.25
N VAL B 523 8.74 -14.88 18.14
CA VAL B 523 9.90 -14.46 17.34
C VAL B 523 10.73 -13.42 18.09
N PHE B 524 10.07 -12.54 18.85
CA PHE B 524 10.80 -11.59 19.67
C PHE B 524 11.64 -12.31 20.72
N PHE B 525 11.05 -13.29 21.39
CA PHE B 525 11.77 -14.06 22.40
C PHE B 525 12.99 -14.74 21.79
N VAL B 526 12.83 -15.35 20.62
CA VAL B 526 13.93 -16.09 20.02
C VAL B 526 15.06 -15.15 19.63
N LEU B 527 14.75 -14.06 18.94
CA LEU B 527 15.84 -13.17 18.53
C LEU B 527 16.48 -12.47 19.72
N LEU B 528 15.71 -12.20 20.77
CA LEU B 528 16.30 -11.61 21.97
C LEU B 528 17.27 -12.59 22.64
N ASN B 529 16.86 -13.86 22.75
CA ASN B 529 17.78 -14.86 23.33
C ASN B 529 19.05 -14.96 22.50
N MET B 530 18.92 -14.94 21.18
CA MET B 530 20.11 -15.04 20.34
C MET B 530 21.02 -13.83 20.52
N PHE B 531 20.45 -12.63 20.57
CA PHE B 531 21.27 -11.44 20.76
C PHE B 531 21.95 -11.44 22.13
N LEU B 532 21.26 -11.92 23.16
CA LEU B 532 21.89 -12.00 24.47
C LEU B 532 23.04 -13.00 24.47
N ALA B 533 22.82 -14.18 23.90
CA ALA B 533 23.90 -15.17 23.84
C ALA B 533 25.04 -14.69 22.96
N ILE B 534 24.78 -13.76 22.04
CA ILE B 534 25.86 -13.25 21.20
C ILE B 534 26.65 -12.19 21.94
N ILE B 535 26.00 -11.29 22.66
CA ILE B 535 26.74 -10.19 23.26
C ILE B 535 27.38 -10.61 24.59
N ASN B 536 26.77 -11.51 25.36
CA ASN B 536 27.43 -11.93 26.58
C ASN B 536 28.44 -13.03 26.35
N ASP B 537 28.72 -13.39 25.10
CA ASP B 537 29.79 -14.31 24.80
C ASP B 537 31.13 -13.60 24.65
N THR B 538 31.13 -12.38 24.10
CA THR B 538 32.36 -11.63 23.97
C THR B 538 32.97 -11.25 25.31
N TYR B 539 32.14 -11.08 26.34
CA TYR B 539 32.61 -10.71 27.67
C TYR B 539 32.79 -11.92 28.57
N SER B 540 32.97 -13.11 28.00
CA SER B 540 32.95 -14.32 28.81
C SER B 540 34.24 -14.48 29.61
N GLU B 541 35.35 -14.72 28.93
CA GLU B 541 36.63 -14.84 29.61
C GLU B 541 37.78 -14.16 28.89
N VAL B 542 37.61 -13.71 27.65
CA VAL B 542 38.68 -13.09 26.89
C VAL B 542 39.01 -11.71 27.46
N GLU C 69 13.77 -6.91 42.45
CA GLU C 69 12.87 -8.05 42.62
C GLU C 69 11.43 -7.58 42.69
N LEU C 70 10.50 -8.53 42.62
CA LEU C 70 9.08 -8.21 42.68
C LEU C 70 8.68 -8.01 44.14
N TYR C 71 8.59 -6.75 44.55
CA TYR C 71 8.20 -6.43 45.92
C TYR C 71 7.39 -5.15 45.90
N VAL C 72 6.39 -5.09 46.78
CA VAL C 72 5.57 -3.89 46.89
C VAL C 72 6.40 -2.75 47.47
N LYS C 73 6.29 -1.58 46.86
CA LYS C 73 6.96 -0.39 47.36
C LYS C 73 6.17 0.20 48.52
N THR C 74 6.39 1.48 48.79
CA THR C 74 6.28 2.13 50.09
C THR C 74 5.27 1.53 51.07
N THR C 75 4.00 1.41 50.68
CA THR C 75 2.98 1.01 51.64
C THR C 75 1.97 0.09 50.95
N LEU C 76 1.24 -0.66 51.76
CA LEU C 76 0.15 -1.50 51.30
C LEU C 76 -1.20 -0.80 51.39
N ARG C 77 -1.26 0.40 51.95
CA ARG C 77 -2.49 1.19 51.99
C ARG C 77 -2.61 2.06 50.74
N GLU C 78 -1.60 2.88 50.47
CA GLU C 78 -1.65 3.76 49.31
C GLU C 78 -1.77 2.96 48.03
N LEU C 79 -1.18 1.77 47.97
CA LEU C 79 -1.30 0.95 46.77
C LEU C 79 -2.75 0.54 46.52
N VAL C 80 -3.44 0.10 47.57
CA VAL C 80 -4.82 -0.34 47.39
C VAL C 80 -5.73 0.83 47.06
N VAL C 81 -5.55 1.96 47.75
CA VAL C 81 -6.42 3.09 47.45
C VAL C 81 -6.15 3.61 46.04
N TYR C 82 -4.91 3.52 45.56
CA TYR C 82 -4.64 3.96 44.21
C TYR C 82 -5.19 2.99 43.18
N ILE C 83 -5.16 1.69 43.48
CA ILE C 83 -5.78 0.73 42.57
C ILE C 83 -7.27 1.02 42.44
N VAL C 84 -7.93 1.34 43.56
CA VAL C 84 -9.34 1.70 43.51
C VAL C 84 -9.54 2.95 42.67
N PHE C 85 -8.69 3.96 42.87
CA PHE C 85 -8.83 5.19 42.10
C PHE C 85 -8.62 4.95 40.61
N LEU C 86 -7.70 4.06 40.27
CA LEU C 86 -7.43 3.78 38.86
C LEU C 86 -8.60 3.05 38.22
N VAL C 87 -9.15 2.04 38.90
CA VAL C 87 -10.32 1.36 38.37
C VAL C 87 -11.46 2.35 38.17
N ASP C 88 -11.65 3.25 39.13
CA ASP C 88 -12.73 4.22 39.02
C ASP C 88 -12.53 5.16 37.84
N ILE C 89 -11.30 5.67 37.72
CA ILE C 89 -10.96 6.66 36.64
C ILE C 89 -10.94 5.98 35.27
N CYS C 90 -10.74 4.65 35.24
CA CYS C 90 -10.72 3.92 33.95
C CYS C 90 -12.10 3.32 33.66
N LEU C 91 -13.08 3.66 34.49
CA LEU C 91 -14.48 3.16 34.33
C LEU C 91 -15.39 4.35 34.00
N LEU C 92 -15.02 5.54 34.48
CA LEU C 92 -15.81 6.77 34.25
C LEU C 92 -15.31 7.45 32.97
N THR C 93 -14.23 6.93 32.39
CA THR C 93 -13.65 7.48 31.13
C THR C 93 -14.14 6.63 29.95
N TYR C 94 -14.40 5.34 30.21
CA TYR C 94 -14.88 4.40 29.17
C TYR C 94 -16.41 4.36 29.18
N GLY C 95 -17.03 5.15 30.07
CA GLY C 95 -18.49 5.20 30.20
C GLY C 95 -19.06 6.45 29.53
N MET C 96 -18.18 7.29 28.98
CA MET C 96 -18.62 8.54 28.30
C MET C 96 -18.37 8.39 26.80
N THR C 97 -18.09 7.17 26.35
CA THR C 97 -17.85 6.88 24.90
C THR C 97 -18.90 5.87 24.42
N SER C 98 -18.94 5.61 23.10
CA SER C 98 -19.93 4.67 22.53
C SER C 98 -19.22 3.64 21.64
N SER C 99 -19.66 2.38 21.71
CA SER C 99 -19.06 1.29 20.88
C SER C 99 -19.45 1.52 19.40
N SER C 100 -20.64 2.07 19.17
CA SER C 100 -21.14 2.34 17.80
C SER C 100 -20.90 3.80 17.44
N ALA C 101 -19.76 4.36 17.85
CA ALA C 101 -19.42 5.77 17.56
C ALA C 101 -18.58 5.84 16.29
N TYR C 102 -17.97 4.70 15.91
CA TYR C 102 -17.13 4.65 14.69
C TYR C 102 -17.99 4.25 13.48
N TYR C 103 -19.10 3.55 13.73
CA TYR C 103 -19.98 3.12 12.63
C TYR C 103 -20.94 4.26 12.26
N TYR C 104 -21.04 5.27 13.14
CA TYR C 104 -21.92 6.44 12.88
C TYR C 104 -21.19 7.48 12.03
N THR C 105 -19.88 7.63 12.24
CA THR C 105 -19.07 8.62 11.49
C THR C 105 -18.74 8.08 10.10
N LYS C 106 -18.83 6.75 9.92
CA LYS C 106 -18.53 6.11 8.62
C LYS C 106 -19.80 6.10 7.75
N VAL C 107 -20.96 5.90 8.37
CA VAL C 107 -22.26 5.86 7.62
C VAL C 107 -22.65 7.30 7.22
N MET C 108 -22.30 8.29 8.05
CA MET C 108 -22.63 9.68 7.75
C MET C 108 -21.53 10.33 6.91
N SER C 109 -20.33 9.78 6.91
CA SER C 109 -19.27 10.31 6.08
C SER C 109 -19.27 9.72 4.69
N GLU C 110 -19.83 8.52 4.51
CA GLU C 110 -19.98 8.00 3.17
C GLU C 110 -21.28 8.42 2.52
N LEU C 111 -22.26 8.87 3.29
CA LEU C 111 -23.50 9.34 2.69
C LEU C 111 -23.35 10.72 2.06
N PHE C 112 -22.63 11.62 2.73
CA PHE C 112 -22.56 13.01 2.30
C PHE C 112 -21.34 13.32 1.44
N LEU C 113 -20.33 12.45 1.43
CA LEU C 113 -19.11 12.71 0.68
C LEU C 113 -18.95 11.80 -0.53
N HIS C 114 -19.05 10.50 -0.35
CA HIS C 114 -18.80 9.56 -1.44
C HIS C 114 -20.02 9.31 -2.30
N THR C 115 -21.01 10.21 -2.32
CA THR C 115 -22.22 9.98 -3.09
C THR C 115 -22.14 10.75 -4.39
N PRO C 116 -21.96 10.10 -5.53
CA PRO C 116 -21.80 10.84 -6.79
C PRO C 116 -23.12 11.36 -7.32
N SER C 117 -23.04 12.50 -7.98
CA SER C 117 -24.18 13.04 -8.70
C SER C 117 -24.19 12.51 -10.13
N ASP C 118 -25.13 13.00 -10.93
CA ASP C 118 -24.98 12.86 -12.37
C ASP C 118 -23.77 13.66 -12.81
N SER C 119 -23.00 13.09 -13.74
CA SER C 119 -21.68 13.53 -14.16
C SER C 119 -20.63 13.14 -13.13
N GLY C 120 -21.00 12.39 -12.10
CA GLY C 120 -20.03 11.83 -11.17
C GLY C 120 -19.21 12.85 -10.42
N VAL C 121 -19.84 13.63 -9.56
CA VAL C 121 -19.14 14.64 -8.75
C VAL C 121 -19.47 14.34 -7.29
N SER C 122 -18.53 13.74 -6.57
CA SER C 122 -18.67 13.53 -5.14
C SER C 122 -18.41 14.86 -4.45
N PHE C 123 -18.17 14.84 -3.14
CA PHE C 123 -17.67 16.06 -2.51
C PHE C 123 -16.17 16.18 -2.67
N GLN C 124 -15.44 15.09 -2.43
CA GLN C 124 -13.99 15.13 -2.56
C GLN C 124 -13.51 15.36 -3.98
N THR C 125 -14.39 15.27 -4.97
CA THR C 125 -14.03 15.45 -6.37
C THR C 125 -14.25 16.89 -6.84
N ILE C 126 -14.96 17.69 -6.06
CA ILE C 126 -15.21 19.10 -6.38
C ILE C 126 -13.90 19.77 -6.78
N SER C 127 -13.87 20.36 -7.97
CA SER C 127 -12.64 20.93 -8.49
C SER C 127 -12.81 22.28 -9.17
N SER C 128 -14.01 22.86 -9.19
CA SER C 128 -14.23 24.18 -9.76
C SER C 128 -15.45 24.78 -9.07
N MET C 129 -16.03 25.81 -9.69
CA MET C 129 -17.27 26.36 -9.19
C MET C 129 -18.49 25.66 -9.77
N SER C 130 -18.43 25.28 -11.05
CA SER C 130 -19.53 24.52 -11.63
C SER C 130 -19.65 23.16 -10.98
N ASP C 131 -18.55 22.54 -10.57
CA ASP C 131 -18.63 21.30 -9.81
C ASP C 131 -19.29 21.54 -8.46
N PHE C 132 -18.99 22.67 -7.82
CA PHE C 132 -19.65 22.99 -6.56
C PHE C 132 -21.14 23.11 -6.76
N TRP C 133 -21.58 23.74 -7.85
CA TRP C 133 -23.00 23.90 -8.06
C TRP C 133 -23.67 22.63 -8.54
N ASP C 134 -22.90 21.67 -9.09
CA ASP C 134 -23.49 20.36 -9.37
C ASP C 134 -23.58 19.51 -8.12
N PHE C 135 -22.70 19.73 -7.14
CA PHE C 135 -22.81 19.00 -5.89
C PHE C 135 -23.88 19.58 -4.98
N ALA C 136 -24.04 20.90 -4.98
CA ALA C 136 -25.01 21.52 -4.09
C ALA C 136 -26.43 21.15 -4.47
N GLN C 137 -26.80 21.37 -5.72
CA GLN C 137 -28.16 21.09 -6.17
C GLN C 137 -28.40 19.62 -6.47
N GLY C 138 -27.41 18.75 -6.24
CA GLY C 138 -27.54 17.36 -6.59
C GLY C 138 -27.58 16.47 -5.37
N PRO C 139 -26.44 15.85 -5.06
CA PRO C 139 -26.39 14.91 -3.94
C PRO C 139 -26.36 15.54 -2.57
N LEU C 140 -26.45 16.87 -2.47
CA LEU C 140 -26.57 17.49 -1.17
C LEU C 140 -28.02 17.59 -0.74
N LEU C 141 -28.91 17.97 -1.65
CA LEU C 141 -30.32 18.02 -1.29
C LEU C 141 -30.90 16.61 -1.22
N ASP C 142 -30.48 15.73 -2.12
CA ASP C 142 -30.99 14.35 -2.11
C ASP C 142 -30.60 13.62 -0.84
N SER C 143 -29.57 14.07 -0.14
CA SER C 143 -29.17 13.44 1.11
C SER C 143 -29.76 14.12 2.33
N LEU C 144 -29.98 15.42 2.27
CA LEU C 144 -30.61 16.12 3.40
C LEU C 144 -32.08 15.82 3.46
N TYR C 145 -32.83 16.21 2.43
CA TYR C 145 -34.28 16.07 2.41
C TYR C 145 -34.63 14.74 1.77
N TRP C 146 -34.65 13.70 2.61
CA TRP C 146 -34.86 12.35 2.14
C TRP C 146 -36.29 12.17 1.61
N THR C 147 -36.51 11.00 1.02
CA THR C 147 -37.78 10.63 0.41
C THR C 147 -38.74 10.13 1.49
N LYS C 148 -39.81 9.47 1.05
CA LYS C 148 -40.76 8.80 1.94
C LYS C 148 -40.04 7.95 2.99
N GLY C 158 -46.07 15.09 8.65
CA GLY C 158 -44.76 14.81 9.18
C GLY C 158 -44.06 16.03 9.73
N SER C 159 -43.90 17.04 8.88
CA SER C 159 -43.32 18.34 9.19
C SER C 159 -41.85 18.29 9.56
N HIS C 160 -41.18 17.16 9.39
CA HIS C 160 -39.76 17.07 9.71
C HIS C 160 -39.13 15.96 8.89
N SER C 161 -37.84 16.10 8.62
CA SER C 161 -37.13 15.16 7.75
C SER C 161 -36.33 14.18 8.58
N PHE C 162 -36.31 12.92 8.13
CA PHE C 162 -35.64 11.82 8.83
C PHE C 162 -34.73 11.10 7.83
N ILE C 163 -33.44 11.41 7.88
CA ILE C 163 -32.48 10.73 7.03
C ILE C 163 -32.36 9.27 7.48
N TYR C 164 -32.52 8.34 6.53
CA TYR C 164 -32.42 6.90 6.78
C TYR C 164 -33.46 6.44 7.79
N TYR C 165 -34.58 7.15 7.88
CA TYR C 165 -35.76 6.74 8.64
C TYR C 165 -35.56 6.81 10.15
N GLU C 166 -34.35 7.06 10.61
CA GLU C 166 -34.10 7.14 12.04
C GLU C 166 -33.43 8.43 12.46
N ASN C 167 -32.48 8.92 11.66
CA ASN C 167 -31.74 10.12 12.02
C ASN C 167 -32.61 11.36 11.89
N LEU C 168 -32.37 12.34 12.75
CA LEU C 168 -33.14 13.57 12.77
C LEU C 168 -32.22 14.75 12.49
N LEU C 169 -32.57 15.55 11.50
CA LEU C 169 -31.75 16.69 11.08
C LEU C 169 -32.14 17.90 11.91
N LEU C 170 -31.23 18.34 12.79
CA LEU C 170 -31.56 19.38 13.75
C LEU C 170 -31.44 20.76 13.12
N GLY C 171 -32.45 21.59 13.32
CA GLY C 171 -32.37 22.97 12.86
C GLY C 171 -32.50 23.05 11.35
N ALA C 172 -31.60 23.81 10.73
CA ALA C 172 -31.59 24.01 9.31
C ALA C 172 -30.16 24.27 8.88
N PRO C 173 -29.73 23.74 7.73
CA PRO C 173 -28.36 23.96 7.28
C PRO C 173 -28.10 25.43 7.00
N ARG C 174 -26.82 25.77 6.82
CA ARG C 174 -26.45 27.16 6.61
C ARG C 174 -25.25 27.23 5.68
N LEU C 175 -25.44 27.80 4.50
CA LEU C 175 -24.32 28.14 3.65
C LEU C 175 -23.75 29.49 4.07
N ARG C 176 -22.43 29.58 4.12
CA ARG C 176 -21.79 30.83 4.54
C ARG C 176 -20.56 31.10 3.69
N GLN C 177 -20.41 32.33 3.24
CA GLN C 177 -19.35 32.69 2.30
C GLN C 177 -18.58 33.87 2.84
N LEU C 178 -17.28 33.90 2.53
CA LEU C 178 -16.41 35.01 2.95
C LEU C 178 -15.71 35.60 1.73
N ARG C 179 -15.96 36.88 1.48
CA ARG C 179 -15.46 37.53 0.28
C ARG C 179 -14.14 38.24 0.56
N VAL C 180 -13.66 38.98 -0.43
CA VAL C 180 -12.44 39.78 -0.33
C VAL C 180 -12.60 41.03 -1.18
N ARG C 181 -12.05 42.15 -0.72
CA ARG C 181 -12.28 43.43 -1.37
C ARG C 181 -11.78 43.43 -2.80
N ASN C 182 -12.20 44.45 -3.54
CA ASN C 182 -11.93 44.51 -4.97
C ASN C 182 -10.53 45.04 -5.27
N ASP C 183 -10.09 46.06 -4.56
CA ASP C 183 -8.82 46.73 -4.83
C ASP C 183 -7.91 46.54 -3.63
N SER C 184 -7.15 45.44 -3.62
CA SER C 184 -6.25 45.20 -2.50
C SER C 184 -4.86 44.75 -2.88
N CYS C 185 -4.60 44.39 -4.14
CA CYS C 185 -3.37 43.71 -4.52
C CYS C 185 -2.81 44.30 -5.82
N VAL C 186 -2.57 45.61 -5.83
CA VAL C 186 -2.26 46.40 -7.02
C VAL C 186 -1.37 45.66 -8.02
N VAL C 187 -1.75 45.74 -9.30
CA VAL C 187 -1.12 44.94 -10.34
C VAL C 187 0.25 45.50 -10.72
N HIS C 188 1.04 44.69 -11.42
CA HIS C 188 2.32 45.18 -11.90
C HIS C 188 2.11 46.19 -13.01
N GLU C 189 3.21 46.80 -13.46
CA GLU C 189 3.11 47.88 -14.42
C GLU C 189 2.93 47.36 -15.85
N ASP C 190 3.39 46.15 -16.14
CA ASP C 190 3.28 45.63 -17.49
C ASP C 190 1.87 45.17 -17.81
N PHE C 191 1.12 44.72 -16.81
CA PHE C 191 -0.18 44.12 -17.03
C PHE C 191 -1.34 45.02 -16.64
N ARG C 192 -1.08 46.22 -16.13
CA ARG C 192 -2.17 47.03 -15.59
C ARG C 192 -3.02 47.66 -16.68
N GLU C 193 -2.89 47.20 -17.92
CA GLU C 193 -3.83 47.55 -18.98
C GLU C 193 -4.61 46.36 -19.51
N ASP C 194 -4.26 45.14 -19.13
CA ASP C 194 -5.03 43.95 -19.43
C ASP C 194 -5.81 43.43 -18.23
N ILE C 195 -5.28 43.62 -17.04
CA ILE C 195 -5.91 43.17 -15.80
C ILE C 195 -6.23 44.42 -14.98
N LEU C 196 -7.52 44.75 -14.89
CA LEU C 196 -7.91 46.01 -14.27
C LEU C 196 -7.84 45.95 -12.75
N ASN C 197 -8.66 45.09 -12.14
CA ASN C 197 -8.71 44.97 -10.69
C ASN C 197 -8.19 43.62 -10.25
N CYS C 198 -7.73 43.57 -9.00
CA CYS C 198 -7.00 42.41 -8.52
C CYS C 198 -7.40 42.09 -7.10
N TYR C 199 -7.69 40.81 -6.83
CA TYR C 199 -8.20 40.35 -5.54
C TYR C 199 -7.11 39.60 -4.81
N ASP C 200 -6.75 40.08 -3.62
CA ASP C 200 -5.67 39.47 -2.85
C ASP C 200 -6.10 38.12 -2.29
N VAL C 201 -5.21 37.49 -1.53
CA VAL C 201 -5.56 36.29 -0.78
C VAL C 201 -6.32 36.74 0.45
N TYR C 202 -6.96 35.79 1.15
CA TYR C 202 -7.81 36.18 2.26
C TYR C 202 -6.99 36.67 3.44
N SER C 203 -7.49 37.71 4.10
CA SER C 203 -6.92 38.27 5.31
C SER C 203 -7.96 39.19 5.94
N PRO C 204 -8.22 39.08 7.24
CA PRO C 204 -9.28 39.89 7.84
C PRO C 204 -9.06 41.38 7.70
N ASP C 205 -7.84 41.80 7.37
CA ASP C 205 -7.62 43.19 7.01
C ASP C 205 -8.30 43.52 5.69
N LYS C 206 -8.16 42.66 4.69
CA LYS C 206 -8.69 42.86 3.36
C LYS C 206 -9.91 41.97 3.19
N GLU C 207 -11.07 42.48 3.59
CA GLU C 207 -12.30 41.72 3.51
C GLU C 207 -13.43 42.63 3.08
N ASP C 208 -14.29 42.11 2.19
CA ASP C 208 -15.40 42.89 1.66
C ASP C 208 -16.56 42.84 2.64
N GLN C 209 -17.05 44.02 3.04
CA GLN C 209 -18.14 44.13 3.99
C GLN C 209 -19.31 44.91 3.41
N LEU C 210 -19.48 44.85 2.09
CA LEU C 210 -20.52 45.59 1.41
C LEU C 210 -21.49 44.64 0.73
N PRO C 211 -22.74 45.06 0.52
CA PRO C 211 -23.67 44.21 -0.22
C PRO C 211 -23.25 44.08 -1.68
N PHE C 212 -23.61 42.94 -2.27
CA PHE C 212 -23.35 42.68 -3.67
C PHE C 212 -24.56 41.97 -4.26
N GLY C 213 -24.50 41.65 -5.54
CA GLY C 213 -25.63 41.05 -6.21
C GLY C 213 -26.83 41.96 -6.15
N PRO C 214 -28.04 41.39 -6.06
CA PRO C 214 -29.23 42.21 -5.84
C PRO C 214 -29.19 43.06 -4.59
N GLN C 215 -28.30 42.78 -3.65
CA GLN C 215 -28.19 43.54 -2.39
C GLN C 215 -29.52 43.51 -1.63
N ASN C 216 -30.15 42.34 -1.61
CA ASN C 216 -31.54 42.20 -1.20
C ASN C 216 -31.68 41.49 0.14
N GLY C 217 -31.17 40.28 0.27
CA GLY C 217 -31.51 39.45 1.41
C GLY C 217 -30.40 39.28 2.41
N THR C 218 -30.31 38.10 3.02
CA THR C 218 -29.22 37.80 3.93
C THR C 218 -28.05 37.13 3.25
N ALA C 219 -28.26 36.56 2.07
CA ALA C 219 -27.19 35.96 1.30
C ALA C 219 -26.40 36.97 0.49
N TRP C 220 -26.79 38.24 0.51
CA TRP C 220 -26.12 39.27 -0.26
C TRP C 220 -25.65 40.45 0.57
N THR C 221 -25.76 40.39 1.90
CA THR C 221 -25.29 41.45 2.78
C THR C 221 -24.45 40.85 3.89
N TYR C 222 -23.63 41.68 4.52
CA TYR C 222 -22.66 41.22 5.49
C TYR C 222 -23.22 41.28 6.91
N HIS C 223 -22.94 40.23 7.68
CA HIS C 223 -23.32 40.16 9.09
C HIS C 223 -22.08 39.78 9.90
N SER C 224 -21.71 40.62 10.86
CA SER C 224 -20.45 40.47 11.57
C SER C 224 -20.46 39.20 12.41
N GLN C 225 -19.32 38.92 13.04
CA GLN C 225 -19.20 37.75 13.90
C GLN C 225 -20.04 37.86 15.16
N ASN C 226 -20.50 39.05 15.52
CA ASN C 226 -21.28 39.18 16.75
C ASN C 226 -22.74 38.83 16.52
N GLU C 227 -23.31 39.22 15.38
CA GLU C 227 -24.65 38.76 15.03
C GLU C 227 -24.66 37.26 14.81
N LEU C 228 -23.89 36.79 13.83
CA LEU C 228 -23.72 35.37 13.62
C LEU C 228 -22.84 34.81 14.73
N GLY C 229 -23.44 34.38 15.82
CA GLY C 229 -22.63 33.88 16.92
C GLY C 229 -21.77 32.72 16.45
N GLY C 230 -20.48 32.97 16.27
CA GLY C 230 -19.59 31.97 15.72
C GLY C 230 -18.17 32.27 16.11
N SER C 231 -17.27 31.39 15.66
CA SER C 231 -15.87 31.50 16.05
C SER C 231 -14.98 31.20 14.85
N SER C 232 -13.69 31.47 15.02
CA SER C 232 -12.73 31.23 13.96
C SER C 232 -12.70 29.77 13.58
N HIS C 233 -12.22 29.49 12.37
CA HIS C 233 -12.07 28.12 11.88
C HIS C 233 -10.67 27.98 11.30
N TRP C 234 -9.72 27.58 12.14
CA TRP C 234 -8.34 27.41 11.69
C TRP C 234 -8.25 26.21 10.78
N GLY C 235 -8.88 26.29 9.61
CA GLY C 235 -9.02 25.13 8.76
C GLY C 235 -7.89 24.90 7.80
N ARG C 236 -7.67 25.84 6.89
CA ARG C 236 -6.61 25.66 5.91
C ARG C 236 -6.26 27.01 5.32
N LEU C 237 -4.98 27.38 5.43
CA LEU C 237 -4.33 28.52 4.79
C LEU C 237 -4.64 29.88 5.39
N THR C 238 -5.70 30.06 6.18
CA THR C 238 -5.87 31.43 6.66
C THR C 238 -6.51 31.57 8.04
N SER C 239 -6.98 30.50 8.65
CA SER C 239 -7.73 30.60 9.90
C SER C 239 -8.89 31.59 9.75
N TYR C 240 -9.88 31.15 8.97
CA TYR C 240 -10.98 32.02 8.55
C TYR C 240 -11.80 32.52 9.72
N SER C 241 -12.53 33.61 9.48
CA SER C 241 -13.30 34.29 10.51
C SER C 241 -14.66 33.65 10.71
N GLY C 242 -15.56 34.35 11.38
CA GLY C 242 -16.85 33.78 11.72
C GLY C 242 -18.06 34.56 11.27
N GLY C 243 -17.87 35.57 10.44
CA GLY C 243 -18.96 36.33 9.86
C GLY C 243 -19.24 35.91 8.43
N GLY C 244 -19.84 36.83 7.68
CA GLY C 244 -19.98 36.59 6.26
C GLY C 244 -21.40 36.59 5.73
N TYR C 245 -21.55 36.12 4.50
CA TYR C 245 -22.82 36.15 3.79
C TYR C 245 -23.45 34.76 3.87
N TYR C 246 -24.58 34.64 4.55
CA TYR C 246 -25.13 33.32 4.84
C TYR C 246 -26.53 33.16 4.28
N LEU C 247 -26.97 31.90 4.25
CA LEU C 247 -28.32 31.54 3.83
C LEU C 247 -28.72 30.25 4.51
N ASP C 248 -29.89 30.25 5.15
CA ASP C 248 -30.41 29.08 5.86
C ASP C 248 -31.44 28.39 4.99
N LEU C 249 -31.14 27.17 4.57
CA LEU C 249 -32.01 26.46 3.65
C LEU C 249 -33.38 26.22 4.28
N PRO C 250 -34.46 26.39 3.53
CA PRO C 250 -35.80 26.19 4.11
C PRO C 250 -36.11 24.74 4.40
N GLY C 251 -37.35 24.47 4.82
CA GLY C 251 -37.68 23.13 5.28
C GLY C 251 -37.94 22.14 4.16
N SER C 252 -38.58 22.59 3.09
CA SER C 252 -38.96 21.70 2.01
C SER C 252 -37.74 21.30 1.19
N ARG C 253 -37.94 20.59 0.09
CA ARG C 253 -36.86 20.30 -0.83
C ARG C 253 -36.91 21.13 -2.11
N GLN C 254 -38.10 21.35 -2.67
CA GLN C 254 -38.17 22.19 -3.86
C GLN C 254 -38.01 23.65 -3.51
N ALA C 255 -38.40 24.03 -2.28
CA ALA C 255 -38.15 25.40 -1.83
C ALA C 255 -36.65 25.68 -1.73
N SER C 256 -35.91 24.76 -1.11
CA SER C 256 -34.46 24.94 -1.03
C SER C 256 -33.81 24.81 -2.39
N ALA C 257 -34.34 23.96 -3.27
CA ALA C 257 -33.80 23.87 -4.62
C ALA C 257 -33.98 25.18 -5.37
N GLU C 258 -35.13 25.82 -5.21
CA GLU C 258 -35.33 27.13 -5.84
C GLU C 258 -34.44 28.19 -5.21
N ALA C 259 -34.19 28.10 -3.90
CA ALA C 259 -33.26 29.03 -3.26
C ALA C 259 -31.87 28.89 -3.86
N LEU C 260 -31.38 27.67 -3.98
CA LEU C 260 -30.06 27.46 -4.57
C LEU C 260 -30.02 27.86 -6.04
N GLN C 261 -31.12 27.67 -6.77
CA GLN C 261 -31.15 28.12 -8.16
C GLN C 261 -31.06 29.63 -8.24
N GLY C 262 -31.77 30.34 -7.36
CA GLY C 262 -31.64 31.79 -7.33
C GLY C 262 -30.25 32.24 -6.93
N LEU C 263 -29.58 31.46 -6.10
CA LEU C 263 -28.20 31.77 -5.74
C LEU C 263 -27.23 31.48 -6.88
N GLN C 264 -27.58 30.59 -7.79
CA GLN C 264 -26.70 30.30 -8.91
C GLN C 264 -26.88 31.29 -10.06
N GLU C 265 -28.13 31.59 -10.41
CA GLU C 265 -28.38 32.49 -11.52
C GLU C 265 -27.71 33.85 -11.30
N GLY C 266 -27.99 34.47 -10.17
CA GLY C 266 -27.13 35.53 -9.69
C GLY C 266 -25.79 34.96 -9.30
N LEU C 267 -24.73 35.73 -9.47
CA LEU C 267 -23.39 35.19 -9.24
C LEU C 267 -23.08 35.26 -7.76
N TRP C 268 -23.36 34.18 -7.04
CA TRP C 268 -22.94 34.12 -5.65
C TRP C 268 -21.46 33.87 -5.55
N LEU C 269 -20.97 32.82 -6.21
CA LEU C 269 -19.54 32.54 -6.25
C LEU C 269 -18.93 33.29 -7.43
N ASP C 270 -18.21 34.37 -7.13
CA ASP C 270 -17.51 35.11 -8.16
C ASP C 270 -16.04 35.22 -7.79
N ARG C 271 -15.31 36.13 -8.44
CA ARG C 271 -13.88 36.21 -8.19
C ARG C 271 -13.55 36.54 -6.75
N GLY C 272 -14.45 37.23 -6.04
CA GLY C 272 -14.14 37.65 -4.69
C GLY C 272 -14.29 36.58 -3.63
N THR C 273 -14.99 35.49 -3.94
CA THR C 273 -15.21 34.43 -2.96
C THR C 273 -13.89 33.84 -2.51
N ARG C 274 -13.78 33.55 -1.21
CA ARG C 274 -12.57 32.91 -0.70
C ARG C 274 -12.85 31.60 0.03
N VAL C 275 -14.03 31.43 0.62
CA VAL C 275 -14.35 30.19 1.31
C VAL C 275 -15.86 30.09 1.51
N VAL C 276 -16.37 28.86 1.46
CA VAL C 276 -17.78 28.55 1.64
C VAL C 276 -17.91 27.39 2.63
N PHE C 277 -18.62 27.61 3.72
CA PHE C 277 -18.91 26.59 4.74
C PHE C 277 -20.34 26.10 4.60
N ILE C 278 -20.53 24.80 4.79
CA ILE C 278 -21.85 24.18 4.88
C ILE C 278 -21.83 23.29 6.11
N ASP C 279 -22.53 23.71 7.17
CA ASP C 279 -22.49 22.98 8.43
C ASP C 279 -23.89 22.62 8.89
N PHE C 280 -24.04 21.41 9.41
CA PHE C 280 -25.32 20.97 9.96
C PHE C 280 -25.08 19.85 10.95
N SER C 281 -26.17 19.36 11.54
CA SER C 281 -26.09 18.41 12.66
C SER C 281 -27.23 17.42 12.59
N VAL C 282 -26.92 16.17 12.93
CA VAL C 282 -27.88 15.08 12.92
C VAL C 282 -27.88 14.44 14.30
N TYR C 283 -29.03 13.91 14.71
CA TYR C 283 -29.16 13.27 16.01
C TYR C 283 -29.86 11.93 15.85
N ASN C 284 -29.24 10.87 16.37
CA ASN C 284 -29.86 9.55 16.37
C ASN C 284 -30.49 9.29 17.72
N ALA C 285 -31.56 8.50 17.72
CA ALA C 285 -32.31 8.27 18.95
C ALA C 285 -32.05 6.92 19.58
N ASN C 286 -31.92 5.86 18.76
CA ASN C 286 -31.62 4.54 19.30
C ASN C 286 -30.33 4.58 20.11
N ILE C 287 -29.24 4.90 19.47
CA ILE C 287 -28.04 5.35 20.17
C ILE C 287 -28.16 6.86 20.35
N ASN C 288 -27.85 7.34 21.54
CA ASN C 288 -27.92 8.78 21.79
C ASN C 288 -26.60 9.38 21.30
N LEU C 289 -26.61 9.84 20.05
CA LEU C 289 -25.40 10.38 19.46
C LEU C 289 -25.76 11.52 18.51
N PHE C 290 -25.05 12.64 18.67
CA PHE C 290 -25.08 13.73 17.70
C PHE C 290 -23.90 13.54 16.75
N CYS C 291 -24.17 13.61 15.46
CA CYS C 291 -23.12 13.67 14.45
C CYS C 291 -23.16 15.07 13.86
N ILE C 292 -22.16 15.87 14.18
CA ILE C 292 -22.08 17.27 13.77
C ILE C 292 -21.05 17.37 12.68
N LEU C 293 -21.47 17.80 11.48
CA LEU C 293 -20.54 17.80 10.36
C LEU C 293 -20.56 19.13 9.63
N ARG C 294 -19.37 19.59 9.28
CA ARG C 294 -19.19 20.80 8.50
C ARG C 294 -18.29 20.48 7.31
N LEU C 295 -18.54 21.17 6.20
CA LEU C 295 -17.84 20.96 4.95
C LEU C 295 -17.34 22.31 4.45
N VAL C 296 -16.04 22.45 4.31
CA VAL C 296 -15.41 23.70 3.92
C VAL C 296 -14.88 23.55 2.50
N VAL C 297 -15.13 24.54 1.66
CA VAL C 297 -14.57 24.59 0.31
C VAL C 297 -13.83 25.91 0.17
N GLU C 298 -12.56 25.85 -0.18
CA GLU C 298 -11.72 27.04 -0.26
C GLU C 298 -11.39 27.34 -1.71
N PHE C 299 -11.57 28.61 -2.10
CA PHE C 299 -11.28 29.05 -3.46
C PHE C 299 -10.03 29.91 -3.42
N PRO C 300 -8.84 29.34 -3.59
CA PRO C 300 -7.62 30.11 -3.44
C PRO C 300 -7.55 31.28 -4.42
N ALA C 301 -6.59 32.15 -4.21
CA ALA C 301 -6.39 33.30 -5.10
C ALA C 301 -6.00 32.89 -6.51
N THR C 302 -5.77 31.60 -6.75
CA THR C 302 -5.36 31.09 -8.04
C THR C 302 -6.45 30.29 -8.73
N GLY C 303 -7.69 30.38 -8.26
CA GLY C 303 -8.76 29.57 -8.82
C GLY C 303 -8.68 28.12 -8.40
N GLY C 304 -9.79 27.42 -8.49
CA GLY C 304 -9.86 26.04 -8.08
C GLY C 304 -10.60 25.91 -6.76
N THR C 305 -10.53 24.71 -6.19
CA THR C 305 -11.15 24.45 -4.91
C THR C 305 -10.30 23.46 -4.13
N ILE C 306 -10.47 23.47 -2.81
CA ILE C 306 -9.77 22.54 -1.94
C ILE C 306 -10.77 22.01 -0.91
N PRO C 307 -11.57 21.01 -1.24
CA PRO C 307 -12.62 20.56 -0.30
C PRO C 307 -12.02 19.85 0.90
N SER C 308 -12.46 20.25 2.09
CA SER C 308 -12.13 19.58 3.34
C SER C 308 -13.38 19.47 4.18
N TRP C 309 -13.31 18.68 5.25
CA TRP C 309 -14.50 18.43 6.05
C TRP C 309 -14.10 18.17 7.50
N GLN C 310 -15.11 18.14 8.36
CA GLN C 310 -14.92 17.83 9.78
C GLN C 310 -16.20 17.21 10.30
N ILE C 311 -16.11 15.96 10.75
CA ILE C 311 -17.26 15.21 11.24
C ILE C 311 -16.96 14.72 12.64
N ARG C 312 -17.74 15.17 13.61
CA ARG C 312 -17.51 14.84 15.01
C ARG C 312 -18.77 14.28 15.63
N THR C 313 -18.63 13.70 16.83
CA THR C 313 -19.75 13.07 17.52
C THR C 313 -19.79 13.51 18.98
N VAL C 314 -21.00 13.65 19.50
CA VAL C 314 -21.25 14.08 20.86
C VAL C 314 -22.22 13.11 21.50
N LYS C 315 -22.09 12.92 22.81
CA LYS C 315 -22.81 11.85 23.52
C LYS C 315 -24.20 12.27 24.00
N LEU C 316 -24.27 13.31 24.85
CA LEU C 316 -25.52 13.72 25.51
C LEU C 316 -26.09 12.56 26.34
N ILE C 317 -25.38 12.26 27.43
CA ILE C 317 -25.79 11.19 28.32
C ILE C 317 -27.10 11.58 29.01
N ARG C 318 -28.06 10.66 28.98
CA ARG C 318 -29.34 10.84 29.66
C ARG C 318 -29.32 10.06 30.97
N TYR C 319 -29.93 10.63 32.00
CA TYR C 319 -29.94 10.01 33.33
C TYR C 319 -31.29 9.32 33.57
N VAL C 320 -31.48 8.20 32.87
CA VAL C 320 -32.69 7.40 33.06
C VAL C 320 -32.39 5.93 33.35
N ASN C 321 -31.22 5.41 33.00
CA ASN C 321 -30.93 4.00 33.22
C ASN C 321 -30.30 3.80 34.58
N ASN C 322 -30.04 2.53 34.94
CA ASN C 322 -29.32 2.25 36.17
C ASN C 322 -27.82 2.42 35.98
N TRP C 323 -27.32 2.06 34.80
CA TRP C 323 -25.91 2.27 34.49
C TRP C 323 -25.56 3.76 34.55
N ASP C 324 -26.51 4.63 34.20
CA ASP C 324 -26.26 6.06 34.28
C ASP C 324 -26.09 6.52 35.72
N PHE C 325 -26.93 6.01 36.62
CA PHE C 325 -26.76 6.33 38.04
C PHE C 325 -25.47 5.75 38.59
N PHE C 326 -25.07 4.58 38.12
CA PHE C 326 -23.78 4.04 38.51
C PHE C 326 -22.65 4.95 38.06
N ILE C 327 -22.76 5.51 36.86
CA ILE C 327 -21.74 6.43 36.37
C ILE C 327 -21.72 7.70 37.21
N VAL C 328 -22.89 8.16 37.64
CA VAL C 328 -22.93 9.32 38.54
C VAL C 328 -22.22 9.01 39.84
N GLY C 329 -22.45 7.81 40.38
CA GLY C 329 -21.73 7.40 41.58
C GLY C 329 -20.23 7.39 41.38
N CYS C 330 -19.77 6.85 40.24
CA CYS C 330 -18.35 6.86 39.94
C CYS C 330 -17.81 8.28 39.82
N GLU C 331 -18.63 9.20 39.29
CA GLU C 331 -18.18 10.58 39.16
C GLU C 331 -18.00 11.23 40.53
N VAL C 332 -18.94 11.02 41.44
CA VAL C 332 -18.79 11.63 42.76
C VAL C 332 -17.62 11.00 43.52
N VAL C 333 -17.40 9.70 43.33
CA VAL C 333 -16.25 9.05 43.95
C VAL C 333 -14.96 9.62 43.39
N PHE C 334 -14.93 9.89 42.08
CA PHE C 334 -13.75 10.46 41.45
C PHE C 334 -13.46 11.86 41.99
N CYS C 335 -14.52 12.66 42.19
CA CYS C 335 -14.32 13.98 42.77
C CYS C 335 -13.72 13.88 44.18
N VAL C 336 -14.29 13.00 45.01
CA VAL C 336 -13.75 12.82 46.36
C VAL C 336 -12.30 12.37 46.30
N PHE C 337 -11.96 11.53 45.32
CA PHE C 337 -10.60 11.03 45.21
C PHE C 337 -9.63 12.15 44.85
N ILE C 338 -9.99 13.00 43.89
CA ILE C 338 -9.05 14.07 43.54
C ILE C 338 -8.94 15.06 44.70
N PHE C 339 -9.99 15.22 45.50
CA PHE C 339 -9.86 16.08 46.68
C PHE C 339 -8.89 15.49 47.69
N TYR C 340 -9.03 14.19 47.98
CA TYR C 340 -8.13 13.55 48.92
C TYR C 340 -6.70 13.59 48.42
N TYR C 341 -6.50 13.44 47.11
CA TYR C 341 -5.14 13.48 46.58
C TYR C 341 -4.56 14.88 46.63
N VAL C 342 -5.39 15.91 46.41
CA VAL C 342 -4.85 17.26 46.48
C VAL C 342 -4.52 17.64 47.91
N VAL C 343 -5.29 17.15 48.89
CA VAL C 343 -4.94 17.46 50.28
C VAL C 343 -3.69 16.69 50.68
N GLU C 344 -3.55 15.44 50.23
CA GLU C 344 -2.34 14.68 50.52
C GLU C 344 -1.12 15.29 49.85
N GLU C 345 -1.31 15.97 48.72
CA GLU C 345 -0.20 16.64 48.07
C GLU C 345 0.18 17.94 48.78
N ILE C 346 -0.80 18.77 49.12
CA ILE C 346 -0.48 20.02 49.80
C ILE C 346 0.02 19.78 51.21
N LEU C 347 -0.27 18.61 51.80
CA LEU C 347 0.19 18.33 53.16
C LEU C 347 1.69 18.08 53.18
N GLU C 348 2.22 17.37 52.18
CA GLU C 348 3.64 17.05 52.13
C GLU C 348 4.46 18.12 51.42
N ILE C 349 3.97 19.36 51.39
CA ILE C 349 4.80 20.48 50.96
C ILE C 349 5.38 21.11 52.21
N HIS C 350 5.22 20.42 53.36
CA HIS C 350 5.88 20.84 54.58
C HIS C 350 7.39 20.79 54.45
N LEU C 351 7.91 19.98 53.54
CA LEU C 351 9.31 20.03 53.13
C LEU C 351 9.44 21.10 52.06
N HIS C 352 9.36 22.37 52.52
CA HIS C 352 8.98 23.51 51.69
C HIS C 352 9.51 23.41 50.27
N ARG C 353 10.82 23.35 50.12
CA ARG C 353 11.46 23.07 48.85
C ARG C 353 12.36 21.84 48.90
N LEU C 354 12.60 21.30 50.09
CA LEU C 354 13.52 20.18 50.25
C LEU C 354 12.88 18.92 49.70
N ARG C 355 13.54 18.31 48.72
CA ARG C 355 13.22 16.98 48.21
C ARG C 355 11.84 16.89 47.58
N TYR C 356 11.15 18.02 47.40
CA TYR C 356 9.80 17.96 46.85
C TYR C 356 9.80 18.12 45.33
N LEU C 357 10.24 19.27 44.84
CA LEU C 357 10.26 19.46 43.39
C LEU C 357 11.58 18.92 42.83
N SER C 358 12.25 18.08 43.62
CA SER C 358 13.36 17.27 43.14
C SER C 358 12.91 15.89 42.69
N SER C 359 12.00 15.26 43.42
CA SER C 359 11.38 14.03 42.95
C SER C 359 10.58 14.29 41.68
N VAL C 360 10.55 13.30 40.79
CA VAL C 360 9.87 13.50 39.51
C VAL C 360 8.38 13.25 39.64
N TRP C 361 7.98 12.30 40.48
CA TRP C 361 6.56 11.97 40.61
C TRP C 361 5.75 13.14 41.15
N ASN C 362 6.39 14.03 41.90
CA ASN C 362 5.70 15.20 42.42
C ASN C 362 5.46 16.25 41.35
N ILE C 363 5.73 15.95 40.08
CA ILE C 363 5.22 16.73 38.98
C ILE C 363 4.05 16.04 38.30
N LEU C 364 4.14 14.71 38.15
CA LEU C 364 3.02 13.95 37.60
C LEU C 364 1.78 14.08 38.48
N ASP C 365 1.96 14.15 39.80
CA ASP C 365 0.81 14.31 40.68
C ASP C 365 0.08 15.63 40.40
N LEU C 366 0.82 16.73 40.33
CA LEU C 366 0.18 18.00 40.04
C LEU C 366 -0.43 18.01 38.65
N VAL C 367 0.21 17.34 37.69
CA VAL C 367 -0.33 17.31 36.33
C VAL C 367 -1.68 16.60 36.31
N VAL C 368 -1.75 15.40 36.91
CA VAL C 368 -3.01 14.67 36.90
C VAL C 368 -4.06 15.40 37.73
N ILE C 369 -3.65 16.13 38.77
CA ILE C 369 -4.63 16.90 39.54
C ILE C 369 -5.23 18.01 38.69
N LEU C 370 -4.38 18.75 37.98
CA LEU C 370 -4.88 19.82 37.12
C LEU C 370 -5.80 19.26 36.04
N LEU C 371 -5.41 18.15 35.41
CA LEU C 371 -6.25 17.58 34.36
C LEU C 371 -7.59 17.10 34.92
N SER C 372 -7.57 16.46 36.09
CA SER C 372 -8.81 15.97 36.68
C SER C 372 -9.69 17.11 37.16
N ILE C 373 -9.13 18.28 37.43
CA ILE C 373 -9.97 19.43 37.77
C ILE C 373 -10.62 20.00 36.52
N VAL C 374 -9.83 20.22 35.47
CA VAL C 374 -10.38 20.75 34.23
C VAL C 374 -11.41 19.81 33.64
N ALA C 375 -11.30 18.51 33.93
CA ALA C 375 -12.30 17.56 33.45
C ALA C 375 -13.69 17.89 33.98
N VAL C 376 -13.84 18.00 35.30
CA VAL C 376 -15.15 18.29 35.85
C VAL C 376 -15.59 19.70 35.49
N GLY C 377 -14.64 20.63 35.34
CA GLY C 377 -15.00 21.94 34.85
C GLY C 377 -15.71 21.89 33.51
N PHE C 378 -15.09 21.22 32.54
CA PHE C 378 -15.73 21.11 31.23
C PHE C 378 -17.00 20.29 31.29
N HIS C 379 -17.09 19.33 32.21
CA HIS C 379 -18.32 18.55 32.31
C HIS C 379 -19.49 19.43 32.70
N ILE C 380 -19.30 20.27 33.72
CA ILE C 380 -20.35 21.21 34.11
C ILE C 380 -20.69 22.13 32.94
N PHE C 381 -19.68 22.70 32.30
CA PHE C 381 -19.93 23.62 31.19
C PHE C 381 -20.72 22.95 30.09
N ARG C 382 -20.37 21.71 29.74
CA ARG C 382 -21.01 21.03 28.63
C ARG C 382 -22.46 20.71 28.95
N THR C 383 -22.73 20.28 30.19
CA THR C 383 -24.12 20.06 30.57
C THR C 383 -24.93 21.34 30.38
N LEU C 384 -24.41 22.46 30.89
CA LEU C 384 -25.13 23.72 30.78
C LEU C 384 -25.37 24.08 29.32
N GLU C 385 -24.35 23.94 28.48
CA GLU C 385 -24.45 24.38 27.10
C GLU C 385 -25.41 23.51 26.30
N VAL C 386 -25.37 22.18 26.52
CA VAL C 386 -26.27 21.33 25.76
C VAL C 386 -27.72 21.56 26.19
N ASN C 387 -27.94 21.84 27.49
CA ASN C 387 -29.29 22.18 27.91
C ASN C 387 -29.78 23.45 27.23
N ARG C 388 -28.95 24.50 27.22
CA ARG C 388 -29.34 25.74 26.57
C ARG C 388 -29.64 25.53 25.09
N LEU C 389 -28.78 24.76 24.40
CA LEU C 389 -28.96 24.57 22.97
C LEU C 389 -30.23 23.80 22.66
N MET C 390 -30.50 22.73 23.40
CA MET C 390 -31.70 21.96 23.11
C MET C 390 -32.97 22.74 23.45
N GLY C 391 -32.90 23.57 24.50
CA GLY C 391 -34.03 24.44 24.78
C GLY C 391 -34.29 25.41 23.65
N LYS C 392 -33.24 26.06 23.17
CA LYS C 392 -33.38 26.98 22.04
C LYS C 392 -33.93 26.27 20.81
N LEU C 393 -33.51 25.02 20.59
CA LEU C 393 -33.96 24.28 19.43
C LEU C 393 -35.45 23.97 19.52
N LEU C 394 -35.89 23.37 20.62
CA LEU C 394 -37.30 23.04 20.76
C LEU C 394 -38.18 24.27 20.97
N GLN C 395 -37.58 25.43 21.22
CA GLN C 395 -38.39 26.65 21.35
C GLN C 395 -38.84 27.16 19.98
N GLN C 396 -37.94 27.22 19.02
CA GLN C 396 -38.27 27.73 17.68
C GLN C 396 -37.38 27.03 16.66
N PRO C 397 -37.92 26.06 15.93
CA PRO C 397 -37.12 25.38 14.90
C PRO C 397 -36.94 26.24 13.67
N ASP C 398 -36.38 25.65 12.60
CA ASP C 398 -36.17 26.35 11.34
C ASP C 398 -35.18 27.50 11.50
N THR C 399 -34.15 27.26 12.31
CA THR C 399 -33.07 28.23 12.48
C THR C 399 -31.81 27.48 12.86
N TYR C 400 -30.67 28.05 12.51
CA TYR C 400 -29.40 27.37 12.72
C TYR C 400 -29.09 27.29 14.21
N ALA C 401 -28.86 26.08 14.70
CA ALA C 401 -28.48 25.83 16.08
C ALA C 401 -27.00 25.49 16.11
N ASP C 402 -26.19 26.42 16.62
CA ASP C 402 -24.73 26.30 16.54
C ASP C 402 -24.25 25.19 17.46
N PHE C 403 -23.87 24.06 16.86
CA PHE C 403 -23.33 22.93 17.60
C PHE C 403 -21.82 22.78 17.44
N GLU C 404 -21.19 23.66 16.67
CA GLU C 404 -19.76 23.47 16.37
C GLU C 404 -18.90 23.74 17.60
N PHE C 405 -19.25 24.76 18.37
CA PHE C 405 -18.53 25.07 19.60
C PHE C 405 -18.51 23.86 20.53
N LEU C 406 -19.69 23.27 20.77
CA LEU C 406 -19.80 22.15 21.67
C LEU C 406 -19.00 20.95 21.18
N ALA C 407 -19.07 20.65 19.88
CA ALA C 407 -18.37 19.49 19.36
C ALA C 407 -16.86 19.67 19.45
N PHE C 408 -16.37 20.85 19.06
CA PHE C 408 -14.94 21.11 19.13
C PHE C 408 -14.43 20.95 20.56
N TRP C 409 -15.09 21.59 21.51
CA TRP C 409 -14.59 21.50 22.87
C TRP C 409 -14.82 20.13 23.49
N GLN C 410 -15.80 19.37 22.99
CA GLN C 410 -15.97 17.99 23.45
C GLN C 410 -14.80 17.12 23.00
N THR C 411 -14.34 17.31 21.76
CA THR C 411 -13.16 16.55 21.33
C THR C 411 -11.93 16.95 22.12
N GLN C 412 -11.77 18.23 22.42
CA GLN C 412 -10.66 18.64 23.27
C GLN C 412 -10.73 17.95 24.64
N TYR C 413 -11.93 17.89 25.22
CA TYR C 413 -12.10 17.21 26.50
C TYR C 413 -11.75 15.73 26.40
N ASN C 414 -12.12 15.09 25.29
CA ASN C 414 -11.79 13.68 25.11
C ASN C 414 -10.28 13.47 25.08
N ASN C 415 -9.57 14.32 24.33
CA ASN C 415 -8.12 14.19 24.28
C ASN C 415 -7.49 14.38 25.67
N MET C 416 -7.96 15.38 26.40
CA MET C 416 -7.42 15.61 27.74
C MET C 416 -7.67 14.40 28.64
N ASN C 417 -8.86 13.81 28.55
CA ASN C 417 -9.15 12.62 29.36
C ASN C 417 -8.24 11.47 28.99
N ALA C 418 -7.96 11.29 27.69
CA ALA C 418 -7.06 10.22 27.28
C ALA C 418 -5.67 10.40 27.88
N VAL C 419 -5.14 11.62 27.81
CA VAL C 419 -3.80 11.86 28.37
C VAL C 419 -3.79 11.63 29.88
N ASN C 420 -4.84 12.10 30.57
CA ASN C 420 -4.91 11.89 32.01
C ASN C 420 -4.94 10.42 32.36
N LEU C 421 -5.69 9.62 31.59
CA LEU C 421 -5.73 8.19 31.84
C LEU C 421 -4.36 7.56 31.61
N PHE C 422 -3.64 8.03 30.59
CA PHE C 422 -2.28 7.53 30.36
C PHE C 422 -1.39 7.77 31.57
N PHE C 423 -1.39 8.98 32.11
CA PHE C 423 -0.54 9.27 33.25
C PHE C 423 -0.96 8.47 34.49
N ALA C 424 -2.27 8.34 34.70
CA ALA C 424 -2.75 7.56 35.84
C ALA C 424 -2.33 6.10 35.71
N TRP C 425 -2.24 5.60 34.50
CA TRP C 425 -1.75 4.23 34.31
C TRP C 425 -0.25 4.16 34.56
N ILE C 426 0.48 5.23 34.23
CA ILE C 426 1.93 5.20 34.39
C ILE C 426 2.32 5.17 35.86
N LYS C 427 1.60 5.91 36.71
CA LYS C 427 2.05 6.08 38.10
C LYS C 427 2.13 4.76 38.87
N ILE C 428 1.58 3.68 38.33
CA ILE C 428 1.61 2.40 39.05
C ILE C 428 3.06 1.94 39.24
N PHE C 429 3.96 2.37 38.35
CA PHE C 429 5.36 2.01 38.48
C PHE C 429 5.97 2.66 39.72
N LYS C 430 5.58 3.91 40.00
CA LYS C 430 5.99 4.54 41.24
C LYS C 430 5.40 3.81 42.43
N TYR C 431 4.17 3.33 42.30
CA TYR C 431 3.55 2.70 43.47
C TYR C 431 4.06 1.29 43.74
N ILE C 432 4.35 0.51 42.70
CA ILE C 432 4.84 -0.86 42.90
C ILE C 432 6.12 -1.10 42.11
N SER C 433 7.11 -1.71 42.76
CA SER C 433 8.37 -2.00 42.10
C SER C 433 8.32 -3.29 41.32
N PHE C 434 9.13 -3.39 40.26
CA PHE C 434 9.15 -4.56 39.40
C PHE C 434 10.61 -5.02 39.32
N ASN C 435 10.91 -5.85 38.32
CA ASN C 435 12.26 -6.37 38.10
C ASN C 435 13.31 -5.28 38.24
N LYS C 436 14.48 -5.68 38.76
CA LYS C 436 15.56 -4.73 38.98
C LYS C 436 15.95 -3.97 37.72
N THR C 437 15.61 -4.50 36.54
CA THR C 437 15.85 -3.77 35.30
C THR C 437 15.15 -2.42 35.31
N MET C 438 13.87 -2.41 35.69
CA MET C 438 13.12 -1.16 35.65
C MET C 438 13.61 -0.19 36.73
N THR C 439 13.99 -0.69 37.90
CA THR C 439 14.44 0.19 38.97
C THR C 439 15.76 0.84 38.62
N GLN C 440 16.59 0.19 37.81
CA GLN C 440 17.86 0.76 37.36
C GLN C 440 17.75 1.39 35.98
N LEU C 441 16.54 1.48 35.44
CA LEU C 441 16.37 2.13 34.14
C LEU C 441 16.59 3.64 34.24
N SER C 442 16.04 4.26 35.30
CA SER C 442 16.29 5.68 35.50
C SER C 442 17.71 5.96 35.97
N SER C 443 18.42 4.94 36.45
CA SER C 443 19.85 5.10 36.68
C SER C 443 20.63 4.99 35.38
N THR C 444 20.12 4.19 34.43
CA THR C 444 20.73 4.15 33.11
C THR C 444 20.53 5.46 32.37
N LEU C 445 19.35 6.07 32.51
CA LEU C 445 19.08 7.33 31.83
C LEU C 445 20.01 8.44 32.32
N ALA C 446 20.35 8.45 33.60
CA ALA C 446 21.24 9.48 34.12
C ALA C 446 22.68 9.27 33.71
N ARG C 447 23.01 8.16 33.05
CA ARG C 447 24.37 7.95 32.58
C ARG C 447 24.73 8.96 31.50
N CYS C 448 23.88 9.09 30.48
CA CYS C 448 24.04 10.12 29.45
C CYS C 448 23.55 11.47 29.99
N ALA C 449 24.27 11.96 31.00
CA ALA C 449 23.85 13.17 31.70
C ALA C 449 24.08 14.42 30.87
N LYS C 450 25.33 14.67 30.50
CA LYS C 450 25.68 15.86 29.73
C LYS C 450 26.01 15.54 28.28
N ASP C 451 26.00 14.25 27.90
CA ASP C 451 26.19 13.90 26.51
C ASP C 451 24.97 14.23 25.67
N ILE C 452 23.77 14.20 26.27
CA ILE C 452 22.56 14.36 25.48
C ILE C 452 22.29 15.81 25.14
N LEU C 453 22.53 16.75 26.05
CA LEU C 453 22.31 18.14 25.69
C LEU C 453 23.33 18.59 24.66
N GLY C 454 24.51 17.96 24.62
CA GLY C 454 25.45 18.18 23.54
C GLY C 454 25.19 17.36 22.30
N PHE C 455 24.26 16.41 22.38
CA PHE C 455 23.82 15.64 21.23
C PHE C 455 22.54 16.18 20.62
N ALA C 456 21.62 16.67 21.45
CA ALA C 456 20.37 17.19 20.95
C ALA C 456 20.61 18.36 20.00
N ILE C 457 21.51 19.26 20.37
CA ILE C 457 21.76 20.43 19.53
C ILE C 457 22.47 20.01 18.24
N MET C 458 23.50 19.17 18.38
CA MET C 458 24.27 18.74 17.22
C MET C 458 23.44 17.88 16.27
N PHE C 459 22.34 17.31 16.74
CA PHE C 459 21.45 16.57 15.86
C PHE C 459 20.36 17.45 15.28
N PHE C 460 19.79 18.36 16.08
CA PHE C 460 18.68 19.15 15.59
C PHE C 460 19.14 20.23 14.62
N ILE C 461 20.38 20.70 14.72
CA ILE C 461 20.87 21.64 13.72
C ILE C 461 20.81 21.03 12.33
N VAL C 462 21.37 19.82 12.18
CA VAL C 462 21.36 19.16 10.89
C VAL C 462 19.96 18.71 10.52
N PHE C 463 19.14 18.31 11.51
CA PHE C 463 17.78 17.92 11.20
C PHE C 463 17.00 19.06 10.57
N PHE C 464 17.12 20.26 11.12
CA PHE C 464 16.39 21.40 10.56
C PHE C 464 17.02 21.90 9.27
N ALA C 465 18.34 21.78 9.12
CA ALA C 465 18.94 22.07 7.82
C ALA C 465 18.36 21.16 6.74
N TYR C 466 18.23 19.87 7.04
CA TYR C 466 17.63 18.95 6.09
C TYR C 466 16.16 19.26 5.85
N ALA C 467 15.43 19.63 6.91
CA ALA C 467 14.02 19.96 6.76
C ALA C 467 13.82 21.10 5.78
N GLN C 468 14.60 22.17 5.92
CA GLN C 468 14.40 23.29 5.02
C GLN C 468 14.99 23.04 3.64
N LEU C 469 16.06 22.24 3.53
CA LEU C 469 16.51 21.83 2.20
C LEU C 469 15.41 21.06 1.47
N GLY C 470 14.73 20.17 2.17
CA GLY C 470 13.63 19.47 1.56
C GLY C 470 12.48 20.39 1.20
N TYR C 471 12.19 21.36 2.05
CA TYR C 471 11.12 22.31 1.75
C TYR C 471 11.45 23.15 0.53
N LEU C 472 12.73 23.40 0.27
CA LEU C 472 13.09 24.25 -0.85
C LEU C 472 13.23 23.48 -2.15
N LEU C 473 13.80 22.27 -2.12
CA LEU C 473 13.92 21.48 -3.35
C LEU C 473 12.55 21.04 -3.84
N PHE C 474 11.86 20.24 -3.03
CA PHE C 474 10.47 19.89 -3.26
C PHE C 474 9.61 20.95 -2.59
N GLY C 475 8.34 20.68 -2.36
CA GLY C 475 7.49 21.61 -1.68
C GLY C 475 6.67 22.48 -2.60
N THR C 476 7.07 22.58 -3.86
CA THR C 476 6.18 23.07 -4.90
C THR C 476 5.45 21.93 -5.59
N GLN C 477 6.08 20.75 -5.67
CA GLN C 477 5.48 19.59 -6.31
C GLN C 477 4.86 18.65 -5.29
N VAL C 478 5.62 18.20 -4.30
CA VAL C 478 5.14 17.23 -3.33
C VAL C 478 4.28 17.93 -2.29
N GLU C 479 3.34 17.18 -1.72
CA GLU C 479 2.43 17.77 -0.75
C GLU C 479 3.01 17.72 0.66
N ASN C 480 3.63 16.60 1.03
CA ASN C 480 4.18 16.44 2.37
C ASN C 480 5.26 17.47 2.67
N PHE C 481 5.86 18.07 1.65
CA PHE C 481 6.89 19.08 1.85
C PHE C 481 6.37 20.49 1.60
N SER C 482 5.06 20.67 1.50
CA SER C 482 4.51 21.95 1.04
C SER C 482 4.76 23.08 2.02
N THR C 483 5.03 22.78 3.29
CA THR C 483 5.36 23.80 4.27
C THR C 483 6.41 23.24 5.22
N PHE C 484 6.82 24.05 6.19
CA PHE C 484 7.95 23.67 7.04
C PHE C 484 7.59 22.55 8.00
N VAL C 485 6.57 22.75 8.82
CA VAL C 485 6.22 21.74 9.80
C VAL C 485 5.83 20.44 9.13
N LYS C 486 5.30 20.51 7.92
CA LYS C 486 5.03 19.28 7.19
C LYS C 486 6.32 18.58 6.78
N CYS C 487 7.38 19.35 6.48
CA CYS C 487 8.68 18.73 6.24
C CYS C 487 9.21 18.08 7.52
N ILE C 488 9.03 18.74 8.65
CA ILE C 488 9.46 18.17 9.92
C ILE C 488 8.81 16.81 10.15
N PHE C 489 7.48 16.76 10.02
CA PHE C 489 6.79 15.51 10.28
C PHE C 489 7.07 14.47 9.20
N THR C 490 7.30 14.90 7.96
CA THR C 490 7.65 13.95 6.91
C THR C 490 8.99 13.29 7.19
N GLN C 491 9.97 14.05 7.68
CA GLN C 491 11.25 13.45 8.02
C GLN C 491 11.13 12.55 9.24
N PHE C 492 10.36 12.98 10.23
CA PHE C 492 10.13 12.14 11.40
C PHE C 492 9.48 10.82 11.00
N ARG C 493 8.62 10.84 9.98
CA ARG C 493 8.04 9.58 9.52
C ARG C 493 9.03 8.77 8.69
N ILE C 494 9.90 9.44 7.94
CA ILE C 494 10.96 8.72 7.22
C ILE C 494 11.81 7.94 8.21
N ILE C 495 12.01 8.47 9.41
CA ILE C 495 12.76 7.74 10.44
C ILE C 495 12.07 6.42 10.75
N LEU C 496 10.74 6.42 10.83
CA LEU C 496 9.97 5.24 11.20
C LEU C 496 9.74 4.28 10.05
N GLY C 497 10.51 4.40 8.97
CA GLY C 497 10.36 3.49 7.86
C GLY C 497 9.09 3.64 7.06
N ASP C 498 8.42 4.78 7.17
CA ASP C 498 7.17 5.04 6.45
C ASP C 498 7.40 6.23 5.54
N PHE C 499 7.62 5.97 4.26
CA PHE C 499 7.92 7.04 3.30
C PHE C 499 7.31 6.69 1.95
N ASP C 500 7.41 7.64 1.02
CA ASP C 500 6.95 7.47 -0.35
C ASP C 500 8.08 7.97 -1.23
N TYR C 501 9.00 7.07 -1.58
CA TYR C 501 10.20 7.46 -2.31
C TYR C 501 9.90 7.87 -3.75
N ASN C 502 8.79 7.39 -4.32
CA ASN C 502 8.53 7.64 -5.73
C ASN C 502 8.16 9.10 -5.97
N ALA C 503 7.40 9.70 -5.07
CA ALA C 503 7.08 11.11 -5.22
C ALA C 503 8.32 11.98 -5.09
N ILE C 504 9.18 11.66 -4.13
CA ILE C 504 10.44 12.37 -3.97
C ILE C 504 11.27 12.27 -5.25
N ASP C 505 11.35 11.07 -5.82
CA ASP C 505 12.16 10.88 -7.02
C ASP C 505 11.57 11.62 -8.20
N ASN C 506 10.27 11.52 -8.42
CA ASN C 506 9.64 12.21 -9.54
C ASN C 506 9.75 13.71 -9.43
N ALA C 507 9.73 14.25 -8.20
CA ALA C 507 9.85 15.69 -8.02
C ALA C 507 11.17 16.19 -8.58
N ASN C 508 12.25 15.46 -8.35
CA ASN C 508 13.57 15.86 -8.83
C ASN C 508 14.44 14.61 -8.85
N ARG C 509 14.75 14.10 -10.03
CA ARG C 509 15.38 12.79 -10.14
C ARG C 509 16.90 12.86 -10.15
N ILE C 510 17.49 13.96 -9.69
CA ILE C 510 18.92 14.05 -9.46
C ILE C 510 19.23 14.42 -8.02
N LEU C 511 18.48 15.35 -7.45
CA LEU C 511 18.63 15.71 -6.04
C LEU C 511 17.60 15.03 -5.15
N GLY C 512 16.77 14.15 -5.68
CA GLY C 512 15.84 13.40 -4.88
C GLY C 512 16.50 12.21 -4.22
N PRO C 513 17.08 11.31 -5.03
CA PRO C 513 17.83 10.20 -4.46
C PRO C 513 18.98 10.64 -3.56
N VAL C 514 19.69 11.71 -3.91
CA VAL C 514 20.77 12.19 -3.06
C VAL C 514 20.23 12.59 -1.69
N TYR C 515 19.16 13.38 -1.68
CA TYR C 515 18.55 13.80 -0.42
C TYR C 515 18.16 12.59 0.41
N PHE C 516 17.42 11.66 -0.18
CA PHE C 516 16.94 10.49 0.56
C PHE C 516 18.10 9.69 1.14
N VAL C 517 19.07 9.32 0.30
CA VAL C 517 20.16 8.45 0.73
C VAL C 517 20.98 9.13 1.82
N THR C 518 21.38 10.38 1.60
CA THR C 518 22.22 11.03 2.59
C THR C 518 21.47 11.27 3.90
N TYR C 519 20.17 11.53 3.85
CA TYR C 519 19.42 11.70 5.09
C TYR C 519 19.39 10.40 5.88
N VAL C 520 19.11 9.29 5.22
CA VAL C 520 19.06 8.01 5.92
C VAL C 520 20.43 7.68 6.52
N PHE C 521 21.49 7.92 5.75
CA PHE C 521 22.83 7.64 6.27
C PHE C 521 23.14 8.51 7.47
N PHE C 522 22.71 9.78 7.45
CA PHE C 522 22.96 10.65 8.59
C PHE C 522 22.22 10.16 9.82
N VAL C 523 20.98 9.73 9.66
CA VAL C 523 20.23 9.24 10.82
C VAL C 523 20.91 8.02 11.42
N PHE C 524 21.28 7.06 10.57
CA PHE C 524 21.92 5.85 11.09
C PHE C 524 23.26 6.18 11.74
N PHE C 525 24.01 7.12 11.17
CA PHE C 525 25.29 7.52 11.75
C PHE C 525 25.10 8.12 13.13
N VAL C 526 24.12 9.01 13.29
CA VAL C 526 23.90 9.63 14.59
C VAL C 526 23.48 8.59 15.62
N LEU C 527 22.59 7.67 15.24
CA LEU C 527 22.15 6.65 16.19
C LEU C 527 23.32 5.78 16.63
N LEU C 528 24.09 5.28 15.67
CA LEU C 528 25.23 4.43 16.00
C LEU C 528 26.23 5.19 16.87
N ASN C 529 26.41 6.47 16.60
CA ASN C 529 27.36 7.26 17.38
C ASN C 529 26.92 7.40 18.83
N MET C 530 25.64 7.72 19.05
CA MET C 530 25.19 7.86 20.44
C MET C 530 25.20 6.53 21.16
N PHE C 531 24.95 5.42 20.45
CA PHE C 531 25.04 4.12 21.11
C PHE C 531 26.48 3.81 21.51
N LEU C 532 27.43 4.12 20.64
CA LEU C 532 28.84 3.95 21.00
C LEU C 532 29.20 4.78 22.21
N ALA C 533 28.74 6.03 22.26
CA ALA C 533 29.02 6.86 23.43
C ALA C 533 28.43 6.26 24.69
N ILE C 534 27.19 5.77 24.61
CA ILE C 534 26.54 5.20 25.79
C ILE C 534 27.35 4.02 26.31
N ILE C 535 27.61 3.02 25.46
CA ILE C 535 28.30 1.83 25.96
C ILE C 535 29.80 2.01 26.09
N ASN C 536 30.32 3.19 25.75
CA ASN C 536 31.70 3.52 26.10
C ASN C 536 31.79 4.29 27.40
N ASP C 537 30.70 4.89 27.84
CA ASP C 537 30.69 5.51 29.16
C ASP C 537 30.98 4.51 30.26
N THR C 538 30.32 3.35 30.20
CA THR C 538 30.42 2.38 31.30
C THR C 538 31.80 1.74 31.36
N TYR C 539 32.48 1.60 30.22
CA TYR C 539 33.85 1.12 30.24
C TYR C 539 34.73 2.02 31.10
N SER C 540 34.68 3.32 30.83
CA SER C 540 35.48 4.26 31.62
C SER C 540 35.01 4.30 33.07
N GLU C 541 33.71 4.15 33.31
CA GLU C 541 33.21 4.14 34.68
C GLU C 541 33.80 2.98 35.48
N VAL C 542 33.66 1.76 34.96
CA VAL C 542 34.21 0.60 35.65
C VAL C 542 35.73 0.63 35.68
N LYS C 543 36.37 1.28 34.70
CA LYS C 543 37.82 1.38 34.70
C LYS C 543 38.29 2.27 35.85
N GLU C 544 37.71 3.46 35.98
CA GLU C 544 38.14 4.37 37.03
C GLU C 544 37.70 3.89 38.41
N GLU C 545 36.61 3.10 38.50
CA GLU C 545 36.19 2.63 39.81
C GLU C 545 36.94 1.35 40.22
N LEU C 546 37.47 0.60 39.25
CA LEU C 546 38.29 -0.57 39.58
C LEU C 546 39.74 -0.19 39.84
N ALA C 547 40.26 0.83 39.16
CA ALA C 547 41.64 1.27 39.33
C ALA C 547 41.72 2.57 40.12
N GLY C 548 40.74 2.85 40.96
CA GLY C 548 40.75 4.06 41.78
C GLY C 548 40.51 3.78 43.25
N GLY D 61 12.11 -48.65 22.49
CA GLY D 61 12.52 -47.59 23.39
C GLY D 61 12.21 -46.21 22.86
N THR D 62 13.22 -45.55 22.32
CA THR D 62 13.04 -44.23 21.73
C THR D 62 12.77 -44.28 20.23
N LEU D 63 13.22 -45.33 19.55
CA LEU D 63 12.97 -45.45 18.12
C LEU D 63 11.48 -45.48 17.83
N VAL D 64 10.73 -46.28 18.58
CA VAL D 64 9.29 -46.36 18.34
C VAL D 64 8.62 -45.03 18.69
N GLN D 65 9.12 -44.31 19.70
CA GLN D 65 8.47 -43.06 20.06
C GLN D 65 8.69 -42.00 18.99
N ILE D 66 9.92 -41.88 18.48
CA ILE D 66 10.17 -40.88 17.44
C ILE D 66 9.46 -41.27 16.15
N LEU D 67 9.40 -42.57 15.84
CA LEU D 67 8.66 -43.01 14.65
C LEU D 67 7.18 -42.67 14.79
N PHE D 68 6.59 -42.94 15.96
CA PHE D 68 5.19 -42.67 16.18
C PHE D 68 4.90 -41.17 16.14
N LEU D 69 5.80 -40.35 16.66
CA LEU D 69 5.58 -38.91 16.63
C LEU D 69 5.71 -38.37 15.21
N THR D 70 6.66 -38.89 14.43
CA THR D 70 6.75 -38.48 13.03
C THR D 70 5.51 -38.90 12.26
N LEU D 71 4.99 -40.10 12.54
CA LEU D 71 3.76 -40.53 11.90
C LEU D 71 2.58 -39.66 12.30
N LEU D 72 2.57 -39.19 13.55
CA LEU D 72 1.48 -38.32 14.00
C LEU D 72 1.54 -36.97 13.30
N MET D 73 2.74 -36.39 13.18
CA MET D 73 2.85 -35.15 12.43
C MET D 73 2.50 -35.36 10.97
N THR D 74 2.83 -36.52 10.41
CA THR D 74 2.40 -36.83 9.05
C THR D 74 0.89 -36.89 8.95
N THR D 75 0.23 -37.45 9.96
CA THR D 75 -1.22 -37.51 9.97
C THR D 75 -1.83 -36.12 9.99
N VAL D 76 -1.35 -35.26 10.89
CA VAL D 76 -1.95 -33.93 11.01
C VAL D 76 -1.56 -33.05 9.83
N TYR D 77 -0.48 -33.36 9.13
CA TYR D 77 -0.09 -32.56 7.97
C TYR D 77 -0.83 -32.98 6.70
N SER D 78 -1.02 -34.28 6.50
CA SER D 78 -1.47 -34.77 5.21
C SER D 78 -2.94 -34.47 4.92
N ALA D 79 -3.68 -33.93 5.88
CA ALA D 79 -5.08 -33.56 5.66
C ALA D 79 -5.12 -32.19 4.98
N LYS D 80 -4.72 -32.18 3.71
CA LYS D 80 -4.60 -30.93 2.95
C LYS D 80 -5.13 -31.16 1.55
N ASP D 81 -6.15 -30.39 1.16
CA ASP D 81 -6.69 -30.38 -0.18
C ASP D 81 -7.06 -28.95 -0.56
N SER D 82 -6.39 -28.41 -1.57
CA SER D 82 -6.63 -27.02 -1.95
C SER D 82 -7.95 -26.82 -2.66
N SER D 83 -8.61 -27.89 -3.10
CA SER D 83 -9.89 -27.76 -3.78
C SER D 83 -10.95 -27.11 -2.89
N ARG D 84 -10.75 -27.11 -1.58
CA ARG D 84 -11.69 -26.46 -0.69
C ARG D 84 -11.56 -24.95 -0.71
N PHE D 85 -10.41 -24.42 -1.11
CA PHE D 85 -10.25 -22.98 -1.15
C PHE D 85 -11.01 -22.39 -2.33
N PHE D 86 -10.64 -22.80 -3.54
CA PHE D 86 -11.22 -22.22 -4.75
C PHE D 86 -12.74 -22.25 -4.71
N LEU D 87 -13.31 -23.39 -4.35
CA LEU D 87 -14.76 -23.51 -4.20
C LEU D 87 -15.33 -22.31 -3.47
N HIS D 88 -14.88 -22.10 -2.24
CA HIS D 88 -15.33 -20.94 -1.46
C HIS D 88 -15.22 -19.67 -2.30
N ARG D 89 -14.00 -19.37 -2.75
CA ARG D 89 -13.77 -18.16 -3.53
C ARG D 89 -14.75 -18.06 -4.67
N ALA D 90 -14.92 -19.16 -5.42
CA ALA D 90 -15.84 -19.15 -6.54
C ALA D 90 -17.21 -18.67 -6.12
N ILE D 91 -17.80 -19.33 -5.11
CA ILE D 91 -19.11 -18.93 -4.64
C ILE D 91 -19.08 -17.49 -4.14
N TRP D 92 -18.02 -17.12 -3.43
CA TRP D 92 -17.96 -15.78 -2.88
C TRP D 92 -17.88 -14.73 -3.98
N LYS D 93 -17.47 -15.10 -5.18
CA LYS D 93 -17.42 -14.11 -6.24
C LYS D 93 -18.74 -13.96 -6.97
N ARG D 94 -19.67 -14.88 -6.76
CA ARG D 94 -20.93 -14.82 -7.49
C ARG D 94 -22.01 -14.12 -6.68
N PHE D 95 -22.27 -14.59 -5.47
CA PHE D 95 -23.37 -14.07 -4.68
C PHE D 95 -23.03 -12.78 -3.94
N SER D 96 -21.74 -12.45 -3.82
CA SER D 96 -21.35 -11.20 -3.20
C SER D 96 -21.16 -10.08 -4.20
N HIS D 97 -21.84 -10.14 -5.34
CA HIS D 97 -21.73 -9.12 -6.36
C HIS D 97 -22.83 -8.09 -6.13
N ARG D 98 -22.44 -6.82 -5.94
CA ARG D 98 -23.37 -5.74 -5.65
C ARG D 98 -24.14 -6.00 -4.35
N PHE D 99 -23.50 -6.69 -3.41
CA PHE D 99 -24.17 -6.99 -2.14
C PHE D 99 -24.03 -5.86 -1.14
N SER D 100 -22.92 -5.13 -1.19
CA SER D 100 -22.69 -4.05 -0.24
C SER D 100 -23.49 -2.80 -0.56
N GLU D 101 -24.07 -2.70 -1.74
CA GLU D 101 -24.88 -1.54 -2.11
C GLU D 101 -26.29 -1.61 -1.54
N ILE D 102 -26.54 -2.48 -0.56
CA ILE D 102 -27.83 -2.56 0.09
C ILE D 102 -27.72 -1.77 1.39
N LYS D 103 -28.41 -0.63 1.44
CA LYS D 103 -28.39 0.22 2.63
C LYS D 103 -29.75 0.40 3.28
N THR D 104 -30.81 0.06 2.56
CA THR D 104 -32.20 0.18 3.08
C THR D 104 -32.79 -1.22 3.28
N VAL D 105 -34.13 -1.33 3.19
CA VAL D 105 -34.83 -2.64 3.37
C VAL D 105 -35.58 -2.97 2.08
N GLU D 106 -35.73 -1.98 1.19
CA GLU D 106 -36.44 -2.18 -0.10
C GLU D 106 -35.42 -2.28 -1.23
N ASP D 107 -34.13 -2.44 -0.88
CA ASP D 107 -33.06 -2.56 -1.88
C ASP D 107 -32.57 -4.02 -1.95
N PHE D 108 -33.40 -4.95 -1.46
CA PHE D 108 -33.05 -6.39 -1.46
C PHE D 108 -33.85 -7.11 -2.55
N TYR D 109 -34.96 -6.51 -2.98
CA TYR D 109 -35.83 -7.11 -4.03
C TYR D 109 -35.13 -6.98 -5.39
N PRO D 110 -34.52 -5.83 -5.71
CA PRO D 110 -33.84 -5.64 -7.00
C PRO D 110 -32.47 -6.33 -7.01
N TRP D 111 -31.93 -6.61 -5.82
CA TRP D 111 -30.61 -7.29 -5.68
C TRP D 111 -30.79 -8.80 -5.79
N ALA D 112 -31.98 -9.31 -5.41
CA ALA D 112 -32.26 -10.76 -5.47
C ALA D 112 -33.11 -11.06 -6.71
N ASN D 113 -33.08 -10.18 -7.71
CA ASN D 113 -33.86 -10.38 -8.96
C ASN D 113 -32.92 -10.39 -10.16
N GLY D 114 -31.62 -10.13 -9.93
CA GLY D 114 -30.63 -10.12 -11.03
C GLY D 114 -29.25 -10.53 -10.55
N THR D 115 -29.08 -10.68 -9.24
CA THR D 115 -27.76 -11.08 -8.66
C THR D 115 -27.92 -12.34 -7.80
N LEU D 116 -29.17 -12.75 -7.54
CA LEU D 116 -29.41 -13.93 -6.72
C LEU D 116 -30.16 -15.01 -7.49
N LEU D 117 -31.23 -14.67 -8.16
CA LEU D 117 -31.97 -15.67 -8.91
C LEU D 117 -31.21 -16.15 -10.13
N PRO D 118 -30.52 -15.28 -10.88
CA PRO D 118 -29.72 -15.80 -12.00
C PRO D 118 -28.60 -16.72 -11.55
N ASN D 119 -27.93 -16.40 -10.45
CA ASN D 119 -26.82 -17.20 -9.96
C ASN D 119 -27.27 -18.43 -9.19
N LEU D 120 -28.56 -18.61 -8.95
CA LEU D 120 -29.05 -19.75 -8.20
C LEU D 120 -29.66 -20.82 -9.08
N TYR D 121 -30.05 -20.48 -10.32
CA TYR D 121 -30.73 -21.38 -11.23
C TYR D 121 -30.12 -21.28 -12.62
N GLY D 122 -28.78 -21.27 -12.64
CA GLY D 122 -27.97 -21.07 -13.86
C GLY D 122 -28.18 -22.08 -14.97
N ASP D 123 -29.25 -21.90 -15.75
CA ASP D 123 -29.64 -22.70 -16.95
C ASP D 123 -29.21 -24.17 -16.86
N TYR D 124 -29.58 -24.87 -15.79
CA TYR D 124 -29.24 -26.30 -15.57
C TYR D 124 -30.30 -26.88 -14.63
N ARG D 125 -30.61 -28.17 -14.76
CA ARG D 125 -31.65 -28.79 -13.88
C ARG D 125 -31.09 -29.05 -12.48
N GLY D 126 -30.97 -28.01 -11.66
CA GLY D 126 -30.49 -28.17 -10.27
C GLY D 126 -29.21 -27.41 -9.98
N PHE D 127 -28.17 -27.62 -10.79
CA PHE D 127 -26.84 -26.99 -10.59
C PHE D 127 -26.92 -25.47 -10.48
N ILE D 128 -26.09 -24.89 -9.60
CA ILE D 128 -26.05 -23.43 -9.31
C ILE D 128 -25.53 -22.66 -10.53
N THR D 129 -24.21 -22.56 -10.71
CA THR D 129 -23.66 -21.80 -11.86
C THR D 129 -22.66 -22.68 -12.62
N ASP D 130 -22.76 -22.70 -13.95
CA ASP D 130 -21.87 -23.52 -14.81
C ASP D 130 -21.84 -24.96 -14.27
N GLY D 131 -23.02 -25.56 -14.07
CA GLY D 131 -23.08 -26.94 -13.54
C GLY D 131 -22.27 -27.07 -12.27
N ASN D 132 -21.42 -28.11 -12.19
CA ASN D 132 -20.54 -28.35 -11.03
C ASN D 132 -21.35 -28.50 -9.73
N SER D 133 -21.52 -27.41 -8.98
CA SER D 133 -22.22 -27.43 -7.67
C SER D 133 -23.72 -27.69 -7.83
N PHE D 134 -24.22 -28.75 -7.20
CA PHE D 134 -25.66 -29.11 -7.21
C PHE D 134 -26.37 -28.30 -6.12
N LEU D 135 -27.68 -28.07 -6.23
CA LEU D 135 -28.36 -27.29 -5.20
C LEU D 135 -29.25 -28.22 -4.39
N LEU D 136 -28.85 -28.50 -3.14
CA LEU D 136 -29.55 -29.50 -2.34
C LEU D 136 -30.81 -28.92 -1.73
N GLY D 137 -31.92 -29.62 -1.92
CA GLY D 137 -33.15 -29.25 -1.25
C GLY D 137 -33.77 -27.96 -1.73
N ASN D 138 -33.73 -26.93 -0.89
CA ASN D 138 -34.55 -25.74 -1.10
C ASN D 138 -33.88 -24.55 -0.43
N VAL D 139 -34.19 -23.36 -0.94
CA VAL D 139 -33.63 -22.12 -0.42
C VAL D 139 -34.56 -21.60 0.67
N LEU D 140 -33.99 -20.93 1.66
CA LEU D 140 -34.78 -20.41 2.78
C LEU D 140 -34.48 -18.94 2.98
N ILE D 141 -35.52 -18.14 3.23
CA ILE D 141 -35.38 -16.75 3.61
C ILE D 141 -36.01 -16.59 4.99
N ARG D 142 -35.19 -16.21 5.96
CA ARG D 142 -35.62 -16.09 7.35
C ARG D 142 -35.47 -14.65 7.82
N GLN D 143 -36.35 -14.26 8.73
CA GLN D 143 -36.36 -12.88 9.19
C GLN D 143 -36.68 -12.85 10.68
N THR D 144 -35.97 -12.00 11.42
CA THR D 144 -36.24 -11.77 12.84
C THR D 144 -36.66 -10.32 13.04
N ARG D 145 -37.71 -10.12 13.81
CA ARG D 145 -38.31 -8.79 13.96
C ARG D 145 -38.18 -8.31 15.41
N ILE D 146 -38.71 -7.12 15.64
CA ILE D 146 -38.86 -6.54 16.97
C ILE D 146 -40.32 -6.16 17.12
N PRO D 147 -40.87 -6.14 18.34
CA PRO D 147 -42.30 -5.83 18.49
C PRO D 147 -42.62 -4.44 17.98
N ASN D 148 -43.79 -4.31 17.34
CA ASN D 148 -44.20 -3.05 16.74
C ASN D 148 -44.71 -2.09 17.81
N ASP D 149 -43.77 -1.64 18.64
CA ASP D 149 -44.04 -0.62 19.64
C ASP D 149 -43.61 0.76 19.17
N ILE D 150 -43.70 1.00 17.86
CA ILE D 150 -43.39 2.29 17.27
C ILE D 150 -44.64 3.16 17.41
N PHE D 151 -45.71 2.57 17.95
CA PHE D 151 -46.87 3.36 18.34
C PHE D 151 -46.49 4.43 19.35
N PHE D 152 -45.51 4.16 20.21
CA PHE D 152 -45.04 5.20 21.13
C PHE D 152 -44.35 6.34 20.38
N PRO D 153 -43.35 6.10 19.51
CA PRO D 153 -42.89 7.19 18.64
C PRO D 153 -43.77 7.38 17.41
N GLY D 154 -44.87 8.12 17.55
CA GLY D 154 -45.76 8.35 16.43
C GLY D 154 -45.09 8.92 15.20
N SER D 155 -43.93 9.55 15.35
CA SER D 155 -43.15 10.05 14.22
C SER D 155 -41.67 9.68 14.32
N LEU D 156 -41.31 8.73 15.18
CA LEU D 156 -39.91 8.35 15.40
C LEU D 156 -39.08 9.54 15.87
N HIS D 157 -39.65 10.32 16.79
CA HIS D 157 -39.03 11.56 17.23
C HIS D 157 -37.93 11.26 18.26
N LYS D 158 -37.43 12.31 18.92
CA LYS D 158 -36.30 12.21 19.83
C LYS D 158 -36.80 12.21 21.27
N GLN D 159 -36.88 11.03 21.88
CA GLN D 159 -37.17 10.92 23.29
C GLN D 159 -36.39 9.74 23.86
N MET D 160 -36.71 9.34 25.09
CA MET D 160 -36.00 8.25 25.76
C MET D 160 -36.45 6.91 25.17
N LYS D 161 -35.94 6.65 23.96
CA LYS D 161 -36.29 5.46 23.20
C LYS D 161 -35.51 4.25 23.67
N SER D 162 -35.49 3.20 22.84
CA SER D 162 -34.79 1.95 23.09
C SER D 162 -35.30 1.25 24.34
N PRO D 163 -36.51 0.70 24.31
CA PRO D 163 -36.94 -0.24 25.36
C PRO D 163 -36.00 -1.44 25.42
N PRO D 164 -36.12 -2.31 26.43
CA PRO D 164 -35.03 -3.26 26.73
C PRO D 164 -34.78 -4.28 25.63
N GLN D 165 -34.08 -3.85 24.58
CA GLN D 165 -33.51 -4.63 23.50
C GLN D 165 -34.56 -5.08 22.48
N HIS D 166 -35.85 -4.86 22.74
CA HIS D 166 -36.92 -5.35 21.88
C HIS D 166 -36.65 -6.80 21.46
N GLN D 167 -36.66 -7.70 22.45
CA GLN D 167 -36.38 -9.09 22.17
C GLN D 167 -37.31 -9.61 21.08
N GLU D 168 -36.86 -10.63 20.36
CA GLU D 168 -37.49 -11.08 19.12
C GLU D 168 -39.01 -11.23 19.27
N ASP D 169 -39.73 -10.57 18.37
CA ASP D 169 -41.19 -10.58 18.36
C ASP D 169 -41.69 -11.97 17.98
N ARG D 170 -41.89 -12.83 18.96
CA ARG D 170 -42.28 -14.22 18.70
C ARG D 170 -43.78 -14.42 18.89
N GLU D 171 -44.56 -13.74 18.05
CA GLU D 171 -46.01 -13.89 18.06
C GLU D 171 -46.53 -13.92 16.63
N ASN D 172 -47.65 -14.62 16.44
CA ASN D 172 -48.21 -14.80 15.12
C ASN D 172 -48.88 -13.52 14.64
N TYR D 173 -49.24 -13.50 13.36
CA TYR D 173 -49.88 -12.34 12.77
C TYR D 173 -50.81 -12.82 11.66
N GLY D 174 -51.28 -11.89 10.83
CA GLY D 174 -52.30 -12.20 9.85
C GLY D 174 -51.89 -11.95 8.41
N ALA D 175 -52.81 -11.45 7.60
CA ALA D 175 -52.56 -11.21 6.19
C ALA D 175 -51.38 -10.27 6.01
N GLY D 176 -51.54 -9.01 6.38
CA GLY D 176 -50.40 -8.14 6.59
C GLY D 176 -49.77 -8.50 7.92
N TRP D 177 -49.26 -7.50 8.62
CA TRP D 177 -48.92 -7.70 10.02
C TRP D 177 -50.11 -7.41 10.94
N VAL D 178 -51.31 -7.49 10.38
CA VAL D 178 -52.59 -7.44 11.09
C VAL D 178 -52.60 -8.48 12.20
N PRO D 179 -53.24 -8.20 13.35
CA PRO D 179 -53.30 -9.18 14.43
C PRO D 179 -53.84 -10.51 13.96
N PRO D 180 -53.53 -11.60 14.67
CA PRO D 180 -53.83 -12.94 14.16
C PRO D 180 -55.31 -13.23 14.05
N ASP D 181 -55.64 -14.44 13.60
CA ASP D 181 -57.02 -14.88 13.41
C ASP D 181 -57.43 -15.99 14.36
N THR D 182 -56.53 -16.93 14.66
CA THR D 182 -56.84 -18.01 15.58
C THR D 182 -55.72 -18.12 16.61
N ASN D 183 -55.72 -19.17 17.42
CA ASN D 183 -54.75 -19.34 18.49
C ASN D 183 -53.76 -20.46 18.23
N ILE D 184 -53.88 -21.17 17.11
CA ILE D 184 -52.94 -22.24 16.80
C ILE D 184 -51.79 -21.67 15.98
N THR D 185 -50.70 -22.42 15.91
CA THR D 185 -49.51 -22.03 15.16
C THR D 185 -49.39 -22.89 13.91
N LYS D 186 -49.40 -22.25 12.75
CA LYS D 186 -49.23 -22.96 11.50
C LYS D 186 -47.76 -23.08 11.13
N VAL D 187 -47.44 -24.14 10.40
CA VAL D 187 -46.08 -24.39 9.95
C VAL D 187 -45.91 -24.07 8.46
N ASP D 188 -46.87 -23.37 7.87
CA ASP D 188 -46.82 -23.05 6.45
C ASP D 188 -47.13 -21.59 6.15
N SER D 189 -47.27 -20.74 7.17
CA SER D 189 -47.61 -19.35 6.97
C SER D 189 -46.39 -18.47 7.13
N ILE D 190 -46.28 -17.45 6.28
CA ILE D 190 -45.16 -16.54 6.31
C ILE D 190 -45.18 -15.64 7.54
N TRP D 191 -46.32 -15.54 8.23
CA TRP D 191 -46.51 -14.56 9.29
C TRP D 191 -46.63 -15.21 10.66
N HIS D 192 -45.97 -16.32 10.89
CA HIS D 192 -46.01 -17.03 12.16
C HIS D 192 -44.60 -17.34 12.61
N TYR D 193 -44.23 -16.91 13.81
CA TYR D 193 -42.93 -17.25 14.38
C TYR D 193 -42.83 -18.75 14.56
N GLN D 194 -41.94 -19.41 13.81
CA GLN D 194 -41.98 -20.87 13.76
C GLN D 194 -41.39 -21.49 15.02
N ASN D 195 -40.06 -21.43 15.16
CA ASN D 195 -39.36 -21.96 16.33
C ASN D 195 -37.86 -21.85 16.11
N GLN D 196 -37.07 -22.26 17.12
CA GLN D 196 -35.70 -22.66 16.85
C GLN D 196 -35.55 -24.17 16.71
N GLU D 197 -36.39 -24.92 17.42
CA GLU D 197 -36.32 -26.38 17.35
C GLU D 197 -37.09 -26.93 16.14
N SER D 198 -38.34 -26.50 15.98
CA SER D 198 -39.14 -26.97 14.86
C SER D 198 -38.56 -26.58 13.52
N LEU D 199 -37.64 -25.62 13.49
CA LEU D 199 -36.94 -25.25 12.27
C LEU D 199 -35.65 -26.03 12.10
N GLY D 200 -35.08 -26.55 13.18
CA GLY D 200 -33.81 -27.23 13.11
C GLY D 200 -32.68 -26.30 12.75
N GLY D 201 -32.61 -25.17 13.45
CA GLY D 201 -31.62 -24.16 13.13
C GLY D 201 -30.52 -24.05 14.17
N TYR D 202 -29.87 -22.90 14.21
CA TYR D 202 -28.74 -22.67 15.10
C TYR D 202 -28.47 -21.17 15.18
N PRO D 203 -28.02 -20.68 16.32
CA PRO D 203 -27.79 -19.23 16.43
C PRO D 203 -26.69 -18.75 15.49
N ILE D 204 -27.08 -17.98 14.46
CA ILE D 204 -26.13 -17.46 13.49
C ILE D 204 -25.43 -16.28 14.14
N GLN D 205 -24.21 -16.47 14.61
CA GLN D 205 -23.51 -15.37 15.26
C GLN D 205 -23.06 -14.41 14.18
N GLY D 206 -23.80 -13.33 13.99
CA GLY D 206 -23.49 -12.34 12.98
C GLY D 206 -22.31 -11.47 13.39
N GLU D 207 -22.31 -10.24 12.89
CA GLU D 207 -21.24 -9.30 13.18
C GLU D 207 -21.40 -8.62 14.53
N LEU D 208 -22.59 -8.11 14.86
CA LEU D 208 -22.90 -7.63 16.20
C LEU D 208 -24.23 -8.23 16.67
N ALA D 209 -24.21 -9.52 17.03
CA ALA D 209 -25.40 -10.19 17.53
C ALA D 209 -25.15 -11.65 17.87
N THR D 210 -26.21 -12.38 18.19
CA THR D 210 -26.15 -13.83 18.21
C THR D 210 -27.31 -14.43 17.43
N TYR D 211 -28.44 -13.71 17.38
CA TYR D 211 -29.59 -14.11 16.55
C TYR D 211 -30.08 -15.51 16.90
N SER D 212 -30.65 -15.59 18.11
CA SER D 212 -30.79 -16.83 18.87
C SER D 212 -31.43 -18.00 18.12
N GLY D 213 -32.06 -17.77 16.97
CA GLY D 213 -32.61 -18.90 16.27
C GLY D 213 -33.53 -18.58 15.11
N GLY D 214 -34.72 -19.15 15.12
CA GLY D 214 -35.65 -19.05 14.03
C GLY D 214 -36.34 -17.70 13.95
N GLY D 215 -37.48 -17.68 13.29
CA GLY D 215 -38.22 -16.46 13.06
C GLY D 215 -39.32 -16.66 12.05
N TYR D 216 -39.46 -15.74 11.11
CA TYR D 216 -40.50 -15.79 10.10
C TYR D 216 -39.87 -16.23 8.79
N VAL D 217 -40.42 -17.28 8.20
CA VAL D 217 -39.71 -18.10 7.22
C VAL D 217 -40.51 -18.20 5.93
N VAL D 218 -39.80 -18.12 4.80
CA VAL D 218 -40.41 -18.38 3.50
C VAL D 218 -39.43 -19.21 2.66
N ARG D 219 -39.97 -19.97 1.71
CA ARG D 219 -39.18 -20.84 0.85
C ARG D 219 -39.52 -20.55 -0.61
N LEU D 220 -38.48 -20.41 -1.43
CA LEU D 220 -38.63 -19.94 -2.80
C LEU D 220 -37.90 -20.86 -3.78
N GLY D 221 -38.09 -22.16 -3.64
CA GLY D 221 -37.14 -23.11 -4.16
C GLY D 221 -37.44 -23.72 -5.52
N ARG D 222 -36.37 -24.14 -6.16
CA ARG D 222 -36.22 -25.16 -7.20
C ARG D 222 -36.61 -24.71 -8.62
N ASN D 223 -37.19 -23.54 -8.83
CA ASN D 223 -37.33 -23.05 -10.20
C ASN D 223 -36.82 -21.62 -10.28
N HIS D 224 -37.03 -20.98 -11.43
CA HIS D 224 -36.90 -19.53 -11.53
C HIS D 224 -38.25 -18.84 -11.46
N SER D 225 -39.30 -19.45 -11.99
CA SER D 225 -40.62 -18.85 -11.90
C SER D 225 -41.18 -18.92 -10.49
N ALA D 226 -41.02 -20.07 -9.83
CA ALA D 226 -41.50 -20.23 -8.46
C ALA D 226 -40.74 -19.37 -7.46
N ALA D 227 -39.65 -18.72 -7.89
CA ALA D 227 -38.97 -17.74 -7.06
C ALA D 227 -39.42 -16.32 -7.37
N THR D 228 -39.65 -15.99 -8.64
CA THR D 228 -40.17 -14.68 -8.97
C THR D 228 -41.57 -14.47 -8.41
N ARG D 229 -42.40 -15.51 -8.44
CA ARG D 229 -43.73 -15.41 -7.84
C ARG D 229 -43.62 -15.08 -6.36
N VAL D 230 -42.75 -15.79 -5.64
CA VAL D 230 -42.61 -15.57 -4.21
C VAL D 230 -42.07 -14.18 -3.93
N LEU D 231 -41.10 -13.71 -4.73
CA LEU D 231 -40.54 -12.39 -4.48
C LEU D 231 -41.58 -11.30 -4.73
N GLN D 232 -42.38 -11.43 -5.78
CA GLN D 232 -43.44 -10.45 -6.01
C GLN D 232 -44.47 -10.47 -4.89
N HIS D 233 -44.85 -11.67 -4.45
CA HIS D 233 -45.84 -11.77 -3.38
C HIS D 233 -45.31 -11.23 -2.07
N LEU D 234 -44.00 -11.28 -1.85
CA LEU D 234 -43.43 -10.68 -0.65
C LEU D 234 -43.25 -9.18 -0.79
N GLU D 235 -43.10 -8.68 -2.01
CA GLU D 235 -42.94 -7.25 -2.20
C GLU D 235 -44.27 -6.53 -2.12
N GLN D 236 -45.34 -7.12 -2.63
CA GLN D 236 -46.65 -6.50 -2.54
C GLN D 236 -47.13 -6.42 -1.09
N ARG D 237 -47.17 -7.57 -0.41
CA ARG D 237 -47.66 -7.64 0.96
C ARG D 237 -46.78 -6.91 1.95
N ARG D 238 -45.66 -6.33 1.52
CA ARG D 238 -44.74 -5.62 2.41
C ARG D 238 -44.28 -6.51 3.56
N TRP D 239 -43.58 -7.57 3.21
CA TRP D 239 -43.08 -8.51 4.20
C TRP D 239 -41.90 -7.94 4.96
N LEU D 240 -41.00 -7.24 4.26
CA LEU D 240 -39.83 -6.64 4.88
C LEU D 240 -40.18 -5.21 5.28
N ASP D 241 -40.29 -4.96 6.57
CA ASP D 241 -40.76 -3.70 7.11
C ASP D 241 -39.61 -2.91 7.72
N HIS D 242 -39.95 -1.82 8.39
CA HIS D 242 -38.98 -1.10 9.21
C HIS D 242 -38.76 -1.75 10.56
N CYS D 243 -39.62 -2.70 10.94
CA CYS D 243 -39.48 -3.44 12.18
C CYS D 243 -38.59 -4.66 12.04
N THR D 244 -37.99 -4.86 10.87
CA THR D 244 -37.18 -6.05 10.64
C THR D 244 -35.77 -5.85 11.20
N LYS D 245 -35.31 -6.83 11.94
CA LYS D 245 -33.89 -6.95 12.26
C LYS D 245 -33.25 -7.82 11.17
N ALA D 246 -32.11 -8.41 11.45
CA ALA D 246 -31.38 -9.24 10.49
C ALA D 246 -32.27 -10.13 9.63
N LEU D 247 -31.90 -10.27 8.36
CA LEU D 247 -32.53 -11.15 7.39
C LEU D 247 -31.48 -12.08 6.82
N PHE D 248 -31.78 -13.38 6.83
CA PHE D 248 -30.84 -14.39 6.37
C PHE D 248 -31.38 -15.12 5.15
N VAL D 249 -30.49 -15.41 4.22
CA VAL D 249 -30.80 -16.25 3.05
C VAL D 249 -29.86 -17.43 3.09
N GLU D 250 -30.40 -18.63 3.26
CA GLU D 250 -29.56 -19.79 3.50
C GLU D 250 -29.89 -20.91 2.53
N PHE D 251 -28.84 -21.59 2.05
CA PHE D 251 -29.01 -22.77 1.21
C PHE D 251 -27.72 -23.58 1.25
N THR D 252 -27.71 -24.70 0.52
CA THR D 252 -26.57 -25.61 0.56
C THR D 252 -26.39 -26.29 -0.78
N VAL D 253 -25.14 -26.61 -1.09
CA VAL D 253 -24.75 -27.11 -2.41
C VAL D 253 -23.77 -28.27 -2.21
N PHE D 254 -23.83 -29.25 -3.10
CA PHE D 254 -22.90 -30.37 -3.10
C PHE D 254 -22.17 -30.42 -4.43
N ASN D 255 -20.85 -30.28 -4.38
CA ASN D 255 -19.99 -30.40 -5.56
C ASN D 255 -19.45 -31.82 -5.63
N ALA D 256 -19.68 -32.49 -6.75
CA ALA D 256 -19.33 -33.90 -6.89
C ALA D 256 -18.06 -34.13 -7.67
N ASN D 257 -17.58 -33.15 -8.43
CA ASN D 257 -16.27 -33.28 -9.08
C ASN D 257 -15.19 -33.49 -8.03
N VAL D 258 -15.13 -32.60 -7.06
CA VAL D 258 -14.37 -32.80 -5.83
C VAL D 258 -15.39 -32.95 -4.71
N ASN D 259 -15.42 -34.11 -4.08
CA ASN D 259 -16.53 -34.40 -3.16
C ASN D 259 -16.52 -33.40 -2.02
N LEU D 260 -17.43 -32.44 -2.04
CA LEU D 260 -17.34 -31.32 -1.11
C LEU D 260 -18.73 -30.71 -0.94
N LEU D 261 -19.20 -30.67 0.30
CA LEU D 261 -20.50 -30.11 0.62
C LEU D 261 -20.30 -28.74 1.25
N CYS D 262 -20.93 -27.71 0.68
CA CYS D 262 -20.81 -26.35 1.16
C CYS D 262 -22.18 -25.86 1.60
N ALA D 263 -22.18 -25.00 2.61
CA ALA D 263 -23.41 -24.41 3.14
C ALA D 263 -23.21 -22.91 3.17
N VAL D 264 -24.10 -22.17 2.48
CA VAL D 264 -23.97 -20.74 2.27
C VAL D 264 -25.07 -20.02 3.04
N THR D 265 -24.71 -18.88 3.63
CA THR D 265 -25.62 -18.05 4.41
C THR D 265 -25.28 -16.59 4.15
N LEU D 266 -26.24 -15.85 3.61
CA LEU D 266 -26.10 -14.42 3.40
C LEU D 266 -26.84 -13.68 4.51
N ILE D 267 -26.13 -12.81 5.22
CA ILE D 267 -26.63 -12.18 6.44
C ILE D 267 -26.78 -10.69 6.18
N LEU D 268 -27.91 -10.13 6.57
CA LEU D 268 -28.11 -8.69 6.61
C LEU D 268 -28.49 -8.28 8.01
N GLU D 269 -27.64 -7.50 8.67
CA GLU D 269 -27.90 -7.08 10.04
C GLU D 269 -28.27 -5.62 10.04
N SER D 270 -29.27 -5.26 10.84
CA SER D 270 -29.73 -3.88 10.92
C SER D 270 -28.97 -3.19 12.04
N SER D 271 -28.07 -2.28 11.66
CA SER D 271 -27.35 -1.50 12.65
C SER D 271 -28.30 -0.50 13.31
N GLY D 272 -27.81 0.14 14.37
CA GLY D 272 -28.60 1.14 15.07
C GLY D 272 -29.12 2.21 14.13
N VAL D 273 -28.20 3.01 13.57
CA VAL D 273 -28.57 3.91 12.50
C VAL D 273 -29.16 3.12 11.35
N GLY D 274 -30.22 3.64 10.73
CA GLY D 274 -30.89 2.89 9.70
C GLY D 274 -29.98 2.55 8.53
N THR D 275 -29.53 1.31 8.49
CA THR D 275 -28.64 0.81 7.44
C THR D 275 -28.57 -0.69 7.61
N PHE D 276 -27.70 -1.34 6.84
CA PHE D 276 -27.60 -2.79 6.87
C PHE D 276 -26.15 -3.21 6.64
N LEU D 277 -25.57 -3.91 7.61
CA LEU D 277 -24.29 -4.54 7.44
C LEU D 277 -24.47 -5.90 6.78
N THR D 278 -23.79 -6.11 5.65
CA THR D 278 -23.98 -7.27 4.82
C THR D 278 -22.78 -8.20 4.94
N SER D 279 -23.03 -9.50 5.11
CA SER D 279 -21.95 -10.46 5.26
C SER D 279 -22.33 -11.76 4.57
N LEU D 280 -21.32 -12.59 4.32
CA LEU D 280 -21.50 -13.87 3.65
C LEU D 280 -20.67 -14.91 4.39
N GLN D 281 -21.29 -16.05 4.70
CA GLN D 281 -20.63 -17.08 5.49
C GLN D 281 -20.79 -18.44 4.81
N LEU D 282 -19.69 -19.13 4.59
CA LEU D 282 -19.70 -20.44 3.97
C LEU D 282 -18.99 -21.45 4.86
N ASP D 283 -19.49 -22.67 4.89
CA ASP D 283 -18.86 -23.75 5.65
C ASP D 283 -18.79 -25.00 4.79
N SER D 284 -17.63 -25.63 4.73
CA SER D 284 -17.40 -26.76 3.85
C SER D 284 -17.19 -28.04 4.65
N LEU D 285 -17.29 -29.16 3.96
CA LEU D 285 -17.10 -30.46 4.58
C LEU D 285 -16.87 -31.49 3.48
N THR D 286 -15.76 -32.22 3.56
CA THR D 286 -15.44 -33.21 2.53
C THR D 286 -16.11 -34.53 2.88
N SER D 287 -17.10 -34.92 2.08
CA SER D 287 -17.85 -36.15 2.33
C SER D 287 -17.28 -37.31 1.54
N LEU D 288 -16.02 -37.64 1.83
CA LEU D 288 -15.32 -38.78 1.18
C LEU D 288 -15.65 -40.07 1.95
N GLN D 289 -15.23 -41.22 1.41
CA GLN D 289 -15.50 -42.53 2.08
C GLN D 289 -14.37 -42.86 3.07
N SER D 290 -14.50 -43.98 3.78
CA SER D 290 -13.49 -44.41 4.78
C SER D 290 -12.09 -44.35 4.15
N SER D 291 -11.93 -44.91 2.95
CA SER D 291 -10.63 -44.91 2.24
C SER D 291 -10.70 -44.01 1.01
N GLU D 292 -10.96 -44.60 -0.17
CA GLU D 292 -11.06 -43.83 -1.44
C GLU D 292 -9.83 -42.92 -1.58
N ARG D 293 -8.63 -43.51 -1.56
CA ARG D 293 -7.37 -42.75 -1.68
C ARG D 293 -6.23 -43.74 -1.97
N GLY D 294 -4.98 -43.35 -1.67
CA GLY D 294 -3.81 -44.22 -1.88
C GLY D 294 -3.66 -45.23 -0.75
N PHE D 295 -2.98 -46.34 -1.02
CA PHE D 295 -2.77 -47.40 0.00
C PHE D 295 -1.75 -46.92 1.04
N ALA D 296 -0.81 -46.07 0.62
CA ALA D 296 0.22 -45.52 1.52
C ALA D 296 -0.45 -44.82 2.70
N TRP D 297 -1.30 -43.82 2.42
CA TRP D 297 -2.03 -43.07 3.48
C TRP D 297 -2.83 -44.06 4.34
N ILE D 298 -3.55 -44.99 3.70
CA ILE D 298 -4.37 -46.00 4.43
C ILE D 298 -3.45 -46.84 5.33
N VAL D 299 -2.30 -47.27 4.79
CA VAL D 299 -1.33 -48.10 5.57
C VAL D 299 -0.68 -47.22 6.65
N SER D 300 -0.51 -45.93 6.36
CA SER D 300 0.11 -44.98 7.32
C SER D 300 -0.92 -44.58 8.38
N GLN D 301 -2.21 -44.74 8.07
CA GLN D 301 -3.31 -44.39 9.01
C GLN D 301 -3.56 -45.57 9.97
N VAL D 302 -3.54 -46.79 9.44
CA VAL D 302 -3.77 -47.98 10.25
C VAL D 302 -2.59 -48.23 11.19
N VAL D 303 -1.36 -48.03 10.70
CA VAL D 303 -0.21 -48.30 11.55
C VAL D 303 -0.11 -47.26 12.66
N TYR D 304 -0.42 -46.00 12.35
CA TYR D 304 -0.40 -44.97 13.38
C TYR D 304 -1.45 -45.24 14.45
N TYR D 305 -2.62 -45.70 14.05
CA TYR D 305 -3.66 -45.92 15.05
C TYR D 305 -3.39 -47.17 15.88
N LEU D 306 -2.75 -48.19 15.31
CA LEU D 306 -2.38 -49.32 16.16
C LEU D 306 -1.25 -48.95 17.12
N LEU D 307 -0.31 -48.11 16.67
CA LEU D 307 0.69 -47.58 17.60
C LEU D 307 0.03 -46.77 18.70
N VAL D 308 -1.02 -46.01 18.35
CA VAL D 308 -1.75 -45.20 19.34
C VAL D 308 -2.38 -46.10 20.39
N CYS D 309 -3.02 -47.19 19.96
CA CYS D 309 -3.66 -48.06 20.94
C CYS D 309 -2.63 -48.82 21.77
N TYR D 310 -1.48 -49.16 21.18
CA TYR D 310 -0.41 -49.77 21.96
C TYR D 310 0.07 -48.82 23.05
N TYR D 311 0.27 -47.55 22.72
CA TYR D 311 0.68 -46.58 23.73
C TYR D 311 -0.40 -46.37 24.78
N ALA D 312 -1.67 -46.48 24.38
CA ALA D 312 -2.75 -46.41 25.36
C ALA D 312 -2.65 -47.55 26.36
N PHE D 313 -2.41 -48.76 25.86
CA PHE D 313 -2.20 -49.91 26.74
C PHE D 313 -1.01 -49.67 27.67
N ILE D 314 0.09 -49.15 27.12
CA ILE D 314 1.30 -48.93 27.91
C ILE D 314 1.01 -47.97 29.06
N GLN D 315 0.38 -46.83 28.76
CA GLN D 315 0.12 -45.85 29.81
C GLN D 315 -0.93 -46.34 30.79
N GLY D 316 -1.91 -47.14 30.33
CA GLY D 316 -2.85 -47.72 31.27
C GLY D 316 -2.16 -48.64 32.28
N CYS D 317 -1.27 -49.51 31.79
CA CYS D 317 -0.51 -50.36 32.71
C CYS D 317 0.40 -49.54 33.62
N ARG D 318 1.01 -48.48 33.10
CA ARG D 318 1.84 -47.61 33.94
C ARG D 318 1.00 -46.93 35.01
N LEU D 319 -0.28 -46.67 34.73
CA LEU D 319 -1.14 -46.03 35.71
C LEU D 319 -1.81 -47.03 36.65
N LYS D 320 -1.73 -48.32 36.36
CA LYS D 320 -2.19 -49.28 37.37
C LYS D 320 -1.07 -49.66 38.34
N ARG D 321 0.18 -49.65 37.89
CA ARG D 321 1.33 -49.79 38.78
C ARG D 321 1.77 -48.46 39.36
N GLN D 322 0.95 -47.42 39.21
CA GLN D 322 1.14 -46.14 39.89
C GLN D 322 -0.27 -45.53 39.96
N ARG D 323 -0.91 -45.66 41.12
CA ARG D 323 -2.36 -45.48 41.18
C ARG D 323 -2.75 -44.02 40.99
N LEU D 324 -2.31 -43.14 41.88
CA LEU D 324 -2.76 -41.76 41.85
C LEU D 324 -1.64 -40.74 41.72
N ALA D 325 -0.42 -41.07 42.14
CA ALA D 325 0.70 -40.12 42.09
C ALA D 325 1.28 -40.05 40.67
N PHE D 326 0.40 -39.72 39.72
CA PHE D 326 0.79 -39.59 38.31
C PHE D 326 0.67 -38.16 37.79
N PHE D 327 0.22 -37.22 38.62
CA PHE D 327 0.19 -35.83 38.19
C PHE D 327 1.59 -35.27 38.06
N THR D 328 2.49 -35.63 38.99
CA THR D 328 3.84 -35.09 38.96
C THR D 328 4.56 -35.47 37.68
N ARG D 329 4.39 -36.72 37.23
CA ARG D 329 5.06 -37.20 36.02
C ARG D 329 4.34 -36.62 34.81
N LYS D 330 4.75 -35.41 34.42
CA LYS D 330 4.17 -34.77 33.24
C LYS D 330 4.62 -35.41 31.94
N ARG D 331 5.58 -36.34 31.98
CA ARG D 331 5.96 -37.08 30.78
C ARG D 331 4.87 -38.04 30.33
N ASN D 332 3.94 -38.38 31.21
CA ASN D 332 2.82 -39.25 30.86
C ASN D 332 1.55 -38.48 30.55
N LEU D 333 1.41 -37.27 31.07
CA LEU D 333 0.23 -36.47 30.76
C LEU D 333 0.13 -36.16 29.28
N LEU D 334 1.25 -35.79 28.65
CA LEU D 334 1.24 -35.52 27.23
C LEU D 334 0.93 -36.79 26.43
N ASP D 335 1.55 -37.91 26.81
CA ASP D 335 1.36 -39.14 26.06
C ASP D 335 -0.03 -39.74 26.25
N THR D 336 -0.75 -39.36 27.30
CA THR D 336 -2.13 -39.80 27.41
C THR D 336 -3.10 -38.83 26.77
N SER D 337 -2.81 -37.52 26.81
CA SER D 337 -3.65 -36.58 26.09
C SER D 337 -3.55 -36.80 24.59
N ILE D 338 -2.38 -37.21 24.10
CA ILE D 338 -2.24 -37.48 22.68
C ILE D 338 -3.12 -38.64 22.25
N VAL D 339 -3.14 -39.71 23.05
CA VAL D 339 -3.95 -40.88 22.68
C VAL D 339 -5.44 -40.55 22.79
N LEU D 340 -5.83 -39.79 23.82
CA LEU D 340 -7.22 -39.37 23.93
C LEU D 340 -7.64 -38.54 22.72
N ILE D 341 -6.80 -37.59 22.32
CA ILE D 341 -7.16 -36.70 21.22
C ILE D 341 -7.19 -37.45 19.91
N SER D 342 -6.29 -38.41 19.70
CA SER D 342 -6.31 -39.19 18.46
C SER D 342 -7.58 -40.03 18.37
N PHE D 343 -7.96 -40.69 19.46
CA PHE D 343 -9.20 -41.46 19.45
C PHE D 343 -10.41 -40.56 19.22
N SER D 344 -10.42 -39.39 19.86
CA SER D 344 -11.52 -38.45 19.63
C SER D 344 -11.59 -38.02 18.18
N ILE D 345 -10.44 -37.74 17.56
CA ILE D 345 -10.42 -37.32 16.18
C ILE D 345 -11.02 -38.39 15.29
N LEU D 346 -10.60 -39.65 15.47
CA LEU D 346 -11.13 -40.71 14.63
C LEU D 346 -12.64 -40.88 14.83
N GLY D 347 -13.08 -40.91 16.09
CA GLY D 347 -14.50 -41.10 16.36
C GLY D 347 -15.36 -40.00 15.74
N LEU D 348 -14.97 -38.74 15.95
CA LEU D 348 -15.76 -37.65 15.40
C LEU D 348 -15.68 -37.62 13.88
N SER D 349 -14.53 -37.99 13.30
CA SER D 349 -14.40 -37.97 11.86
C SER D 349 -15.31 -39.00 11.19
N MET D 350 -15.58 -40.12 11.86
CA MET D 350 -16.57 -41.02 11.26
C MET D 350 -18.00 -40.65 11.63
N GLN D 351 -18.22 -40.07 12.82
CA GLN D 351 -19.57 -39.69 13.19
C GLN D 351 -20.13 -38.60 12.28
N SER D 352 -19.27 -37.69 11.82
CA SER D 352 -19.75 -36.65 10.91
C SER D 352 -20.30 -37.27 9.63
N LEU D 353 -19.60 -38.27 9.08
CA LEU D 353 -20.08 -38.92 7.86
C LEU D 353 -21.36 -39.71 8.14
N SER D 354 -21.47 -40.31 9.32
CA SER D 354 -22.72 -41.00 9.64
C SER D 354 -23.90 -40.03 9.69
N LEU D 355 -23.69 -38.86 10.29
CA LEU D 355 -24.75 -37.85 10.32
C LEU D 355 -25.11 -37.38 8.92
N LEU D 356 -24.10 -37.17 8.08
CA LEU D 356 -24.38 -36.76 6.71
C LEU D 356 -25.19 -37.80 5.96
N HIS D 357 -24.89 -39.08 6.17
CA HIS D 357 -25.65 -40.12 5.48
C HIS D 357 -27.08 -40.19 6.00
N LYS D 358 -27.27 -40.01 7.31
CA LYS D 358 -28.63 -39.95 7.85
C LYS D 358 -29.42 -38.83 7.22
N LYS D 359 -28.84 -37.63 7.16
CA LYS D 359 -29.53 -36.50 6.57
C LYS D 359 -29.79 -36.71 5.09
N MET D 360 -28.90 -37.41 4.39
CA MET D 360 -29.14 -37.65 2.97
C MET D 360 -30.26 -38.66 2.75
N GLN D 361 -30.38 -39.65 3.62
CA GLN D 361 -31.56 -40.51 3.56
C GLN D 361 -32.82 -39.70 3.78
N GLN D 362 -32.79 -38.81 4.78
CA GLN D 362 -33.93 -37.91 5.01
C GLN D 362 -34.24 -37.09 3.76
N TYR D 363 -33.21 -36.67 3.03
CA TYR D 363 -33.43 -35.92 1.80
C TYR D 363 -34.11 -36.77 0.74
N HIS D 364 -33.59 -37.98 0.53
CA HIS D 364 -34.18 -38.86 -0.49
C HIS D 364 -35.63 -39.18 -0.18
N CYS D 365 -36.00 -39.21 1.10
CA CYS D 365 -37.38 -39.53 1.45
C CYS D 365 -38.35 -38.48 0.92
N ASP D 366 -38.14 -37.22 1.29
CA ASP D 366 -39.15 -36.16 1.10
C ASP D 366 -38.48 -34.94 0.46
N ARG D 367 -37.87 -35.16 -0.71
CA ARG D 367 -37.24 -34.12 -1.50
C ARG D 367 -38.12 -32.88 -1.62
N ASP D 368 -37.50 -31.72 -1.87
CA ASP D 368 -38.19 -30.42 -1.95
C ASP D 368 -38.66 -29.95 -0.57
N ARG D 369 -37.74 -30.00 0.39
CA ARG D 369 -37.95 -29.37 1.69
C ARG D 369 -36.59 -28.91 2.20
N PHE D 370 -36.58 -27.84 2.97
CA PHE D 370 -35.32 -27.27 3.42
C PHE D 370 -34.63 -28.23 4.38
N ILE D 371 -33.34 -28.46 4.16
CA ILE D 371 -32.55 -29.40 4.93
C ILE D 371 -31.30 -28.70 5.43
N SER D 372 -31.04 -28.80 6.72
CA SER D 372 -29.93 -28.10 7.36
C SER D 372 -28.87 -29.10 7.76
N PHE D 373 -27.63 -28.84 7.36
CA PHE D 373 -26.50 -29.71 7.66
C PHE D 373 -25.62 -29.13 8.75
N TYR D 374 -26.20 -28.36 9.68
CA TYR D 374 -25.38 -27.64 10.65
C TYR D 374 -24.68 -28.57 11.63
N GLU D 375 -25.27 -29.72 11.93
CA GLU D 375 -24.66 -30.65 12.88
C GLU D 375 -23.35 -31.22 12.33
N ALA D 376 -23.37 -31.66 11.07
CA ALA D 376 -22.18 -32.24 10.49
C ALA D 376 -21.05 -31.22 10.41
N LEU D 377 -21.37 -29.99 10.01
CA LEU D 377 -20.34 -28.97 9.92
C LEU D 377 -19.81 -28.58 11.30
N ARG D 378 -20.67 -28.61 12.32
CA ARG D 378 -20.20 -28.35 13.68
C ARG D 378 -19.22 -29.42 14.13
N VAL D 379 -19.55 -30.69 13.90
CA VAL D 379 -18.65 -31.78 14.25
C VAL D 379 -17.34 -31.65 13.48
N ASN D 380 -17.42 -31.21 12.22
CA ASN D 380 -16.19 -31.05 11.44
C ASN D 380 -15.30 -29.95 11.99
N SER D 381 -15.90 -28.83 12.41
CA SER D 381 -15.09 -27.79 13.04
C SER D 381 -14.48 -28.27 14.35
N ALA D 382 -15.21 -29.11 15.09
CA ALA D 382 -14.63 -29.70 16.28
C ALA D 382 -13.41 -30.54 15.95
N VAL D 383 -13.49 -31.32 14.87
CA VAL D 383 -12.34 -32.13 14.46
C VAL D 383 -11.16 -31.23 14.09
N THR D 384 -11.44 -30.13 13.40
CA THR D 384 -10.35 -29.22 13.03
C THR D 384 -9.68 -28.63 14.27
N HIS D 385 -10.46 -28.25 15.28
CA HIS D 385 -9.87 -27.71 16.50
C HIS D 385 -9.08 -28.79 17.24
N LEU D 386 -9.57 -30.02 17.26
CA LEU D 386 -8.81 -31.09 17.89
C LEU D 386 -7.46 -31.29 17.20
N ARG D 387 -7.44 -31.22 15.86
CA ARG D 387 -6.17 -31.31 15.15
C ARG D 387 -5.25 -30.16 15.51
N GLY D 388 -5.79 -28.96 15.62
CA GLY D 388 -4.99 -27.81 16.01
C GLY D 388 -4.38 -27.96 17.39
N PHE D 389 -5.09 -28.63 18.30
CA PHE D 389 -4.53 -28.85 19.64
C PHE D 389 -3.46 -29.95 19.61
N LEU D 390 -3.76 -31.05 18.93
CA LEU D 390 -2.83 -32.16 18.84
C LEU D 390 -1.49 -31.72 18.23
N LEU D 391 -1.52 -30.78 17.30
CA LEU D 391 -0.28 -30.32 16.69
C LEU D 391 0.65 -29.70 17.73
N LEU D 392 0.13 -28.77 18.54
CA LEU D 392 0.98 -28.13 19.53
C LEU D 392 1.39 -29.10 20.63
N PHE D 393 0.52 -30.04 21.00
CA PHE D 393 0.95 -31.05 21.96
C PHE D 393 2.12 -31.86 21.39
N ALA D 394 2.05 -32.21 20.11
CA ALA D 394 3.12 -33.00 19.51
C ALA D 394 4.43 -32.21 19.47
N THR D 395 4.36 -30.91 19.15
CA THR D 395 5.61 -30.15 19.13
C THR D 395 6.19 -29.99 20.53
N VAL D 396 5.34 -29.80 21.54
CA VAL D 396 5.85 -29.73 22.91
C VAL D 396 6.53 -31.03 23.29
N ARG D 397 5.92 -32.16 22.93
CA ARG D 397 6.54 -33.46 23.22
C ARG D 397 7.88 -33.60 22.52
N VAL D 398 7.93 -33.28 21.22
CA VAL D 398 9.17 -33.40 20.47
C VAL D 398 10.25 -32.53 21.07
N TRP D 399 9.87 -31.33 21.54
CA TRP D 399 10.88 -30.43 22.05
C TRP D 399 11.35 -30.81 23.46
N ASP D 400 10.47 -31.39 24.27
CA ASP D 400 10.89 -31.79 25.61
C ASP D 400 11.43 -33.21 25.66
N LEU D 401 11.45 -33.93 24.55
CA LEU D 401 12.23 -35.16 24.47
C LEU D 401 13.56 -34.96 23.79
N LEU D 402 13.78 -33.82 23.15
CA LEU D 402 15.07 -33.45 22.61
C LEU D 402 15.87 -32.56 23.55
N ARG D 403 15.35 -32.33 24.76
CA ARG D 403 16.08 -31.63 25.81
C ARG D 403 16.78 -32.59 26.75
N HIS D 404 16.30 -33.84 26.85
CA HIS D 404 16.90 -34.82 27.73
C HIS D 404 17.79 -35.82 27.00
N HIS D 405 17.36 -36.35 25.86
CA HIS D 405 18.19 -37.24 25.08
C HIS D 405 19.36 -36.53 24.42
N ALA D 406 19.36 -35.19 24.42
CA ALA D 406 20.52 -34.41 24.02
C ALA D 406 20.36 -33.05 24.71
N GLN D 407 21.05 -32.86 25.82
CA GLN D 407 20.82 -31.71 26.68
C GLN D 407 21.18 -30.43 25.94
N LEU D 408 20.16 -29.69 25.51
CA LEU D 408 20.31 -28.41 24.83
C LEU D 408 19.52 -27.37 25.61
N GLN D 409 20.21 -26.59 26.43
CA GLN D 409 19.57 -25.50 27.16
C GLN D 409 19.10 -24.41 26.20
N VAL D 410 18.16 -23.59 26.67
CA VAL D 410 17.60 -22.51 25.88
C VAL D 410 17.69 -21.17 26.61
N ILE D 411 17.13 -21.08 27.81
CA ILE D 411 17.10 -19.84 28.56
C ILE D 411 18.31 -19.71 29.49
N ASN D 412 19.23 -20.66 29.44
CA ASN D 412 20.29 -20.74 30.43
C ASN D 412 21.25 -19.55 30.31
N LYS D 413 22.08 -19.43 31.35
CA LYS D 413 23.06 -18.36 31.56
C LYS D 413 22.37 -17.04 31.84
N THR D 414 21.04 -16.99 31.65
CA THR D 414 20.21 -15.88 32.09
C THR D 414 18.81 -16.39 32.45
N LEU D 415 18.73 -17.60 33.00
CA LEU D 415 17.43 -18.23 33.20
C LEU D 415 16.52 -17.38 34.08
N SER D 416 16.89 -17.21 35.35
CA SER D 416 16.09 -16.48 36.33
C SER D 416 14.62 -16.90 36.25
N LYS D 417 14.39 -18.21 36.18
CA LYS D 417 13.05 -18.75 36.01
C LYS D 417 12.31 -18.92 37.34
N ALA D 418 12.69 -18.19 38.37
CA ALA D 418 11.98 -18.23 39.64
C ALA D 418 10.59 -17.61 39.46
N TRP D 419 9.81 -17.63 40.55
CA TRP D 419 8.46 -17.09 40.49
C TRP D 419 8.42 -15.57 40.55
N ASP D 420 9.57 -14.91 40.70
CA ASP D 420 9.62 -13.46 40.76
C ASP D 420 9.97 -12.81 39.43
N GLU D 421 10.99 -13.30 38.75
CA GLU D 421 11.48 -12.63 37.54
C GLU D 421 10.49 -12.80 36.39
N VAL D 422 10.03 -14.03 36.16
CA VAL D 422 9.09 -14.28 35.07
C VAL D 422 7.80 -13.52 35.30
N LEU D 423 7.26 -13.61 36.51
CA LEU D 423 6.02 -12.90 36.84
C LEU D 423 6.20 -11.39 36.65
N GLY D 424 7.33 -10.85 37.10
CA GLY D 424 7.56 -9.42 36.97
C GLY D 424 7.64 -8.99 35.52
N PHE D 425 8.31 -9.78 34.68
CA PHE D 425 8.39 -9.44 33.26
C PHE D 425 7.01 -9.49 32.61
N ILE D 426 6.24 -10.54 32.89
CA ILE D 426 4.88 -10.63 32.39
C ILE D 426 4.09 -9.40 32.81
N LEU D 427 4.25 -8.97 34.06
CA LEU D 427 3.47 -7.84 34.57
C LEU D 427 3.85 -6.54 33.88
N ILE D 428 5.15 -6.29 33.68
CA ILE D 428 5.52 -5.02 33.06
C ILE D 428 5.07 -5.00 31.60
N ILE D 429 5.17 -6.13 30.90
CA ILE D 429 4.68 -6.14 29.53
C ILE D 429 3.17 -5.91 29.49
N VAL D 430 2.43 -6.55 30.39
CA VAL D 430 0.98 -6.37 30.40
C VAL D 430 0.62 -4.93 30.67
N VAL D 431 1.30 -4.30 31.63
CA VAL D 431 0.97 -2.91 31.99
C VAL D 431 1.30 -1.97 30.84
N LEU D 432 2.49 -2.12 30.24
CA LEU D 432 2.89 -1.24 29.16
C LEU D 432 2.08 -1.46 27.90
N LEU D 433 1.49 -2.64 27.71
CA LEU D 433 0.59 -2.81 26.58
C LEU D 433 -0.79 -2.24 26.87
N SER D 434 -1.31 -2.47 28.07
CA SER D 434 -2.64 -1.99 28.41
C SER D 434 -2.72 -0.48 28.39
N SER D 435 -1.70 0.19 28.94
CA SER D 435 -1.72 1.65 28.97
C SER D 435 -1.79 2.23 27.56
N TYR D 436 -0.88 1.80 26.69
CA TYR D 436 -0.83 2.33 25.33
C TYR D 436 -2.07 1.94 24.55
N ALA D 437 -2.55 0.72 24.71
CA ALA D 437 -3.75 0.30 23.98
C ALA D 437 -4.96 1.12 24.40
N MET D 438 -5.10 1.37 25.69
CA MET D 438 -6.24 2.16 26.17
C MET D 438 -6.18 3.58 25.65
N THR D 439 -5.03 4.24 25.75
CA THR D 439 -4.98 5.63 25.29
C THR D 439 -5.12 5.72 23.78
N PHE D 440 -4.59 4.75 23.03
CA PHE D 440 -4.77 4.78 21.58
C PHE D 440 -6.22 4.55 21.20
N ASN D 441 -6.91 3.66 21.91
CA ASN D 441 -8.32 3.43 21.62
C ASN D 441 -9.15 4.64 21.97
N LEU D 442 -8.76 5.39 22.98
CA LEU D 442 -9.55 6.57 23.33
C LEU D 442 -9.30 7.73 22.37
N LEU D 443 -8.05 7.93 21.96
CA LEU D 443 -7.74 9.07 21.10
C LEU D 443 -8.32 8.88 19.70
N PHE D 444 -7.87 7.86 18.98
CA PHE D 444 -8.24 7.65 17.59
C PHE D 444 -9.27 6.55 17.40
N GLY D 445 -10.07 6.26 18.42
CA GLY D 445 -11.03 5.17 18.30
C GLY D 445 -12.27 5.50 17.52
N TRP D 446 -12.58 6.79 17.35
CA TRP D 446 -13.79 7.18 16.66
C TRP D 446 -13.59 7.22 15.14
N SER D 447 -12.38 7.53 14.69
CA SER D 447 -12.10 7.69 13.26
C SER D 447 -11.44 6.46 12.65
N ILE D 448 -10.27 6.07 13.16
CA ILE D 448 -9.54 4.95 12.58
C ILE D 448 -10.22 3.64 12.94
N SER D 449 -10.06 2.64 12.08
CA SER D 449 -10.68 1.35 12.30
C SER D 449 -9.81 0.38 13.06
N ASP D 450 -8.50 0.54 13.02
CA ASP D 450 -7.62 -0.40 13.70
C ASP D 450 -7.65 -0.22 15.21
N TYR D 451 -8.00 0.97 15.68
CA TYR D 451 -8.12 1.25 17.11
C TYR D 451 -9.59 1.38 17.51
N GLN D 452 -10.44 0.57 16.90
CA GLN D 452 -11.88 0.73 17.12
C GLN D 452 -12.30 0.28 18.51
N SER D 453 -11.72 -0.80 19.01
CA SER D 453 -12.06 -1.31 20.32
C SER D 453 -10.80 -1.47 21.17
N PHE D 454 -10.90 -2.13 22.32
CA PHE D 454 -9.73 -2.30 23.16
C PHE D 454 -8.83 -3.42 22.64
N PHE D 455 -9.39 -4.60 22.39
CA PHE D 455 -8.56 -5.72 21.96
C PHE D 455 -8.03 -5.52 20.54
N ARG D 456 -8.86 -4.93 19.66
CA ARG D 456 -8.35 -4.52 18.36
C ARG D 456 -7.17 -3.58 18.50
N SER D 457 -7.23 -2.69 19.49
CA SER D 457 -6.13 -1.76 19.71
C SER D 457 -4.90 -2.48 20.24
N ILE D 458 -5.08 -3.50 21.07
CA ILE D 458 -3.94 -4.28 21.55
C ILE D 458 -3.23 -4.96 20.40
N VAL D 459 -4.00 -5.59 19.52
CA VAL D 459 -3.38 -6.25 18.37
C VAL D 459 -2.70 -5.24 17.47
N THR D 460 -3.31 -4.05 17.30
CA THR D 460 -2.65 -3.03 16.48
C THR D 460 -1.37 -2.52 17.12
N VAL D 461 -1.31 -2.45 18.45
CA VAL D 461 -0.09 -2.01 19.09
C VAL D 461 1.01 -3.06 18.95
N VAL D 462 0.65 -4.34 19.08
CA VAL D 462 1.63 -5.38 18.83
C VAL D 462 2.14 -5.30 17.40
N GLY D 463 1.24 -5.03 16.44
CA GLY D 463 1.67 -4.83 15.07
C GLY D 463 2.63 -3.66 14.94
N LEU D 464 2.32 -2.55 15.60
CA LEU D 464 3.24 -1.41 15.62
C LEU D 464 4.61 -1.82 16.11
N LEU D 465 4.65 -2.69 17.13
CA LEU D 465 5.93 -3.21 17.62
C LEU D 465 6.65 -3.97 16.52
N MET D 466 5.95 -4.89 15.86
CA MET D 466 6.59 -5.73 14.85
C MET D 466 6.91 -4.97 13.57
N GLY D 467 6.25 -3.84 13.33
CA GLY D 467 6.40 -3.09 12.11
C GLY D 467 5.36 -3.40 11.06
N THR D 468 4.53 -4.42 11.29
CA THR D 468 3.52 -4.81 10.33
C THR D 468 2.56 -3.67 10.01
N SER D 469 2.03 -3.01 11.02
CA SER D 469 1.12 -1.89 10.84
C SER D 469 1.88 -0.59 10.99
N LYS D 470 1.86 0.24 9.96
CA LYS D 470 2.55 1.51 9.98
C LYS D 470 1.62 2.63 10.42
N HIS D 471 2.07 3.43 11.37
CA HIS D 471 1.29 4.53 11.92
C HIS D 471 1.56 5.80 11.13
N LYS D 472 0.78 5.96 10.05
CA LYS D 472 0.78 7.20 9.29
C LYS D 472 -0.53 7.95 9.36
N GLU D 473 -1.63 7.27 9.72
CA GLU D 473 -2.89 7.97 9.93
C GLU D 473 -2.95 8.59 11.31
N VAL D 474 -2.29 7.99 12.31
CA VAL D 474 -2.24 8.63 13.62
C VAL D 474 -1.35 9.85 13.61
N ILE D 475 -0.43 9.95 12.64
CA ILE D 475 0.36 11.16 12.49
C ILE D 475 -0.35 12.18 11.63
N ALA D 476 -1.21 11.74 10.71
CA ALA D 476 -1.99 12.68 9.91
C ALA D 476 -3.11 13.31 10.72
N LEU D 477 -3.78 12.51 11.56
CA LEU D 477 -4.91 13.03 12.33
C LEU D 477 -4.41 13.93 13.47
N TYR D 478 -3.57 13.39 14.35
CA TYR D 478 -3.03 14.13 15.49
C TYR D 478 -1.52 14.22 15.34
N PRO D 479 -1.01 15.29 14.72
CA PRO D 479 0.43 15.35 14.45
C PRO D 479 1.28 15.63 15.67
N ILE D 480 0.70 16.09 16.77
CA ILE D 480 1.48 16.43 17.95
C ILE D 480 1.21 15.49 19.12
N LEU D 481 0.04 14.87 19.19
CA LEU D 481 -0.22 13.87 20.22
C LEU D 481 0.30 12.51 19.83
N GLY D 482 -0.09 12.02 18.65
CA GLY D 482 0.40 10.72 18.20
C GLY D 482 1.91 10.71 18.04
N SER D 483 2.49 11.80 17.55
CA SER D 483 3.93 11.89 17.44
C SER D 483 4.60 11.78 18.80
N LEU D 484 4.04 12.46 19.81
CA LEU D 484 4.63 12.40 21.14
C LEU D 484 4.51 11.00 21.72
N LEU D 485 3.39 10.32 21.49
CA LEU D 485 3.24 8.97 22.03
C LEU D 485 4.20 8.00 21.36
N VAL D 486 4.36 8.09 20.03
CA VAL D 486 5.33 7.24 19.35
C VAL D 486 6.74 7.54 19.83
N LEU D 487 7.05 8.82 20.05
CA LEU D 487 8.38 9.17 20.53
C LEU D 487 8.63 8.57 21.91
N SER D 488 7.63 8.62 22.79
CA SER D 488 7.76 8.03 24.11
C SER D 488 7.99 6.52 24.02
N SER D 489 7.23 5.84 23.15
CA SER D 489 7.42 4.41 22.98
C SER D 489 8.82 4.08 22.50
N ILE D 490 9.32 4.83 21.52
CA ILE D 490 10.65 4.58 20.99
C ILE D 490 11.71 4.79 22.06
N ILE D 491 11.58 5.88 22.83
CA ILE D 491 12.54 6.16 23.89
C ILE D 491 12.53 5.04 24.92
N LEU D 492 11.35 4.53 25.26
CA LEU D 492 11.26 3.46 26.24
C LEU D 492 11.97 2.20 25.75
N MET D 493 11.69 1.79 24.50
CA MET D 493 12.33 0.58 23.99
C MET D 493 13.83 0.74 23.88
N GLY D 494 14.30 1.90 23.43
CA GLY D 494 15.72 2.14 23.37
C GLY D 494 16.38 2.07 24.73
N LEU D 495 15.75 2.67 25.73
CA LEU D 495 16.28 2.59 27.09
C LEU D 495 16.33 1.15 27.58
N VAL D 496 15.31 0.36 27.26
CA VAL D 496 15.28 -1.03 27.72
C VAL D 496 16.45 -1.81 27.13
N ILE D 497 16.65 -1.72 25.82
CA ILE D 497 17.71 -2.53 25.22
C ILE D 497 19.09 -2.00 25.63
N ILE D 498 19.25 -0.69 25.80
CA ILE D 498 20.52 -0.15 26.26
C ILE D 498 20.80 -0.61 27.69
N ASN D 499 19.76 -0.69 28.52
CA ASN D 499 19.96 -1.16 29.89
C ASN D 499 20.36 -2.63 29.90
N LEU D 500 19.74 -3.45 29.05
CA LEU D 500 20.17 -4.83 28.94
C LEU D 500 21.64 -4.91 28.57
N PHE D 501 22.06 -4.09 27.60
CA PHE D 501 23.44 -4.11 27.14
C PHE D 501 24.41 -3.72 28.27
N VAL D 502 24.10 -2.63 28.98
CA VAL D 502 25.02 -2.17 30.02
C VAL D 502 25.04 -3.12 31.21
N SER D 503 23.91 -3.75 31.53
CA SER D 503 23.90 -4.74 32.60
C SER D 503 24.78 -5.92 32.24
N ALA D 504 24.61 -6.45 31.03
CA ALA D 504 25.43 -7.56 30.60
C ALA D 504 26.90 -7.19 30.53
N ILE D 505 27.22 -5.93 30.26
CA ILE D 505 28.61 -5.49 30.31
C ILE D 505 29.11 -5.51 31.75
N LEU D 506 28.33 -4.94 32.68
CA LEU D 506 28.83 -4.72 34.03
C LEU D 506 28.89 -5.99 34.85
N ILE D 507 28.08 -7.01 34.55
CA ILE D 507 28.16 -8.24 35.34
C ILE D 507 29.49 -8.96 35.09
N ALA D 508 29.97 -8.94 33.85
CA ALA D 508 31.13 -9.72 33.46
C ALA D 508 32.40 -8.87 33.37
N PHE D 509 32.47 -7.77 34.10
CA PHE D 509 33.68 -6.95 34.10
C PHE D 509 34.07 -6.54 35.52
N GLY D 510 33.08 -6.44 36.40
CA GLY D 510 33.27 -5.94 37.75
C GLY D 510 33.96 -6.88 38.71
N LYS D 511 34.59 -7.94 38.23
CA LYS D 511 35.28 -8.88 39.10
C LYS D 511 36.72 -9.10 38.63
C1 NAG E . -25.68 29.50 -23.29
C2 NAG E . -26.73 28.52 -23.83
C3 NAG E . -26.79 28.60 -25.36
C4 NAG E . -26.98 30.04 -25.82
C5 NAG E . -25.91 30.93 -25.20
C6 NAG E . -26.09 32.39 -25.53
C7 NAG E . -27.11 26.54 -22.43
C8 NAG E . -28.21 27.32 -21.78
N2 NAG E . -26.44 27.16 -23.40
O3 NAG E . -27.86 27.80 -25.83
O4 NAG E . -26.90 30.11 -27.24
O5 NAG E . -25.95 30.81 -23.77
O6 NAG E . -26.61 32.57 -26.84
O7 NAG E . -26.85 25.39 -22.09
C1 NAG F . 11.27 7.18 -47.05
C2 NAG F . 9.86 7.60 -47.49
C3 NAG F . 9.94 8.49 -48.71
C4 NAG F . 10.86 9.67 -48.46
C5 NAG F . 12.22 9.18 -47.94
C6 NAG F . 13.13 10.32 -47.54
C7 NAG F . 7.84 6.23 -47.18
C8 NAG F . 7.13 4.98 -47.57
N2 NAG F . 9.03 6.43 -47.75
O3 NAG F . 8.63 8.97 -49.02
O4 NAG F . 11.05 10.41 -49.66
O5 NAG F . 12.03 8.36 -46.79
O6 NAG F . 12.44 11.58 -47.60
O7 NAG F . 7.36 7.03 -46.39
C1 NAG G . 1.08 26.78 -50.22
C2 NAG G . 0.79 28.09 -49.45
C3 NAG G . 0.59 29.26 -50.42
C4 NAG G . 1.76 29.35 -51.39
C5 NAG G . 1.98 28.00 -52.08
C6 NAG G . 3.19 28.00 -52.99
C7 NAG G . -1.62 27.71 -48.72
C8 NAG G . -2.05 27.47 -50.14
N2 NAG G . -0.31 27.98 -48.49
O3 NAG G . 0.48 30.48 -49.67
O4 NAG G . 1.50 30.33 -52.38
O5 NAG G . 2.20 26.98 -51.10
O6 NAG G . 3.59 26.67 -53.29
O7 NAG G . -2.42 27.66 -47.79
CA CA H . 38.62 29.37 6.09
C1 NAG I . -14.09 5.25 -42.50
C2 NAG I . -15.46 5.90 -42.28
C3 NAG I . -16.60 4.94 -42.60
C4 NAG I . -16.40 4.33 -43.98
C5 NAG I . -15.01 3.73 -44.11
C6 NAG I . -14.71 3.21 -45.50
C7 NAG I . -15.57 5.94 -39.74
C8 NAG I . -15.35 4.46 -39.67
N2 NAG I . -15.61 6.52 -40.96
O3 NAG I . -17.84 5.63 -42.54
O4 NAG I . -17.38 3.30 -44.20
O5 NAG I . -14.01 4.73 -43.83
O6 NAG I . -14.99 4.20 -46.49
O7 NAG I . -15.71 6.61 -38.72
C1 NAG J . -21.06 -38.18 -21.19
C2 NAG J . -22.52 -38.65 -21.27
C3 NAG J . -22.68 -39.72 -22.34
C4 NAG J . -22.13 -39.23 -23.66
C5 NAG J . -20.68 -38.77 -23.49
C6 NAG J . -20.09 -38.18 -24.73
C7 NAG J . -22.46 -40.18 -19.32
C8 NAG J . -23.10 -40.50 -18.00
N2 NAG J . -22.99 -39.14 -19.98
O3 NAG J . -24.05 -40.04 -22.48
O4 NAG J . -22.16 -40.25 -24.64
O5 NAG J . -20.63 -37.75 -22.48
O6 NAG J . -20.87 -38.51 -25.87
O7 NAG J . -21.52 -40.83 -19.76
C1 NAG K . -17.91 -30.64 -41.37
C2 NAG K . -18.83 -29.73 -42.17
C3 NAG K . -19.28 -30.42 -43.45
C4 NAG K . -18.07 -30.91 -44.25
C5 NAG K . -17.18 -31.79 -43.36
C6 NAG K . -15.92 -32.24 -44.04
C7 NAG K . -19.99 -28.26 -40.59
C8 NAG K . -21.27 -28.00 -39.85
N2 NAG K . -19.99 -29.33 -41.38
O3 NAG K . -20.03 -29.50 -44.25
O4 NAG K . -18.49 -31.67 -45.37
O5 NAG K . -16.80 -31.05 -42.19
O6 NAG K . -16.01 -33.59 -44.46
O7 NAG K . -19.02 -27.53 -40.47
CA CA L . 40.27 -24.39 -9.17
C1 NAG M . -14.85 46.93 -7.56
C2 NAG M . -16.13 46.49 -8.24
C3 NAG M . -17.21 47.56 -8.10
C4 NAG M . -17.39 47.94 -6.64
C5 NAG M . -16.05 48.31 -6.01
C6 NAG M . -16.14 48.57 -4.53
C7 NAG M . -16.19 45.00 -10.20
C8 NAG M . -15.88 44.86 -11.65
N2 NAG M . -15.90 46.19 -9.65
O3 NAG M . -18.43 47.09 -8.63
O4 NAG M . -18.28 49.05 -6.54
O5 NAG M . -15.11 47.23 -6.18
O6 NAG M . -14.93 49.14 -4.03
O7 NAG M . -16.67 44.08 -9.54
C1 NAG N . -35.72 42.37 -1.08
C2 NAG N . -36.23 42.43 0.38
C3 NAG N . -37.76 42.48 0.43
C4 NAG N . -38.31 43.55 -0.50
C5 NAG N . -37.72 43.38 -1.90
C6 NAG N . -38.16 44.45 -2.86
C7 NAG N . -35.82 40.04 1.13
C8 NAG N . -36.67 39.50 0.01
N2 NAG N . -35.68 41.39 1.23
O3 NAG N . -38.18 42.73 1.76
O4 NAG N . -39.72 43.45 -0.57
O5 NAG N . -36.30 43.44 -1.83
O6 NAG N . -37.44 44.38 -4.08
O7 NAG N . -35.29 39.29 1.94
CA CA O . 4.00 13.07 45.56
C1 NAG P . -41.76 -25.21 -9.93
C2 NAG P . -41.94 -26.26 -11.02
C3 NAG P . -43.01 -27.27 -10.59
C4 NAG P . -42.70 -27.84 -9.22
C5 NAG P . -42.44 -26.72 -8.22
C6 NAG P . -41.98 -27.21 -6.87
C7 NAG P . -41.39 -25.32 -13.21
C8 NAG P . -41.93 -24.70 -14.46
N2 NAG P . -42.29 -25.65 -12.29
O3 NAG P . -43.06 -28.32 -11.56
O4 NAG P . -43.78 -28.63 -8.76
O5 NAG P . -41.42 -25.84 -8.71
O6 NAG P . -41.12 -26.27 -6.25
O7 NAG P . -40.20 -25.53 -13.05
C1 NAG Q . -35.73 -8.95 -12.82
C2 NAG Q . -36.81 -7.97 -13.24
C3 NAG Q . -37.29 -8.27 -14.65
C4 NAG Q . -36.09 -8.32 -15.61
C5 NAG Q . -35.02 -9.27 -15.08
C6 NAG Q . -33.76 -9.24 -15.90
C7 NAG Q . -38.35 -6.92 -11.64
C8 NAG Q . -39.51 -7.13 -10.72
N2 NAG Q . -37.93 -8.00 -12.31
O3 NAG Q . -38.21 -7.28 -15.07
O4 NAG Q . -36.52 -8.78 -16.89
O5 NAG Q . -34.65 -8.90 -13.75
O6 NAG Q . -32.64 -8.84 -15.12
O7 NAG Q . -37.80 -5.83 -11.76
#